data_5Y3C
# 
_entry.id   5Y3C 
# 
_audit_conform.dict_name       mmcif_pdbx.dic 
_audit_conform.dict_version    5.380 
_audit_conform.dict_location   http://mmcif.pdb.org/dictionaries/ascii/mmcif_pdbx.dic 
# 
loop_
_database_2.database_id 
_database_2.database_code 
_database_2.pdbx_database_accession 
_database_2.pdbx_DOI 
PDB   5Y3C         pdb_00005y3c 10.2210/pdb5y3c/pdb 
WWPDB D_1300004596 ?            ?                   
# 
_pdbx_database_status.status_code                     REL 
_pdbx_database_status.status_code_sf                  REL 
_pdbx_database_status.status_code_mr                  ? 
_pdbx_database_status.entry_id                        5Y3C 
_pdbx_database_status.recvd_initial_deposition_date   2017-07-28 
_pdbx_database_status.SG_entry                        N 
_pdbx_database_status.deposit_site                    PDBJ 
_pdbx_database_status.process_site                    PDBJ 
_pdbx_database_status.status_code_cs                  ? 
_pdbx_database_status.methods_development_category    ? 
_pdbx_database_status.pdb_format_compatible           Y 
_pdbx_database_status.status_code_nmr_data            ? 
# 
loop_
_audit_author.name 
_audit_author.pdbx_ordinal 
_audit_author.identifier_ORCID 
'Terawaki, S.' 1 ? 
'Shibata, N.'  2 ? 
'Higuchi, Y.'  3 ? 
# 
loop_
_citation.abstract 
_citation.abstract_id_CAS 
_citation.book_id_ISBN 
_citation.book_publisher 
_citation.book_publisher_city 
_citation.book_title 
_citation.coordinate_linkage 
_citation.country 
_citation.database_id_Medline 
_citation.details 
_citation.id 
_citation.journal_abbrev 
_citation.journal_id_ASTM 
_citation.journal_id_CSD 
_citation.journal_id_ISSN 
_citation.journal_full 
_citation.journal_issue 
_citation.journal_volume 
_citation.language 
_citation.page_first 
_citation.page_last 
_citation.title 
_citation.year 
_citation.database_id_CSD 
_citation.pdbx_database_id_DOI 
_citation.pdbx_database_id_PubMed 
_citation.unpublished_flag 
? ? ? ? ? ? ? UK ? ? primary 'Sci Rep'                 ? ? 2045-2322 ? ? 7  ? 7739 7739 
'Structural basis for Ccd1 auto-inhibition in the Wnt pathway through homomerization of the DIX domain.' 2017 ? 
10.1038/s41598-017-08019-5 28798413 ? 
? ? ? ? ? ? ? US ? ? 1       'Nat. Struct. Mol. Biol.' ? ? 1545-9993 ? ? 14 ? 484  492  
'The DIX domain of Dishevelled confers Wnt signaling by dynamic polymerization.'                         2007 ? 10.1038/nsmb1247 
17529994 ? 
# 
loop_
_citation_author.citation_id 
_citation_author.name 
_citation_author.ordinal 
_citation_author.identifier_ORCID 
primary 'Terawaki, S.I.'     1  ? 
primary 'Fujita, S.'         2  ? 
primary 'Katsutani, T.'      3  ? 
primary 'Shiomi, K.'         4  ? 
primary 'Keino-Masu, K.'     5  ? 
primary 'Masu, M.'           6  ? 
primary 'Wakamatsu, K.'      7  ? 
primary 'Shibata, N.'        8  ? 
primary 'Higuchi, Y.'        9  ? 
1       'Schwarz-Romond, T.' 10 ? 
1       'Fiedler, M.'        11 ? 
1       'Shibata, N.'        12 ? 
1       'Butler, P.J.'       13 ? 
1       'Kikuchi, A.'        14 ? 
1       'Higuchi, Y.'        15 ? 
1       'Bienz, M.'          16 ? 
# 
_cell.angle_alpha                  90.00 
_cell.angle_alpha_esd              ? 
_cell.angle_beta                   90.00 
_cell.angle_beta_esd               ? 
_cell.angle_gamma                  120.00 
_cell.angle_gamma_esd              ? 
_cell.entry_id                     5Y3C 
_cell.details                      ? 
_cell.formula_units_Z              ? 
_cell.length_a                     46.724 
_cell.length_a_esd                 ? 
_cell.length_b                     46.724 
_cell.length_b_esd                 ? 
_cell.length_c                     79.361 
_cell.length_c_esd                 ? 
_cell.volume                       ? 
_cell.volume_esd                   ? 
_cell.Z_PDB                        6 
_cell.reciprocal_angle_alpha       ? 
_cell.reciprocal_angle_beta        ? 
_cell.reciprocal_angle_gamma       ? 
_cell.reciprocal_angle_alpha_esd   ? 
_cell.reciprocal_angle_beta_esd    ? 
_cell.reciprocal_angle_gamma_esd   ? 
_cell.reciprocal_length_a          ? 
_cell.reciprocal_length_b          ? 
_cell.reciprocal_length_c          ? 
_cell.reciprocal_length_a_esd      ? 
_cell.reciprocal_length_b_esd      ? 
_cell.reciprocal_length_c_esd      ? 
_cell.pdbx_unique_axis             ? 
# 
_symmetry.entry_id                         5Y3C 
_symmetry.cell_setting                     ? 
_symmetry.Int_Tables_number                169 
_symmetry.space_group_name_Hall            ? 
_symmetry.space_group_name_H-M             'P 61' 
_symmetry.pdbx_full_space_group_name_H-M   ? 
# 
loop_
_entity.id 
_entity.type 
_entity.src_method 
_entity.pdbx_description 
_entity.formula_weight 
_entity.pdbx_number_of_molecules 
_entity.pdbx_ec 
_entity.pdbx_mutation 
_entity.pdbx_fragment 
_entity.details 
1 polymer man Dixin-A 9598.747 1  ? ? 'UNP RESIDUES 356-438' ? 
2 water   nat water   18.015   66 ? ? ?                      ? 
# 
_entity_name_com.entity_id   1 
_entity_name_com.name        'Coiled-coil protein DIX1-A,Coiled-coil-DIX1-A,DIX domain-containing protein 1-A' 
# 
_entity_poly.entity_id                      1 
_entity_poly.type                           'polypeptide(L)' 
_entity_poly.nstd_linkage                   no 
_entity_poly.nstd_monomer                   no 
_entity_poly.pdbx_seq_one_letter_code       
;GPAAASTKVLYYTDRSLTPFLVNIPKRLGDVTLQDFKAAVDRHGSFRYHFKSLDPEFGTVKEEVFQDDAVIPGWEGKIVA
WVEED
;
_entity_poly.pdbx_seq_one_letter_code_can   
;GPAAASTKVLYYTDRSLTPFLVNIPKRLGDVTLQDFKAAVDRHGSFRYHFKSLDPEFGTVKEEVFQDDAVIPGWEGKIVA
WVEED
;
_entity_poly.pdbx_strand_id                 A 
_entity_poly.pdbx_target_identifier         ? 
# 
loop_
_entity_poly_seq.entity_id 
_entity_poly_seq.num 
_entity_poly_seq.mon_id 
_entity_poly_seq.hetero 
1 1  GLY n 
1 2  PRO n 
1 3  ALA n 
1 4  ALA n 
1 5  ALA n 
1 6  SER n 
1 7  THR n 
1 8  LYS n 
1 9  VAL n 
1 10 LEU n 
1 11 TYR n 
1 12 TYR n 
1 13 THR n 
1 14 ASP n 
1 15 ARG n 
1 16 SER n 
1 17 LEU n 
1 18 THR n 
1 19 PRO n 
1 20 PHE n 
1 21 LEU n 
1 22 VAL n 
1 23 ASN n 
1 24 ILE n 
1 25 PRO n 
1 26 LYS n 
1 27 ARG n 
1 28 LEU n 
1 29 GLY n 
1 30 ASP n 
1 31 VAL n 
1 32 THR n 
1 33 LEU n 
1 34 GLN n 
1 35 ASP n 
1 36 PHE n 
1 37 LYS n 
1 38 ALA n 
1 39 ALA n 
1 40 VAL n 
1 41 ASP n 
1 42 ARG n 
1 43 HIS n 
1 44 GLY n 
1 45 SER n 
1 46 PHE n 
1 47 ARG n 
1 48 TYR n 
1 49 HIS n 
1 50 PHE n 
1 51 LYS n 
1 52 SER n 
1 53 LEU n 
1 54 ASP n 
1 55 PRO n 
1 56 GLU n 
1 57 PHE n 
1 58 GLY n 
1 59 THR n 
1 60 VAL n 
1 61 LYS n 
1 62 GLU n 
1 63 GLU n 
1 64 VAL n 
1 65 PHE n 
1 66 GLN n 
1 67 ASP n 
1 68 ASP n 
1 69 ALA n 
1 70 VAL n 
1 71 ILE n 
1 72 PRO n 
1 73 GLY n 
1 74 TRP n 
1 75 GLU n 
1 76 GLY n 
1 77 LYS n 
1 78 ILE n 
1 79 VAL n 
1 80 ALA n 
1 81 TRP n 
1 82 VAL n 
1 83 GLU n 
1 84 GLU n 
1 85 ASP n 
# 
_entity_src_gen.entity_id                          1 
_entity_src_gen.pdbx_src_id                        1 
_entity_src_gen.pdbx_alt_source_flag               sample 
_entity_src_gen.pdbx_seq_type                      'Biological sequence' 
_entity_src_gen.pdbx_beg_seq_num                   1 
_entity_src_gen.pdbx_end_seq_num                   85 
_entity_src_gen.gene_src_common_name               Zebrafish 
_entity_src_gen.gene_src_genus                     ? 
_entity_src_gen.pdbx_gene_src_gene                 'dixdc1a, ccd1, dixdc1' 
_entity_src_gen.gene_src_species                   ? 
_entity_src_gen.gene_src_strain                    ? 
_entity_src_gen.gene_src_tissue                    ? 
_entity_src_gen.gene_src_tissue_fraction           ? 
_entity_src_gen.gene_src_details                   ? 
_entity_src_gen.pdbx_gene_src_fragment             ? 
_entity_src_gen.pdbx_gene_src_scientific_name      'Danio rerio' 
_entity_src_gen.pdbx_gene_src_ncbi_taxonomy_id     7955 
_entity_src_gen.pdbx_gene_src_variant              ? 
_entity_src_gen.pdbx_gene_src_cell_line            ? 
_entity_src_gen.pdbx_gene_src_atcc                 ? 
_entity_src_gen.pdbx_gene_src_organ                ? 
_entity_src_gen.pdbx_gene_src_organelle            ? 
_entity_src_gen.pdbx_gene_src_cell                 ? 
_entity_src_gen.pdbx_gene_src_cellular_location    ? 
_entity_src_gen.host_org_common_name               ? 
_entity_src_gen.pdbx_host_org_scientific_name      'Escherichia coli' 
_entity_src_gen.pdbx_host_org_ncbi_taxonomy_id     562 
_entity_src_gen.host_org_genus                     ? 
_entity_src_gen.pdbx_host_org_gene                 ? 
_entity_src_gen.pdbx_host_org_organ                ? 
_entity_src_gen.host_org_species                   ? 
_entity_src_gen.pdbx_host_org_tissue               ? 
_entity_src_gen.pdbx_host_org_tissue_fraction      ? 
_entity_src_gen.pdbx_host_org_strain               'BL21(DE3)star' 
_entity_src_gen.pdbx_host_org_variant              ? 
_entity_src_gen.pdbx_host_org_cell_line            ? 
_entity_src_gen.pdbx_host_org_atcc                 ? 
_entity_src_gen.pdbx_host_org_culture_collection   ? 
_entity_src_gen.pdbx_host_org_cell                 ? 
_entity_src_gen.pdbx_host_org_organelle            ? 
_entity_src_gen.pdbx_host_org_cellular_location    ? 
_entity_src_gen.pdbx_host_org_vector_type          plasmid 
_entity_src_gen.pdbx_host_org_vector               ? 
_entity_src_gen.host_org_details                   ? 
_entity_src_gen.expression_system_id               ? 
_entity_src_gen.plasmid_name                       pOPINM 
_entity_src_gen.plasmid_details                    ? 
_entity_src_gen.pdbx_description                   ? 
# 
_struct_ref.id                         1 
_struct_ref.db_name                    UNP 
_struct_ref.db_code                    DIX1A_DANRE 
_struct_ref.pdbx_db_accession          Q804T6 
_struct_ref.pdbx_db_isoform            ? 
_struct_ref.entity_id                  1 
_struct_ref.pdbx_seq_one_letter_code   
;AAASTKVLYYTDRSLTPFLVNIPKRLGDVTLQDFKAAVDRHGSFRYHFKSLDPEFGTVKEEVFQDDAVIPGWEGKIVAWV
EED
;
_struct_ref.pdbx_align_begin           356 
# 
_struct_ref_seq.align_id                      1 
_struct_ref_seq.ref_id                        1 
_struct_ref_seq.pdbx_PDB_id_code              5Y3C 
_struct_ref_seq.pdbx_strand_id                A 
_struct_ref_seq.seq_align_beg                 3 
_struct_ref_seq.pdbx_seq_align_beg_ins_code   ? 
_struct_ref_seq.seq_align_end                 85 
_struct_ref_seq.pdbx_seq_align_end_ins_code   ? 
_struct_ref_seq.pdbx_db_accession             Q804T6 
_struct_ref_seq.db_align_beg                  356 
_struct_ref_seq.pdbx_db_align_beg_ins_code    ? 
_struct_ref_seq.db_align_end                  438 
_struct_ref_seq.pdbx_db_align_end_ins_code    ? 
_struct_ref_seq.pdbx_auth_seq_align_beg       356 
_struct_ref_seq.pdbx_auth_seq_align_end       438 
# 
loop_
_struct_ref_seq_dif.align_id 
_struct_ref_seq_dif.pdbx_pdb_id_code 
_struct_ref_seq_dif.mon_id 
_struct_ref_seq_dif.pdbx_pdb_strand_id 
_struct_ref_seq_dif.seq_num 
_struct_ref_seq_dif.pdbx_pdb_ins_code 
_struct_ref_seq_dif.pdbx_seq_db_name 
_struct_ref_seq_dif.pdbx_seq_db_accession_code 
_struct_ref_seq_dif.db_mon_id 
_struct_ref_seq_dif.pdbx_seq_db_seq_num 
_struct_ref_seq_dif.details 
_struct_ref_seq_dif.pdbx_auth_seq_num 
_struct_ref_seq_dif.pdbx_ordinal 
1 5Y3C GLY A 1 ? UNP Q804T6 ? ? 'expression tag' 354 1 
1 5Y3C PRO A 2 ? UNP Q804T6 ? ? 'expression tag' 355 2 
# 
loop_
_chem_comp.id 
_chem_comp.type 
_chem_comp.mon_nstd_flag 
_chem_comp.name 
_chem_comp.pdbx_synonyms 
_chem_comp.formula 
_chem_comp.formula_weight 
ALA 'L-peptide linking' y ALANINE         ? 'C3 H7 N O2'     89.093  
ARG 'L-peptide linking' y ARGININE        ? 'C6 H15 N4 O2 1' 175.209 
ASN 'L-peptide linking' y ASPARAGINE      ? 'C4 H8 N2 O3'    132.118 
ASP 'L-peptide linking' y 'ASPARTIC ACID' ? 'C4 H7 N O4'     133.103 
GLN 'L-peptide linking' y GLUTAMINE       ? 'C5 H10 N2 O3'   146.144 
GLU 'L-peptide linking' y 'GLUTAMIC ACID' ? 'C5 H9 N O4'     147.129 
GLY 'peptide linking'   y GLYCINE         ? 'C2 H5 N O2'     75.067  
HIS 'L-peptide linking' y HISTIDINE       ? 'C6 H10 N3 O2 1' 156.162 
HOH non-polymer         . WATER           ? 'H2 O'           18.015  
ILE 'L-peptide linking' y ISOLEUCINE      ? 'C6 H13 N O2'    131.173 
LEU 'L-peptide linking' y LEUCINE         ? 'C6 H13 N O2'    131.173 
LYS 'L-peptide linking' y LYSINE          ? 'C6 H15 N2 O2 1' 147.195 
PHE 'L-peptide linking' y PHENYLALANINE   ? 'C9 H11 N O2'    165.189 
PRO 'L-peptide linking' y PROLINE         ? 'C5 H9 N O2'     115.130 
SER 'L-peptide linking' y SERINE          ? 'C3 H7 N O3'     105.093 
THR 'L-peptide linking' y THREONINE       ? 'C4 H9 N O3'     119.119 
TRP 'L-peptide linking' y TRYPTOPHAN      ? 'C11 H12 N2 O2'  204.225 
TYR 'L-peptide linking' y TYROSINE        ? 'C9 H11 N O3'    181.189 
VAL 'L-peptide linking' y VALINE          ? 'C5 H11 N O2'    117.146 
# 
_exptl.absorpt_coefficient_mu     ? 
_exptl.absorpt_correction_T_max   ? 
_exptl.absorpt_correction_T_min   ? 
_exptl.absorpt_correction_type    ? 
_exptl.absorpt_process_details    ? 
_exptl.entry_id                   5Y3C 
_exptl.crystals_number            1 
_exptl.details                    ? 
_exptl.method                     'X-RAY DIFFRACTION' 
_exptl.method_details             ? 
# 
_exptl_crystal.colour                      ? 
_exptl_crystal.density_diffrn              ? 
_exptl_crystal.density_Matthews            2.61 
_exptl_crystal.density_method              ? 
_exptl_crystal.density_percent_sol         52.79 
_exptl_crystal.description                 ? 
_exptl_crystal.F_000                       ? 
_exptl_crystal.id                          1 
_exptl_crystal.preparation                 ? 
_exptl_crystal.size_max                    ? 
_exptl_crystal.size_mid                    ? 
_exptl_crystal.size_min                    ? 
_exptl_crystal.size_rad                    ? 
_exptl_crystal.colour_lustre               ? 
_exptl_crystal.colour_modifier             ? 
_exptl_crystal.colour_primary              ? 
_exptl_crystal.density_meas                ? 
_exptl_crystal.density_meas_esd            ? 
_exptl_crystal.density_meas_gt             ? 
_exptl_crystal.density_meas_lt             ? 
_exptl_crystal.density_meas_temp           ? 
_exptl_crystal.density_meas_temp_esd       ? 
_exptl_crystal.density_meas_temp_gt        ? 
_exptl_crystal.density_meas_temp_lt        ? 
_exptl_crystal.pdbx_crystal_image_url      ? 
_exptl_crystal.pdbx_crystal_image_format   ? 
_exptl_crystal.pdbx_mosaicity              ? 
_exptl_crystal.pdbx_mosaicity_esd          ? 
# 
_exptl_crystal_grow.apparatus       ? 
_exptl_crystal_grow.atmosphere      ? 
_exptl_crystal_grow.crystal_id      1 
_exptl_crystal_grow.details         ? 
_exptl_crystal_grow.method          'VAPOR DIFFUSION, SITTING DROP' 
_exptl_crystal_grow.method_ref      ? 
_exptl_crystal_grow.pH              7.5 
_exptl_crystal_grow.pressure        ? 
_exptl_crystal_grow.pressure_esd    ? 
_exptl_crystal_grow.seeding         ? 
_exptl_crystal_grow.seeding_ref     ? 
_exptl_crystal_grow.temp            283 
_exptl_crystal_grow.temp_details    ? 
_exptl_crystal_grow.temp_esd        ? 
_exptl_crystal_grow.time            ? 
_exptl_crystal_grow.pdbx_details    
'14% poly(acrylic acid sodium salt) 5100, 100 mM HEPES-Na (pH 7.5), 20 mM MgCl2, 10 mM TCEP-HCl' 
_exptl_crystal_grow.pdbx_pH_range   ? 
# 
_diffrn.ambient_environment    ? 
_diffrn.ambient_temp           100 
_diffrn.ambient_temp_details   ? 
_diffrn.ambient_temp_esd       ? 
_diffrn.crystal_id             1 
_diffrn.crystal_support        ? 
_diffrn.crystal_treatment      ? 
_diffrn.details                ? 
_diffrn.id                     1 
_diffrn.ambient_pressure       ? 
_diffrn.ambient_pressure_esd   ? 
_diffrn.ambient_pressure_gt    ? 
_diffrn.ambient_pressure_lt    ? 
_diffrn.ambient_temp_gt        ? 
_diffrn.ambient_temp_lt        ? 
# 
_diffrn_detector.details                      ? 
_diffrn_detector.detector                     PIXEL 
_diffrn_detector.diffrn_id                    1 
_diffrn_detector.type                         'DECTRIS PILATUS 2M-F' 
_diffrn_detector.area_resol_mean              ? 
_diffrn_detector.dtime                        ? 
_diffrn_detector.pdbx_frames_total            ? 
_diffrn_detector.pdbx_collection_time_total   ? 
_diffrn_detector.pdbx_collection_date         2014-12-21 
# 
_diffrn_radiation.collimation                      ? 
_diffrn_radiation.diffrn_id                        1 
_diffrn_radiation.filter_edge                      ? 
_diffrn_radiation.inhomogeneity                    ? 
_diffrn_radiation.monochromator                    ? 
_diffrn_radiation.polarisn_norm                    ? 
_diffrn_radiation.polarisn_ratio                   ? 
_diffrn_radiation.probe                            ? 
_diffrn_radiation.type                             ? 
_diffrn_radiation.xray_symbol                      ? 
_diffrn_radiation.wavelength_id                    1 
_diffrn_radiation.pdbx_monochromatic_or_laue_m_l   M 
_diffrn_radiation.pdbx_wavelength_list             ? 
_diffrn_radiation.pdbx_wavelength                  ? 
_diffrn_radiation.pdbx_diffrn_protocol             'SINGLE WAVELENGTH' 
_diffrn_radiation.pdbx_analyzer                    ? 
_diffrn_radiation.pdbx_scattering_type             x-ray 
# 
_diffrn_radiation_wavelength.id           1 
_diffrn_radiation_wavelength.wavelength   1.1000 
_diffrn_radiation_wavelength.wt           1.0 
# 
_diffrn_source.current                     ? 
_diffrn_source.details                     ? 
_diffrn_source.diffrn_id                   1 
_diffrn_source.power                       ? 
_diffrn_source.size                        ? 
_diffrn_source.source                      SYNCHROTRON 
_diffrn_source.target                      ? 
_diffrn_source.type                        'PHOTON FACTORY BEAMLINE BL-1A' 
_diffrn_source.voltage                     ? 
_diffrn_source.take-off_angle              ? 
_diffrn_source.pdbx_wavelength_list        1.1000 
_diffrn_source.pdbx_wavelength             ? 
_diffrn_source.pdbx_synchrotron_beamline   BL-1A 
_diffrn_source.pdbx_synchrotron_site       'Photon Factory' 
# 
_reflns.B_iso_Wilson_estimate            ? 
_reflns.entry_id                         5Y3C 
_reflns.data_reduction_details           ? 
_reflns.data_reduction_method            ? 
_reflns.d_resolution_high                1.96 
_reflns.d_resolution_low                 50.0 
_reflns.details                          ? 
_reflns.limit_h_max                      ? 
_reflns.limit_h_min                      ? 
_reflns.limit_k_max                      ? 
_reflns.limit_k_min                      ? 
_reflns.limit_l_max                      ? 
_reflns.limit_l_min                      ? 
_reflns.number_all                       ? 
_reflns.number_obs                       7076 
_reflns.observed_criterion               ? 
_reflns.observed_criterion_F_max         ? 
_reflns.observed_criterion_F_min         ? 
_reflns.observed_criterion_I_max         ? 
_reflns.observed_criterion_I_min         ? 
_reflns.observed_criterion_sigma_F       ? 
_reflns.observed_criterion_sigma_I       ? 
_reflns.percent_possible_obs             99.1 
_reflns.R_free_details                   ? 
_reflns.Rmerge_F_all                     ? 
_reflns.Rmerge_F_obs                     ? 
_reflns.Friedel_coverage                 ? 
_reflns.number_gt                        ? 
_reflns.threshold_expression             ? 
_reflns.pdbx_redundancy                  9.0 
_reflns.pdbx_Rmerge_I_obs                ? 
_reflns.pdbx_Rmerge_I_all                ? 
_reflns.pdbx_Rsym_value                  ? 
_reflns.pdbx_netI_over_av_sigmaI         ? 
_reflns.pdbx_netI_over_sigmaI            35.3 
_reflns.pdbx_res_netI_over_av_sigmaI_2   ? 
_reflns.pdbx_res_netI_over_sigmaI_2      ? 
_reflns.pdbx_chi_squared                 ? 
_reflns.pdbx_scaling_rejects             ? 
_reflns.pdbx_d_res_high_opt              ? 
_reflns.pdbx_d_res_low_opt               ? 
_reflns.pdbx_d_res_opt_method            ? 
_reflns.phase_calculation_details        ? 
_reflns.pdbx_Rrim_I_all                  ? 
_reflns.pdbx_Rpim_I_all                  ? 
_reflns.pdbx_d_opt                       ? 
_reflns.pdbx_number_measured_all         ? 
_reflns.pdbx_diffrn_id                   1 
_reflns.pdbx_ordinal                     1 
_reflns.pdbx_CC_half                     ? 
_reflns.pdbx_R_split                     ? 
# 
_reflns_shell.d_res_high                  . 
_reflns_shell.d_res_low                   ? 
_reflns_shell.meanI_over_sigI_all         ? 
_reflns_shell.meanI_over_sigI_obs         ? 
_reflns_shell.number_measured_all         ? 
_reflns_shell.number_measured_obs         ? 
_reflns_shell.number_possible             ? 
_reflns_shell.number_unique_all           ? 
_reflns_shell.number_unique_obs           ? 
_reflns_shell.percent_possible_all        ? 
_reflns_shell.percent_possible_obs        ? 
_reflns_shell.Rmerge_F_all                ? 
_reflns_shell.Rmerge_F_obs                ? 
_reflns_shell.Rmerge_I_all                ? 
_reflns_shell.Rmerge_I_obs                ? 
_reflns_shell.meanI_over_sigI_gt          ? 
_reflns_shell.meanI_over_uI_all           ? 
_reflns_shell.meanI_over_uI_gt            ? 
_reflns_shell.number_measured_gt          ? 
_reflns_shell.number_unique_gt            ? 
_reflns_shell.percent_possible_gt         ? 
_reflns_shell.Rmerge_F_gt                 ? 
_reflns_shell.Rmerge_I_gt                 ? 
_reflns_shell.pdbx_redundancy             ? 
_reflns_shell.pdbx_Rsym_value             ? 
_reflns_shell.pdbx_chi_squared            ? 
_reflns_shell.pdbx_netI_over_sigmaI_all   ? 
_reflns_shell.pdbx_netI_over_sigmaI_obs   ? 
_reflns_shell.pdbx_Rrim_I_all             ? 
_reflns_shell.pdbx_Rpim_I_all             ? 
_reflns_shell.pdbx_rejects                ? 
_reflns_shell.pdbx_ordinal                1 
_reflns_shell.pdbx_diffrn_id              1 
_reflns_shell.pdbx_CC_half                ? 
_reflns_shell.pdbx_R_split                ? 
# 
_refine.aniso_B[1][1]                            ? 
_refine.aniso_B[1][2]                            ? 
_refine.aniso_B[1][3]                            ? 
_refine.aniso_B[2][2]                            ? 
_refine.aniso_B[2][3]                            ? 
_refine.aniso_B[3][3]                            ? 
_refine.B_iso_max                                ? 
_refine.B_iso_mean                               ? 
_refine.B_iso_min                                ? 
_refine.correlation_coeff_Fo_to_Fc               ? 
_refine.correlation_coeff_Fo_to_Fc_free          ? 
_refine.details                                  ? 
_refine.diff_density_max                         ? 
_refine.diff_density_max_esd                     ? 
_refine.diff_density_min                         ? 
_refine.diff_density_min_esd                     ? 
_refine.diff_density_rms                         ? 
_refine.diff_density_rms_esd                     ? 
_refine.entry_id                                 5Y3C 
_refine.pdbx_refine_id                           'X-RAY DIFFRACTION' 
_refine.ls_abs_structure_details                 ? 
_refine.ls_abs_structure_Flack                   ? 
_refine.ls_abs_structure_Flack_esd               ? 
_refine.ls_abs_structure_Rogers                  ? 
_refine.ls_abs_structure_Rogers_esd              ? 
_refine.ls_d_res_high                            1.96 
_refine.ls_d_res_low                             23.362 
_refine.ls_extinction_coef                       ? 
_refine.ls_extinction_coef_esd                   ? 
_refine.ls_extinction_expression                 ? 
_refine.ls_extinction_method                     ? 
_refine.ls_goodness_of_fit_all                   ? 
_refine.ls_goodness_of_fit_all_esd               ? 
_refine.ls_goodness_of_fit_obs                   ? 
_refine.ls_goodness_of_fit_obs_esd               ? 
_refine.ls_hydrogen_treatment                    ? 
_refine.ls_matrix_type                           ? 
_refine.ls_number_constraints                    ? 
_refine.ls_number_parameters                     ? 
_refine.ls_number_reflns_all                     ? 
_refine.ls_number_reflns_obs                     7061 
_refine.ls_number_reflns_R_free                  722 
_refine.ls_number_reflns_R_work                  ? 
_refine.ls_number_restraints                     ? 
_refine.ls_percent_reflns_obs                    99.17 
_refine.ls_percent_reflns_R_free                 10.23 
_refine.ls_R_factor_all                          ? 
_refine.ls_R_factor_obs                          0.1739 
_refine.ls_R_factor_R_free                       0.2158 
_refine.ls_R_factor_R_free_error                 ? 
_refine.ls_R_factor_R_free_error_details         ? 
_refine.ls_R_factor_R_work                       0.1692 
_refine.ls_R_Fsqd_factor_obs                     ? 
_refine.ls_R_I_factor_obs                        ? 
_refine.ls_redundancy_reflns_all                 ? 
_refine.ls_redundancy_reflns_obs                 ? 
_refine.ls_restrained_S_all                      ? 
_refine.ls_restrained_S_obs                      ? 
_refine.ls_shift_over_esd_max                    ? 
_refine.ls_shift_over_esd_mean                   ? 
_refine.ls_structure_factor_coef                 ? 
_refine.ls_weighting_details                     ? 
_refine.ls_weighting_scheme                      ? 
_refine.ls_wR_factor_all                         ? 
_refine.ls_wR_factor_obs                         ? 
_refine.ls_wR_factor_R_free                      ? 
_refine.ls_wR_factor_R_work                      ? 
_refine.occupancy_max                            ? 
_refine.occupancy_min                            ? 
_refine.solvent_model_details                    ? 
_refine.solvent_model_param_bsol                 ? 
_refine.solvent_model_param_ksol                 ? 
_refine.ls_R_factor_gt                           ? 
_refine.ls_goodness_of_fit_gt                    ? 
_refine.ls_goodness_of_fit_ref                   ? 
_refine.ls_shift_over_su_max                     ? 
_refine.ls_shift_over_su_max_lt                  ? 
_refine.ls_shift_over_su_mean                    ? 
_refine.ls_shift_over_su_mean_lt                 ? 
_refine.pdbx_ls_sigma_I                          ? 
_refine.pdbx_ls_sigma_F                          1.38 
_refine.pdbx_ls_sigma_Fsqd                       ? 
_refine.pdbx_data_cutoff_high_absF               ? 
_refine.pdbx_data_cutoff_high_rms_absF           ? 
_refine.pdbx_data_cutoff_low_absF                ? 
_refine.pdbx_isotropic_thermal_model             ? 
_refine.pdbx_ls_cross_valid_method               'FREE R-VALUE' 
_refine.pdbx_method_to_determine_struct          'MOLECULAR REPLACEMENT' 
_refine.pdbx_starting_model                      5Y3B 
_refine.pdbx_stereochemistry_target_values       ? 
_refine.pdbx_R_Free_selection_details            ? 
_refine.pdbx_stereochem_target_val_spec_case     ? 
_refine.pdbx_overall_ESU_R                       ? 
_refine.pdbx_overall_ESU_R_Free                  ? 
_refine.pdbx_solvent_vdw_probe_radii             1.11 
_refine.pdbx_solvent_ion_probe_radii             ? 
_refine.pdbx_solvent_shrinkage_radii             0.90 
_refine.pdbx_real_space_R                        ? 
_refine.pdbx_density_correlation                 ? 
_refine.pdbx_pd_number_of_powder_patterns        ? 
_refine.pdbx_pd_number_of_points                 ? 
_refine.pdbx_pd_meas_number_of_points            ? 
_refine.pdbx_pd_proc_ls_prof_R_factor            ? 
_refine.pdbx_pd_proc_ls_prof_wR_factor           ? 
_refine.pdbx_pd_Marquardt_correlation_coeff      ? 
_refine.pdbx_pd_Fsqrd_R_factor                   ? 
_refine.pdbx_pd_ls_matrix_band_width             ? 
_refine.pdbx_overall_phase_error                 22.06 
_refine.pdbx_overall_SU_R_free_Cruickshank_DPI   ? 
_refine.pdbx_overall_SU_R_free_Blow_DPI          ? 
_refine.pdbx_overall_SU_R_Blow_DPI               ? 
_refine.pdbx_TLS_residual_ADP_flag               ? 
_refine.pdbx_diffrn_id                           1 
_refine.overall_SU_B                             ? 
_refine.overall_SU_ML                            0.18 
_refine.overall_SU_R_Cruickshank_DPI             ? 
_refine.overall_SU_R_free                        ? 
_refine.overall_FOM_free_R_set                   ? 
_refine.overall_FOM_work_R_set                   ? 
_refine.pdbx_average_fsc_overall                 ? 
_refine.pdbx_average_fsc_work                    ? 
_refine.pdbx_average_fsc_free                    ? 
# 
_refine_hist.pdbx_refine_id                   'X-RAY DIFFRACTION' 
_refine_hist.cycle_id                         LAST 
_refine_hist.pdbx_number_atoms_protein        668 
_refine_hist.pdbx_number_atoms_nucleic_acid   0 
_refine_hist.pdbx_number_atoms_ligand         0 
_refine_hist.number_atoms_solvent             66 
_refine_hist.number_atoms_total               734 
_refine_hist.d_res_high                       1.96 
_refine_hist.d_res_low                        23.362 
# 
loop_
_refine_ls_restr.pdbx_refine_id 
_refine_ls_restr.criterion 
_refine_ls_restr.dev_ideal 
_refine_ls_restr.dev_ideal_target 
_refine_ls_restr.number 
_refine_ls_restr.rejects 
_refine_ls_restr.type 
_refine_ls_restr.weight 
_refine_ls_restr.pdbx_restraint_function 
'X-RAY DIFFRACTION' ? 0.004 ? 687 ? f_bond_d           ? ? 
'X-RAY DIFFRACTION' ? 0.757 ? 933 ? f_angle_d          ? ? 
'X-RAY DIFFRACTION' ? 8.947 ? 246 ? f_dihedral_angle_d ? ? 
'X-RAY DIFFRACTION' ? 0.029 ? 101 ? f_chiral_restr     ? ? 
'X-RAY DIFFRACTION' ? 0.003 ? 119 ? f_plane_restr      ? ? 
# 
loop_
_refine_ls_shell.pdbx_refine_id 
_refine_ls_shell.d_res_high 
_refine_ls_shell.d_res_low 
_refine_ls_shell.number_reflns_all 
_refine_ls_shell.number_reflns_obs 
_refine_ls_shell.number_reflns_R_free 
_refine_ls_shell.number_reflns_R_work 
_refine_ls_shell.percent_reflns_obs 
_refine_ls_shell.percent_reflns_R_free 
_refine_ls_shell.R_factor_all 
_refine_ls_shell.R_factor_obs 
_refine_ls_shell.R_factor_R_free 
_refine_ls_shell.R_factor_R_free_error 
_refine_ls_shell.R_factor_R_work 
_refine_ls_shell.redundancy_reflns_all 
_refine_ls_shell.redundancy_reflns_obs 
_refine_ls_shell.wR_factor_all 
_refine_ls_shell.wR_factor_obs 
_refine_ls_shell.wR_factor_R_free 
_refine_ls_shell.wR_factor_R_work 
_refine_ls_shell.pdbx_total_number_of_bins_used 
_refine_ls_shell.pdbx_phase_error 
_refine_ls_shell.pdbx_fsc_work 
_refine_ls_shell.pdbx_fsc_free 
'X-RAY DIFFRACTION' 1.9560 2.1069  . . 140 1226 97.00  . . . 0.2353 . 0.1893 . . . . . . . . . . 
'X-RAY DIFFRACTION' 2.1069 2.3188  . . 143 1274 99.00  . . . 0.2415 . 0.1835 . . . . . . . . . . 
'X-RAY DIFFRACTION' 2.3188 2.6539  . . 141 1264 99.00  . . . 0.2654 . 0.1813 . . . . . . . . . . 
'X-RAY DIFFRACTION' 2.6539 3.3421  . . 154 1284 100.00 . . . 0.2324 . 0.1808 . . . . . . . . . . 
'X-RAY DIFFRACTION' 3.3421 23.3637 . . 144 1291 100.00 . . . 0.1809 . 0.1517 . . . . . . . . . . 
# 
_struct.entry_id                     5Y3C 
_struct.title                        'Crystal structure of zebrafish Ccd1 DIX domain' 
_struct.pdbx_model_details           ? 
_struct.pdbx_formula_weight          ? 
_struct.pdbx_formula_weight_method   ? 
_struct.pdbx_model_type_details      ? 
_struct.pdbx_CASP_flag               N 
# 
_struct_keywords.entry_id        5Y3C 
_struct_keywords.text            'Wnt signal, SIGNALING PROTEIN' 
_struct_keywords.pdbx_keywords   'SIGNALING PROTEIN' 
# 
loop_
_struct_asym.id 
_struct_asym.pdbx_blank_PDB_chainid_flag 
_struct_asym.pdbx_modified 
_struct_asym.entity_id 
_struct_asym.details 
A N N 1 ? 
B N N 2 ? 
# 
_struct_conf.conf_type_id            HELX_P 
_struct_conf.id                      HELX_P1 
_struct_conf.pdbx_PDB_helix_id       AA1 
_struct_conf.beg_label_comp_id       THR 
_struct_conf.beg_label_asym_id       A 
_struct_conf.beg_label_seq_id        32 
_struct_conf.pdbx_beg_PDB_ins_code   ? 
_struct_conf.end_label_comp_id       ASP 
_struct_conf.end_label_asym_id       A 
_struct_conf.end_label_seq_id        41 
_struct_conf.pdbx_end_PDB_ins_code   ? 
_struct_conf.beg_auth_comp_id        THR 
_struct_conf.beg_auth_asym_id        A 
_struct_conf.beg_auth_seq_id         385 
_struct_conf.end_auth_comp_id        ASP 
_struct_conf.end_auth_asym_id        A 
_struct_conf.end_auth_seq_id         394 
_struct_conf.pdbx_PDB_helix_class    1 
_struct_conf.details                 ? 
_struct_conf.pdbx_PDB_helix_length   10 
# 
_struct_conf_type.id          HELX_P 
_struct_conf_type.criteria    ? 
_struct_conf_type.reference   ? 
# 
_struct_sheet.id               AA1 
_struct_sheet.type             ? 
_struct_sheet.number_strands   5 
_struct_sheet.details          ? 
# 
loop_
_struct_sheet_order.sheet_id 
_struct_sheet_order.range_id_1 
_struct_sheet_order.range_id_2 
_struct_sheet_order.offset 
_struct_sheet_order.sense 
AA1 1 2 ? anti-parallel 
AA1 2 3 ? parallel      
AA1 3 4 ? anti-parallel 
AA1 4 5 ? anti-parallel 
# 
loop_
_struct_sheet_range.sheet_id 
_struct_sheet_range.id 
_struct_sheet_range.beg_label_comp_id 
_struct_sheet_range.beg_label_asym_id 
_struct_sheet_range.beg_label_seq_id 
_struct_sheet_range.pdbx_beg_PDB_ins_code 
_struct_sheet_range.end_label_comp_id 
_struct_sheet_range.end_label_asym_id 
_struct_sheet_range.end_label_seq_id 
_struct_sheet_range.pdbx_end_PDB_ins_code 
_struct_sheet_range.beg_auth_comp_id 
_struct_sheet_range.beg_auth_asym_id 
_struct_sheet_range.beg_auth_seq_id 
_struct_sheet_range.end_auth_comp_id 
_struct_sheet_range.end_auth_asym_id 
_struct_sheet_range.end_auth_seq_id 
AA1 1 PHE A 20 ? ILE A 24 ? PHE A 373 ILE A 377 
AA1 2 THR A 7  ? THR A 13 ? THR A 360 THR A 366 
AA1 3 ILE A 78 ? GLU A 83 ? ILE A 431 GLU A 436 
AA1 4 ARG A 47 ? ASP A 54 ? ARG A 400 ASP A 407 
AA1 5 GLY A 58 ? GLU A 63 ? GLY A 411 GLU A 416 
# 
loop_
_pdbx_struct_sheet_hbond.sheet_id 
_pdbx_struct_sheet_hbond.range_id_1 
_pdbx_struct_sheet_hbond.range_id_2 
_pdbx_struct_sheet_hbond.range_1_label_atom_id 
_pdbx_struct_sheet_hbond.range_1_label_comp_id 
_pdbx_struct_sheet_hbond.range_1_label_asym_id 
_pdbx_struct_sheet_hbond.range_1_label_seq_id 
_pdbx_struct_sheet_hbond.range_1_PDB_ins_code 
_pdbx_struct_sheet_hbond.range_1_auth_atom_id 
_pdbx_struct_sheet_hbond.range_1_auth_comp_id 
_pdbx_struct_sheet_hbond.range_1_auth_asym_id 
_pdbx_struct_sheet_hbond.range_1_auth_seq_id 
_pdbx_struct_sheet_hbond.range_2_label_atom_id 
_pdbx_struct_sheet_hbond.range_2_label_comp_id 
_pdbx_struct_sheet_hbond.range_2_label_asym_id 
_pdbx_struct_sheet_hbond.range_2_label_seq_id 
_pdbx_struct_sheet_hbond.range_2_PDB_ins_code 
_pdbx_struct_sheet_hbond.range_2_auth_atom_id 
_pdbx_struct_sheet_hbond.range_2_auth_comp_id 
_pdbx_struct_sheet_hbond.range_2_auth_asym_id 
_pdbx_struct_sheet_hbond.range_2_auth_seq_id 
AA1 1 2 O PHE A 20 ? O PHE A 373 N TYR A 11 ? N TYR A 364 
AA1 2 3 N TYR A 12 ? N TYR A 365 O VAL A 82 ? O VAL A 435 
AA1 3 4 O VAL A 79 ? O VAL A 432 N LYS A 51 ? N LYS A 404 
AA1 4 5 N ASP A 54 ? N ASP A 407 O GLY A 58 ? O GLY A 411 
# 
_atom_sites.entry_id                    5Y3C 
_atom_sites.fract_transf_matrix[1][1]   -0.00906245 
_atom_sites.fract_transf_matrix[1][2]   -0.00612649 
_atom_sites.fract_transf_matrix[1][3]   0.02216031 
_atom_sites.fract_transf_matrix[2][1]   -0.01760058 
_atom_sites.fract_transf_matrix[2][2]   0.01387169 
_atom_sites.fract_transf_matrix[2][3]   0.01041768 
_atom_sites.fract_transf_matrix[3][1]   -0.00884427 
_atom_sites.fract_transf_matrix[3][2]   -0.00704313 
_atom_sites.fract_transf_matrix[3][3]   -0.00556402 
_atom_sites.fract_transf_vector[1]      0.532555 
_atom_sites.fract_transf_vector[2]      0.252526 
_atom_sites.fract_transf_vector[3]      0.053936 
# 
loop_
_atom_type.symbol 
C 
N 
O 
# 
loop_
_atom_site.group_PDB 
_atom_site.id 
_atom_site.type_symbol 
_atom_site.label_atom_id 
_atom_site.label_alt_id 
_atom_site.label_comp_id 
_atom_site.label_asym_id 
_atom_site.label_entity_id 
_atom_site.label_seq_id 
_atom_site.pdbx_PDB_ins_code 
_atom_site.Cartn_x 
_atom_site.Cartn_y 
_atom_site.Cartn_z 
_atom_site.occupancy 
_atom_site.B_iso_or_equiv 
_atom_site.pdbx_formal_charge 
_atom_site.auth_seq_id 
_atom_site.auth_comp_id 
_atom_site.auth_asym_id 
_atom_site.auth_atom_id 
_atom_site.pdbx_PDB_model_num 
ATOM   1   N N   . PRO A 1 2  ? -16.942 7.439   17.265  1.00 95.95  ? 355 PRO A N   1 
ATOM   2   C CA  . PRO A 1 2  ? -17.111 6.012   16.972  1.00 91.61  ? 355 PRO A CA  1 
ATOM   3   C C   . PRO A 1 2  ? -16.968 5.707   15.484  1.00 88.26  ? 355 PRO A C   1 
ATOM   4   O O   . PRO A 1 2  ? -17.446 4.670   15.022  1.00 87.49  ? 355 PRO A O   1 
ATOM   5   C CB  . PRO A 1 2  ? -18.538 5.722   17.450  1.00 93.15  ? 355 PRO A CB  1 
ATOM   6   C CG  . PRO A 1 2  ? -18.805 6.759   18.485  1.00 100.21 ? 355 PRO A CG  1 
ATOM   7   C CD  . PRO A 1 2  ? -18.085 7.988   18.014  1.00 98.07  ? 355 PRO A CD  1 
ATOM   8   N N   . ALA A 1 3  ? -16.320 6.603   14.748  1.00 83.64  ? 356 ALA A N   1 
ATOM   9   C CA  . ALA A 1 3  ? -16.172 6.447   13.307  1.00 83.39  ? 356 ALA A CA  1 
ATOM   10  C C   . ALA A 1 3  ? -15.345 5.212   12.967  1.00 82.53  ? 356 ALA A C   1 
ATOM   11  O O   . ALA A 1 3  ? -14.463 4.815   13.727  1.00 85.22  ? 356 ALA A O   1 
ATOM   12  C CB  . ALA A 1 3  ? -15.542 7.693   12.698  1.00 83.60  ? 356 ALA A CB  1 
ATOM   13  N N   . ALA A 1 4  ? -15.641 4.605   11.823  1.00 71.55  ? 357 ALA A N   1 
ATOM   14  C CA  . ALA A 1 4  ? -14.923 3.419   11.383  1.00 67.61  ? 357 ALA A CA  1 
ATOM   15  C C   . ALA A 1 4  ? -13.504 3.785   10.970  1.00 64.97  ? 357 ALA A C   1 
ATOM   16  O O   . ALA A 1 4  ? -13.247 4.906   10.533  1.00 65.02  ? 357 ALA A O   1 
ATOM   17  C CB  . ALA A 1 4  ? -15.656 2.747   10.237  1.00 66.02  ? 357 ALA A CB  1 
ATOM   18  N N   . ALA A 1 5  ? -12.585 2.838   11.115  1.00 62.78  ? 358 ALA A N   1 
ATOM   19  C CA  . ALA A 1 5  ? -11.195 3.066   10.745  1.00 60.20  ? 358 ALA A CA  1 
ATOM   20  C C   . ALA A 1 5  ? -11.086 3.308   9.247   1.00 56.44  ? 358 ALA A C   1 
ATOM   21  O O   . ALA A 1 5  ? -11.906 2.813   8.475   1.00 54.99  ? 358 ALA A O   1 
ATOM   22  C CB  . ALA A 1 5  ? -10.333 1.886   11.160  1.00 58.70  ? 358 ALA A CB  1 
ATOM   23  N N   . SER A 1 6  ? -10.080 4.076   8.839   1.00 54.97  ? 359 SER A N   1 
ATOM   24  C CA  . SER A 1 6  ? -9.886  4.374   7.424   1.00 51.43  ? 359 SER A CA  1 
ATOM   25  C C   . SER A 1 6  ? -8.451  4.776   7.110   1.00 49.14  ? 359 SER A C   1 
ATOM   26  O O   . SER A 1 6  ? -7.832  5.539   7.848   1.00 51.19  ? 359 SER A O   1 
ATOM   27  C CB  . SER A 1 6  ? -10.837 5.484   6.977   1.00 53.10  ? 359 SER A CB  1 
ATOM   28  O OG  . SER A 1 6  ? -10.708 5.731   5.589   1.00 49.76  ? 359 SER A OG  1 
ATOM   29  N N   . THR A 1 7  ? -7.932  4.256   6.003   1.00 25.39  ? 360 THR A N   1 
ATOM   30  C CA  . THR A 1 7  ? -6.604  4.617   5.528   1.00 26.12  ? 360 THR A CA  1 
ATOM   31  C C   . THR A 1 7  ? -6.688  5.002   4.055   1.00 24.57  ? 360 THR A C   1 
ATOM   32  O O   . THR A 1 7  ? -7.283  4.293   3.242   1.00 22.62  ? 360 THR A O   1 
ATOM   33  C CB  . THR A 1 7  ? -5.598  3.470   5.720   1.00 22.92  ? 360 THR A CB  1 
ATOM   34  O OG1 . THR A 1 7  ? -5.568  3.085   7.101   1.00 32.27  ? 360 THR A OG1 1 
ATOM   35  C CG2 . THR A 1 7  ? -4.197  3.897   5.291   1.00 20.79  ? 360 THR A CG2 1 
ATOM   36  N N   . LYS A 1 8  ? -6.113  6.150   3.731   1.00 22.53  ? 361 LYS A N   1 
ATOM   37  C CA  . LYS A 1 8  ? -6.046  6.640   2.365   1.00 24.73  ? 361 LYS A CA  1 
ATOM   38  C C   . LYS A 1 8  ? -4.910  5.939   1.618   1.00 16.79  ? 361 LYS A C   1 
ATOM   39  O O   . LYS A 1 8  ? -3.782  5.896   2.101   1.00 19.48  ? 361 LYS A O   1 
ATOM   40  C CB  . LYS A 1 8  ? -5.838  8.155   2.383   1.00 34.22  ? 361 LYS A CB  1 
ATOM   41  C CG  . LYS A 1 8  ? -6.100  8.862   1.081   1.00 44.00  ? 361 LYS A CG  1 
ATOM   42  C CD  . LYS A 1 8  ? -5.921  10.357  1.268   1.00 52.75  ? 361 LYS A CD  1 
ATOM   43  C CE  . LYS A 1 8  ? -6.557  11.137  0.140   1.00 55.45  ? 361 LYS A CE  1 
ATOM   44  N NZ  . LYS A 1 8  ? -6.580  12.595  0.437   1.00 57.91  ? 361 LYS A NZ  1 
ATOM   45  N N   . VAL A 1 9  ? -5.212  5.382   0.450   1.00 16.75  ? 362 VAL A N   1 
ATOM   46  C CA  . VAL A 1 9  ? -4.236  4.598   -0.295  1.00 14.25  ? 362 VAL A CA  1 
ATOM   47  C C   . VAL A 1 9  ? -4.051  5.134   -1.712  1.00 16.57  ? 362 VAL A C   1 
ATOM   48  O O   . VAL A 1 9  ? -4.998  5.190   -2.496  1.00 18.58  ? 362 VAL A O   1 
ATOM   49  C CB  . VAL A 1 9  ? -4.645  3.115   -0.374  1.00 16.79  ? 362 VAL A CB  1 
ATOM   50  C CG1 . VAL A 1 9  ? -3.641  2.336   -1.223  1.00 16.92  ? 362 VAL A CG1 1 
ATOM   51  C CG2 . VAL A 1 9  ? -4.752  2.517   1.029   1.00 23.06  ? 362 VAL A CG2 1 
ATOM   52  N N   . LEU A 1 10 ? -2.827  5.544   -2.014  1.00 13.18  ? 363 LEU A N   1 
ATOM   53  C CA  . LEU A 1 10 ? -2.439  5.957   -3.357  1.00 13.51  ? 363 LEU A CA  1 
ATOM   54  C C   . LEU A 1 10 ? -1.575  4.871   -3.983  1.00 22.12  ? 363 LEU A C   1 
ATOM   55  O O   . LEU A 1 10 ? -0.615  4.415   -3.358  1.00 18.62  ? 363 LEU A O   1 
ATOM   56  C CB  . LEU A 1 10 ? -1.662  7.275   -3.308  1.00 14.23  ? 363 LEU A CB  1 
ATOM   57  C CG  . LEU A 1 10 ? -1.362  7.935   -4.654  1.00 25.76  ? 363 LEU A CG  1 
ATOM   58  C CD1 . LEU A 1 10 ? -2.592  8.708   -5.109  1.00 24.76  ? 363 LEU A CD1 1 
ATOM   59  C CD2 . LEU A 1 10 ? -0.143  8.845   -4.580  1.00 25.26  ? 363 LEU A CD2 1 
ATOM   60  N N   . TYR A 1 11 ? -1.888  4.449   -5.205  1.00 16.41  ? 364 TYR A N   1 
ATOM   61  C CA  . TYR A 1 11 ? -1.021  3.473   -5.846  1.00 13.52  ? 364 TYR A CA  1 
ATOM   62  C C   . TYR A 1 11 ? -0.807  3.749   -7.335  1.00 14.90  ? 364 TYR A C   1 
ATOM   63  O O   . TYR A 1 11 ? -1.692  4.241   -8.041  1.00 16.39  ? 364 TYR A O   1 
ATOM   64  C CB  . TYR A 1 11 ? -1.548  2.042   -5.613  1.00 12.85  ? 364 TYR A CB  1 
ATOM   65  C CG  . TYR A 1 11 ? -2.814  1.648   -6.344  1.00 16.71  ? 364 TYR A CG  1 
ATOM   66  C CD1 . TYR A 1 11 ? -4.066  1.867   -5.782  1.00 16.05  ? 364 TYR A CD1 1 
ATOM   67  C CD2 . TYR A 1 11 ? -2.754  1.005   -7.576  1.00 21.09  ? 364 TYR A CD2 1 
ATOM   68  C CE1 . TYR A 1 11 ? -5.229  1.479   -6.442  1.00 17.07  ? 364 TYR A CE1 1 
ATOM   69  C CE2 . TYR A 1 11 ? -3.912  0.623   -8.244  1.00 18.38  ? 364 TYR A CE2 1 
ATOM   70  C CZ  . TYR A 1 11 ? -5.141  0.864   -7.669  1.00 21.36  ? 364 TYR A CZ  1 
ATOM   71  O OH  . TYR A 1 11 ? -6.293  0.491   -8.330  1.00 28.88  ? 364 TYR A OH  1 
ATOM   72  N N   . TYR A 1 12 ? 0.408   3.454   -7.783  1.00 14.42  ? 365 TYR A N   1 
ATOM   73  C CA  . TYR A 1 12 ? 0.808   3.631   -9.171  1.00 14.60  ? 365 TYR A CA  1 
ATOM   74  C C   . TYR A 1 12 ? 0.870   2.280   -9.874  1.00 20.31  ? 365 TYR A C   1 
ATOM   75  O O   . TYR A 1 12 ? 1.329   1.301   -9.289  1.00 21.01  ? 365 TYR A O   1 
ATOM   76  C CB  . TYR A 1 12 ? 2.181   4.308   -9.263  1.00 20.64  ? 365 TYR A CB  1 
ATOM   77  C CG  . TYR A 1 12 ? 2.247   5.728   -8.742  1.00 20.28  ? 365 TYR A CG  1 
ATOM   78  C CD1 . TYR A 1 12 ? 2.454   5.984   -7.395  1.00 19.44  ? 365 TYR A CD1 1 
ATOM   79  C CD2 . TYR A 1 12 ? 2.122   6.812   -9.605  1.00 21.52  ? 365 TYR A CD2 1 
ATOM   80  C CE1 . TYR A 1 12 ? 2.523   7.282   -6.914  1.00 19.37  ? 365 TYR A CE1 1 
ATOM   81  C CE2 . TYR A 1 12 ? 2.194   8.113   -9.135  1.00 24.65  ? 365 TYR A CE2 1 
ATOM   82  C CZ  . TYR A 1 12 ? 2.390   8.340   -7.788  1.00 22.78  ? 365 TYR A CZ  1 
ATOM   83  O OH  . TYR A 1 12 ? 2.457   9.628   -7.314  1.00 25.51  ? 365 TYR A OH  1 
ATOM   84  N N   . THR A 1 13 ? 0.424   2.228   -11.126 1.00 18.48  ? 366 THR A N   1 
ATOM   85  C CA  . THR A 1 13 ? 0.631   1.038   -11.948 1.00 24.78  ? 366 THR A CA  1 
ATOM   86  C C   . THR A 1 13 ? 1.517   1.385   -13.138 1.00 26.77  ? 366 THR A C   1 
ATOM   87  O O   . THR A 1 13 ? 1.743   2.561   -13.425 1.00 36.76  ? 366 THR A O   1 
ATOM   88  C CB  . THR A 1 13 ? -0.690  0.436   -12.461 1.00 31.19  ? 366 THR A CB  1 
ATOM   89  O OG1 . THR A 1 13 ? -1.309  1.340   -13.384 1.00 26.85  ? 366 THR A OG1 1 
ATOM   90  C CG2 . THR A 1 13 ? -1.635  0.147   -11.302 1.00 31.57  ? 366 THR A CG2 1 
ATOM   91  N N   . ASP A 1 14 ? 2.016   0.362   -13.825 1.00 55.30  ? 367 ASP A N   1 
ATOM   92  C CA  . ASP A 1 14 ? 2.880   0.562   -14.984 1.00 62.94  ? 367 ASP A CA  1 
ATOM   93  C C   . ASP A 1 14 ? 2.135   1.229   -16.133 1.00 68.67  ? 367 ASP A C   1 
ATOM   94  O O   . ASP A 1 14 ? 2.732   1.926   -16.953 1.00 74.08  ? 367 ASP A O   1 
ATOM   95  C CB  . ASP A 1 14 ? 3.460   -0.775  -15.458 1.00 73.29  ? 367 ASP A CB  1 
ATOM   96  C CG  . ASP A 1 14 ? 4.430   -1.379  -14.463 1.00 74.54  ? 367 ASP A CG  1 
ATOM   97  O OD1 . ASP A 1 14 ? 5.082   -0.610  -13.725 1.00 75.53  ? 367 ASP A OD1 1 
ATOM   98  O OD2 . ASP A 1 14 ? 4.545   -2.623  -14.423 1.00 74.98  ? 367 ASP A OD2 1 
ATOM   99  N N   . ARG A 1 15 ? 0.827   1.007   -16.186 1.00 67.51  ? 368 ARG A N   1 
ATOM   100 C CA  . ARG A 1 15 ? 0.006   1.483   -17.292 1.00 82.10  ? 368 ARG A CA  1 
ATOM   101 C C   . ARG A 1 15 ? -0.181  2.999   -17.264 1.00 75.25  ? 368 ARG A C   1 
ATOM   102 O O   . ARG A 1 15 ? -0.061  3.667   -18.291 1.00 78.56  ? 368 ARG A O   1 
ATOM   103 C CB  . ARG A 1 15 ? -1.357  0.781   -17.270 1.00 89.42  ? 368 ARG A CB  1 
ATOM   104 C CG  . ARG A 1 15 ? -2.192  0.943   -18.538 1.00 101.42 ? 368 ARG A CG  1 
ATOM   105 C CD  . ARG A 1 15 ? -3.101  2.168   -18.483 1.00 97.27  ? 368 ARG A CD  1 
ATOM   106 N NE  . ARG A 1 15 ? -4.031  2.119   -17.359 1.00 90.78  ? 368 ARG A NE  1 
ATOM   107 C CZ  . ARG A 1 15 ? -4.923  3.066   -17.092 1.00 84.42  ? 368 ARG A CZ  1 
ATOM   108 N NH1 . ARG A 1 15 ? -5.005  4.138   -17.868 1.00 89.92  ? 368 ARG A NH1 1 
ATOM   109 N NH2 . ARG A 1 15 ? -5.735  2.944   -16.049 1.00 72.04  ? 368 ARG A NH2 1 
ATOM   110 N N   . SER A 1 16 ? -0.474  3.536   -16.085 1.00 60.92  ? 369 SER A N   1 
ATOM   111 C CA  . SER A 1 16 ? -0.883  4.931   -15.968 1.00 57.86  ? 369 SER A CA  1 
ATOM   112 C C   . SER A 1 16 ? 0.161   5.814   -15.287 1.00 53.56  ? 369 SER A C   1 
ATOM   113 O O   . SER A 1 16 ? 0.771   5.421   -14.293 1.00 43.10  ? 369 SER A O   1 
ATOM   114 C CB  . SER A 1 16 ? -2.209  5.016   -15.204 1.00 58.14  ? 369 SER A CB  1 
ATOM   115 O OG  . SER A 1 16 ? -2.605  6.360   -15.000 1.00 50.29  ? 369 SER A OG  1 
ATOM   116 N N   . LEU A 1 17 ? 0.358   7.013   -15.827 1.00 47.75  ? 370 LEU A N   1 
ATOM   117 C CA  . LEU A 1 17 ? 1.215   8.005   -15.184 1.00 45.38  ? 370 LEU A CA  1 
ATOM   118 C C   . LEU A 1 17 ? 0.497   8.604   -13.974 1.00 41.91  ? 370 LEU A C   1 
ATOM   119 O O   . LEU A 1 17 ? 1.125   9.041   -13.009 1.00 43.24  ? 370 LEU A O   1 
ATOM   120 C CB  . LEU A 1 17 ? 1.613   9.104   -16.171 1.00 51.64  ? 370 LEU A CB  1 
ATOM   121 C CG  . LEU A 1 17 ? 2.850   8.824   -17.028 1.00 55.32  ? 370 LEU A CG  1 
ATOM   122 C CD1 . LEU A 1 17 ? 4.036   8.497   -16.134 1.00 63.46  ? 370 LEU A CD1 1 
ATOM   123 C CD2 . LEU A 1 17 ? 2.599   7.703   -18.026 1.00 62.21  ? 370 LEU A CD2 1 
ATOM   124 N N   . THR A 1 18 ? -0.829  8.614   -14.041 1.00 37.66  ? 371 THR A N   1 
ATOM   125 C CA  . THR A 1 18 ? -1.663  9.103   -12.950 1.00 29.41  ? 371 THR A CA  1 
ATOM   126 C C   . THR A 1 18 ? -1.925  7.981   -11.947 1.00 25.58  ? 371 THR A C   1 
ATOM   127 O O   . THR A 1 18 ? -2.293  6.877   -12.338 1.00 28.48  ? 371 THR A O   1 
ATOM   128 C CB  . THR A 1 18 ? -2.998  9.647   -13.487 1.00 31.10  ? 371 THR A CB  1 
ATOM   129 O OG1 . THR A 1 18 ? -2.738  10.697  -14.425 1.00 33.45  ? 371 THR A OG1 1 
ATOM   130 C CG2 . THR A 1 18 ? -3.871  10.181  -12.362 1.00 26.70  ? 371 THR A CG2 1 
ATOM   131 N N   . PRO A 1 19 ? -1.734  8.259   -10.649 1.00 20.31  ? 372 PRO A N   1 
ATOM   132 C CA  . PRO A 1 19 ? -1.979  7.218   -9.644  1.00 19.98  ? 372 PRO A CA  1 
ATOM   133 C C   . PRO A 1 19 ? -3.459  7.028   -9.332  1.00 18.07  ? 372 PRO A C   1 
ATOM   134 O O   . PRO A 1 19 ? -4.269  7.926   -9.568  1.00 17.30  ? 372 PRO A O   1 
ATOM   135 C CB  . PRO A 1 19 ? -1.247  7.750   -8.416  1.00 21.39  ? 372 PRO A CB  1 
ATOM   136 C CG  . PRO A 1 19 ? -1.396  9.247   -8.555  1.00 19.90  ? 372 PRO A CG  1 
ATOM   137 C CD  . PRO A 1 19 ? -1.252  9.511   -10.038 1.00 23.64  ? 372 PRO A CD  1 
ATOM   138 N N   . PHE A 1 20 ? -3.790  5.868   -8.779  1.00 14.97  ? 373 PHE A N   1 
ATOM   139 C CA  . PHE A 1 20 ? -5.144  5.569   -8.341  1.00 17.47  ? 373 PHE A CA  1 
ATOM   140 C C   . PHE A 1 20 ? -5.288  5.874   -6.862  1.00 25.51  ? 373 PHE A C   1 
ATOM   141 O O   . PHE A 1 20 ? -4.340  5.708   -6.103  1.00 18.04  ? 373 PHE A O   1 
ATOM   142 C CB  . PHE A 1 20 ? -5.484  4.102   -8.587  1.00 18.36  ? 373 PHE A CB  1 
ATOM   143 C CG  . PHE A 1 20 ? -5.479  3.707   -10.033 1.00 19.97  ? 373 PHE A CG  1 
ATOM   144 C CD1 . PHE A 1 20 ? -4.304  3.333   -10.660 1.00 20.39  ? 373 PHE A CD1 1 
ATOM   145 C CD2 . PHE A 1 20 ? -6.658  3.692   -10.762 1.00 30.03  ? 373 PHE A CD2 1 
ATOM   146 C CE1 . PHE A 1 20 ? -4.303  2.954   -11.995 1.00 26.88  ? 373 PHE A CE1 1 
ATOM   147 C CE2 . PHE A 1 20 ? -6.666  3.318   -12.094 1.00 32.74  ? 373 PHE A CE2 1 
ATOM   148 C CZ  . PHE A 1 20 ? -5.489  2.951   -12.713 1.00 29.34  ? 373 PHE A CZ  1 
ATOM   149 N N   . LEU A 1 21 ? -6.484  6.286   -6.456  1.00 15.57  ? 374 LEU A N   1 
ATOM   150 C CA  . LEU A 1 21 ? -6.756  6.569   -5.055  1.00 16.52  ? 374 LEU A CA  1 
ATOM   151 C C   . LEU A 1 21 ? -7.889  5.691   -4.549  1.00 23.08  ? 374 LEU A C   1 
ATOM   152 O O   . LEU A 1 21 ? -8.958  5.645   -5.152  1.00 19.77  ? 374 LEU A O   1 
ATOM   153 C CB  . LEU A 1 21 ? -7.116  8.042   -4.870  1.00 18.62  ? 374 LEU A CB  1 
ATOM   154 C CG  . LEU A 1 21 ? -7.476  8.473   -3.449  1.00 25.73  ? 374 LEU A CG  1 
ATOM   155 C CD1 . LEU A 1 21 ? -6.253  8.424   -2.557  1.00 29.88  ? 374 LEU A CD1 1 
ATOM   156 C CD2 . LEU A 1 21 ? -8.086  9.862   -3.453  1.00 35.08  ? 374 LEU A CD2 1 
ATOM   157 N N   . VAL A 1 22 ? -7.669  5.010   -3.430  1.00 18.10  ? 375 VAL A N   1 
ATOM   158 C CA  . VAL A 1 22 ? -8.698  4.145   -2.870  1.00 20.25  ? 375 VAL A CA  1 
ATOM   159 C C   . VAL A 1 22 ? -8.626  4.234   -1.348  1.00 21.95  ? 375 VAL A C   1 
ATOM   160 O O   . VAL A 1 22 ? -7.604  4.628   -0.794  1.00 26.81  ? 375 VAL A O   1 
ATOM   161 C CB  . VAL A 1 22 ? -8.528  2.685   -3.372  1.00 26.54  ? 375 VAL A CB  1 
ATOM   162 C CG1 . VAL A 1 22 ? -7.256  2.066   -2.815  1.00 22.98  ? 375 VAL A CG1 1 
ATOM   163 C CG2 . VAL A 1 22 ? -9.755  1.836   -3.039  1.00 40.87  ? 375 VAL A CG2 1 
ATOM   164 N N   . ASN A 1 23 ? -9.723  3.918   -0.671  1.00 24.11  ? 376 ASN A N   1 
ATOM   165 C CA  . ASN A 1 23 ? -9.726  3.930   0.785   1.00 36.34  ? 376 ASN A CA  1 
ATOM   166 C C   . ASN A 1 23 ? -9.946  2.536   1.354   1.00 31.09  ? 376 ASN A C   1 
ATOM   167 O O   . ASN A 1 23 ? -10.796 1.791   0.871   1.00 36.71  ? 376 ASN A O   1 
ATOM   168 C CB  . ASN A 1 23 ? -10.794 4.892   1.313   1.00 43.46  ? 376 ASN A CB  1 
ATOM   169 C CG  . ASN A 1 23 ? -10.487 6.342   0.982   1.00 62.89  ? 376 ASN A CG  1 
ATOM   170 O OD1 . ASN A 1 23 ? -9.760  7.019   1.713   1.00 60.07  ? 376 ASN A OD1 1 
ATOM   171 N ND2 . ASN A 1 23 ? -11.040 6.827   -0.126  1.00 69.86  ? 376 ASN A ND2 1 
ATOM   172 N N   . ILE A 1 24 ? -9.159  2.186   2.367   1.00 28.57  ? 377 ILE A N   1 
ATOM   173 C CA  . ILE A 1 24 ? -9.291  0.903   3.050   1.00 27.66  ? 377 ILE A CA  1 
ATOM   174 C C   . ILE A 1 24 ? -9.902  1.127   4.426   1.00 33.11  ? 377 ILE A C   1 
ATOM   175 O O   . ILE A 1 24 ? -9.423  1.971   5.182   1.00 31.32  ? 377 ILE A O   1 
ATOM   176 C CB  . ILE A 1 24 ? -7.930  0.191   3.200   1.00 27.94  ? 377 ILE A CB  1 
ATOM   177 C CG1 . ILE A 1 24 ? -7.353  -0.168  1.829   1.00 27.78  ? 377 ILE A CG1 1 
ATOM   178 C CG2 . ILE A 1 24 ? -8.063  -1.062  4.055   1.00 34.00  ? 377 ILE A CG2 1 
ATOM   179 C CD1 . ILE A 1 24 ? -5.989  -0.836  1.894   1.00 29.06  ? 377 ILE A CD1 1 
ATOM   180 N N   . PRO A 1 25 ? -10.967 0.375   4.753   1.00 45.07  ? 378 PRO A N   1 
ATOM   181 C CA  . PRO A 1 25 ? -11.677 0.533   6.026   1.00 46.63  ? 378 PRO A CA  1 
ATOM   182 C C   . PRO A 1 25 ? -10.919 -0.049  7.215   1.00 51.67  ? 378 PRO A C   1 
ATOM   183 O O   . PRO A 1 25 ? -11.515 -0.762  8.021   1.00 48.41  ? 378 PRO A O   1 
ATOM   184 C CB  . PRO A 1 25 ? -12.974 -0.237  5.791   1.00 42.03  ? 378 PRO A CB  1 
ATOM   185 C CG  . PRO A 1 25 ? -12.593 -1.298  4.827   1.00 40.15  ? 378 PRO A CG  1 
ATOM   186 C CD  . PRO A 1 25 ? -11.601 -0.646  3.898   1.00 33.60  ? 378 PRO A CD  1 
ATOM   187 N N   . LYS A 1 26 ? -9.628  0.245   7.319   1.00 40.32  ? 379 LYS A N   1 
ATOM   188 C CA  . LYS A 1 26 ? -8.813  -0.239  8.427   1.00 37.03  ? 379 LYS A CA  1 
ATOM   189 C C   . LYS A 1 26 ? -7.774  0.798   8.838   1.00 40.34  ? 379 LYS A C   1 
ATOM   190 O O   . LYS A 1 26 ? -7.353  1.633   8.034   1.00 34.24  ? 379 LYS A O   1 
ATOM   191 C CB  . LYS A 1 26 ? -8.112  -1.552  8.063   1.00 36.29  ? 379 LYS A CB  1 
ATOM   192 C CG  . LYS A 1 26 ? -9.038  -2.728  7.820   1.00 43.75  ? 379 LYS A CG  1 
ATOM   193 C CD  . LYS A 1 26 ? -8.259  -4.004  7.562   1.00 49.32  ? 379 LYS A CD  1 
ATOM   194 C CE  . LYS A 1 26 ? -7.301  -4.305  8.703   1.00 46.45  ? 379 LYS A CE  1 
ATOM   195 N NZ  . LYS A 1 26 ? -6.850  -5.726  8.692   1.00 41.69  ? 379 LYS A NZ  1 
ATOM   196 N N   . ARG A 1 27 ? -7.355  0.722   10.093  1.00 40.13  ? 380 ARG A N   1 
ATOM   197 C CA  . ARG A 1 27 ? -6.321  1.597   10.619  1.00 40.69  ? 380 ARG A CA  1 
ATOM   198 C C   . ARG A 1 27 ? -4.954  1.231   10.055  1.00 37.08  ? 380 ARG A C   1 
ATOM   199 O O   . ARG A 1 27 ? -4.617  0.052   9.944   1.00 36.43  ? 380 ARG A O   1 
ATOM   200 C CB  . ARG A 1 27 ? -6.301  1.519   12.149  1.00 50.21  ? 380 ARG A CB  1 
ATOM   201 C CG  . ARG A 1 27 ? -5.086  2.134   12.810  1.00 56.91  ? 380 ARG A CG  1 
ATOM   202 C CD  . ARG A 1 27 ? -4.892  1.557   14.204  1.00 61.49  ? 380 ARG A CD  1 
ATOM   203 N NE  . ARG A 1 27 ? -3.735  2.125   14.885  1.00 73.27  ? 380 ARG A NE  1 
ATOM   204 C CZ  . ARG A 1 27 ? -3.812  3.008   15.876  1.00 75.93  ? 380 ARG A CZ  1 
ATOM   205 N NH1 . ARG A 1 27 ? -4.996  3.421   16.308  1.00 82.23  ? 380 ARG A NH1 1 
ATOM   206 N NH2 . ARG A 1 27 ? -2.706  3.472   16.441  1.00 86.33  ? 380 ARG A NH2 1 
ATOM   207 N N   . LEU A 1 28 ? -4.169  2.240   9.698   1.00 35.20  ? 381 LEU A N   1 
ATOM   208 C CA  . LEU A 1 28 ? -2.787  2.011   9.298   1.00 33.65  ? 381 LEU A CA  1 
ATOM   209 C C   . LEU A 1 28 ? -2.050  1.348   10.453  1.00 38.37  ? 381 LEU A C   1 
ATOM   210 O O   . LEU A 1 28 ? -2.077  1.840   11.576  1.00 48.03  ? 381 LEU A O   1 
ATOM   211 C CB  . LEU A 1 28 ? -2.107  3.319   8.901   1.00 31.28  ? 381 LEU A CB  1 
ATOM   212 C CG  . LEU A 1 28 ? -0.640  3.200   8.482   1.00 30.47  ? 381 LEU A CG  1 
ATOM   213 C CD1 . LEU A 1 28 ? -0.507  2.410   7.187   1.00 29.25  ? 381 LEU A CD1 1 
ATOM   214 C CD2 . LEU A 1 28 ? -0.024  4.576   8.344   1.00 35.99  ? 381 LEU A CD2 1 
ATOM   215 N N   . GLY A 1 29 ? -1.412  0.220   10.176  1.00 43.93  ? 382 GLY A N   1 
ATOM   216 C CA  . GLY A 1 29 ? -0.842  -0.598  11.229  1.00 40.23  ? 382 GLY A CA  1 
ATOM   217 C C   . GLY A 1 29 ? -1.578  -1.922  11.304  1.00 40.94  ? 382 GLY A C   1 
ATOM   218 O O   . GLY A 1 29 ? -0.996  -2.951  11.641  1.00 46.94  ? 382 GLY A O   1 
ATOM   219 N N   . ASP A 1 30 ? -2.868  -1.898  10.984  1.00 38.67  ? 383 ASP A N   1 
ATOM   220 C CA  . ASP A 1 30 ? -3.654  -3.123  10.901  1.00 40.46  ? 383 ASP A CA  1 
ATOM   221 C C   . ASP A 1 30 ? -3.771  -3.597  9.454   1.00 36.82  ? 383 ASP A C   1 
ATOM   222 O O   . ASP A 1 30 ? -4.030  -4.775  9.196   1.00 38.06  ? 383 ASP A O   1 
ATOM   223 C CB  . ASP A 1 30 ? -5.050  -2.917  11.490  1.00 45.21  ? 383 ASP A CB  1 
ATOM   224 C CG  . ASP A 1 30 ? -5.021  -2.631  12.977  1.00 55.67  ? 383 ASP A CG  1 
ATOM   225 O OD1 . ASP A 1 30 ? -4.050  -3.043  13.648  1.00 57.20  ? 383 ASP A OD1 1 
ATOM   226 O OD2 . ASP A 1 30 ? -5.977  -1.999  13.472  1.00 53.09  ? 383 ASP A OD2 1 
ATOM   227 N N   . VAL A 1 31 ? -3.586  -2.671  8.518   1.00 35.23  ? 384 VAL A N   1 
ATOM   228 C CA  . VAL A 1 31 ? -3.689  -2.982  7.096   1.00 30.10  ? 384 VAL A CA  1 
ATOM   229 C C   . VAL A 1 31 ? -2.620  -3.989  6.673   1.00 39.85  ? 384 VAL A C   1 
ATOM   230 O O   . VAL A 1 31 ? -1.430  -3.783  6.914   1.00 28.73  ? 384 VAL A O   1 
ATOM   231 C CB  . VAL A 1 31 ? -3.564  -1.707  6.231   1.00 34.07  ? 384 VAL A CB  1 
ATOM   232 C CG1 . VAL A 1 31 ? -3.591  -2.058  4.750   1.00 30.48  ? 384 VAL A CG1 1 
ATOM   233 C CG2 . VAL A 1 31 ? -4.675  -0.725  6.566   1.00 30.86  ? 384 VAL A CG2 1 
ATOM   234 N N   . THR A 1 32 ? -3.055  -5.082  6.051   1.00 29.95  ? 385 THR A N   1 
ATOM   235 C CA  . THR A 1 32 ? -2.141  -6.114  5.572   1.00 30.49  ? 385 THR A CA  1 
ATOM   236 C C   . THR A 1 32 ? -2.119  -6.160  4.050   1.00 31.63  ? 385 THR A C   1 
ATOM   237 O O   . THR A 1 32 ? -2.960  -5.547  3.392   1.00 26.74  ? 385 THR A O   1 
ATOM   238 C CB  . THR A 1 32 ? -2.528  -7.513  6.091   1.00 33.41  ? 385 THR A CB  1 
ATOM   239 O OG1 . THR A 1 32 ? -3.793  -7.885  5.538   1.00 34.07  ? 385 THR A OG1 1 
ATOM   240 C CG2 . THR A 1 32 ? -2.623  -7.525  7.605   1.00 37.30  ? 385 THR A CG2 1 
ATOM   241 N N   . LEU A 1 33 ? -1.172  -6.907  3.493   1.00 23.61  ? 386 LEU A N   1 
ATOM   242 C CA  . LEU A 1 33 ? -1.066  -7.022  2.041   1.00 21.52  ? 386 LEU A CA  1 
ATOM   243 C C   . LEU A 1 33 ? -2.357  -7.553  1.415   1.00 26.03  ? 386 LEU A C   1 
ATOM   244 O O   . LEU A 1 33 ? -2.759  -7.083  0.353   1.00 19.95  ? 386 LEU A O   1 
ATOM   245 C CB  . LEU A 1 33 ? 0.111   -7.915  1.652   1.00 31.42  ? 386 LEU A CB  1 
ATOM   246 C CG  . LEU A 1 33 ? 0.362   -8.044  0.147   1.00 27.11  ? 386 LEU A CG  1 
ATOM   247 C CD1 . LEU A 1 33 ? 0.717   -6.689  -0.477  1.00 20.65  ? 386 LEU A CD1 1 
ATOM   248 C CD2 . LEU A 1 33 ? 1.454   -9.064  -0.132  1.00 34.89  ? 386 LEU A CD2 1 
ATOM   249 N N   . GLN A 1 34 ? -3.017  -8.512  2.068   1.00 27.66  ? 387 GLN A N   1 
ATOM   250 C CA  . GLN A 1 34 ? -4.247  -9.057  1.502   1.00 26.41  ? 387 GLN A CA  1 
ATOM   251 C C   . GLN A 1 34 ? -5.357  -8.010  1.513   1.00 31.14  ? 387 GLN A C   1 
ATOM   252 O O   . GLN A 1 34 ? -6.200  -7.996  0.615   1.00 26.16  ? 387 GLN A O   1 
ATOM   253 C CB  . GLN A 1 34 ? -4.695  -10.339 2.230   1.00 25.81  ? 387 GLN A CB  1 
ATOM   254 C CG  . GLN A 1 34 ? -5.048  -10.199 3.700   1.00 35.74  ? 387 GLN A CG  1 
ATOM   255 C CD  . GLN A 1 34 ? -5.244  -11.554 4.377   1.00 44.30  ? 387 GLN A CD  1 
ATOM   256 O OE1 . GLN A 1 34 ? -5.245  -12.596 3.720   1.00 41.37  ? 387 GLN A OE1 1 
ATOM   257 N NE2 . GLN A 1 34 ? -5.405  -11.539 5.695   1.00 40.07  ? 387 GLN A NE2 1 
ATOM   258 N N   . ASP A 1 35 ? -5.354  -7.129  2.513   1.00 25.64  ? 388 ASP A N   1 
ATOM   259 C CA  . ASP A 1 35 ? -6.289  -6.003  2.529   1.00 24.73  ? 388 ASP A CA  1 
ATOM   260 C C   . ASP A 1 35 ? -6.044  -5.088  1.342   1.00 23.54  ? 388 ASP A C   1 
ATOM   261 O O   . ASP A 1 35 ? -6.985  -4.630  0.693   1.00 21.95  ? 388 ASP A O   1 
ATOM   262 C CB  . ASP A 1 35 ? -6.165  -5.187  3.821   1.00 24.31  ? 388 ASP A CB  1 
ATOM   263 C CG  . ASP A 1 35 ? -6.533  -5.976  5.053   1.00 43.41  ? 388 ASP A CG  1 
ATOM   264 O OD1 . ASP A 1 35 ? -7.444  -6.827  4.967   1.00 44.60  ? 388 ASP A OD1 1 
ATOM   265 O OD2 . ASP A 1 35 ? -5.913  -5.737  6.113   1.00 43.14  ? 388 ASP A OD2 1 
ATOM   266 N N   . PHE A 1 36 ? -4.769  -4.819  1.074   1.00 21.91  ? 389 PHE A N   1 
ATOM   267 C CA  . PHE A 1 36 ? -4.367  -3.919  0.000   1.00 20.64  ? 389 PHE A CA  1 
ATOM   268 C C   . PHE A 1 36 ? -4.747  -4.504  -1.356  1.00 23.88  ? 389 PHE A C   1 
ATOM   269 O O   . PHE A 1 36 ? -5.336  -3.829  -2.202  1.00 21.31  ? 389 PHE A O   1 
ATOM   270 C CB  . PHE A 1 36 ? -2.857  -3.645  0.070   1.00 17.29  ? 389 PHE A CB  1 
ATOM   271 C CG  . PHE A 1 36 ? -2.332  -2.859  -1.095  1.00 19.71  ? 389 PHE A CG  1 
ATOM   272 C CD1 . PHE A 1 36 ? -2.461  -1.481  -1.129  1.00 19.99  ? 389 PHE A CD1 1 
ATOM   273 C CD2 . PHE A 1 36 ? -1.725  -3.498  -2.165  1.00 18.23  ? 389 PHE A CD2 1 
ATOM   274 C CE1 . PHE A 1 36 ? -1.997  -0.750  -2.217  1.00 17.26  ? 389 PHE A CE1 1 
ATOM   275 C CE2 . PHE A 1 36 ? -1.254  -2.776  -3.243  1.00 19.44  ? 389 PHE A CE2 1 
ATOM   276 C CZ  . PHE A 1 36 ? -1.384  -1.395  -3.266  1.00 21.94  ? 389 PHE A CZ  1 
ATOM   277 N N   . LYS A 1 37 ? -4.407  -5.774  -1.550  1.00 19.79  ? 390 LYS A N   1 
ATOM   278 C CA  . LYS A 1 37 ? -4.776  -6.494  -2.761  1.00 19.69  ? 390 LYS A CA  1 
ATOM   279 C C   . LYS A 1 37 ? -6.279  -6.455  -3.029  1.00 20.67  ? 390 LYS A C   1 
ATOM   280 O O   . LYS A 1 37 ? -6.707  -6.322  -4.174  1.00 24.62  ? 390 LYS A O   1 
ATOM   281 C CB  . LYS A 1 37 ? -4.316  -7.947  -2.672  1.00 27.39  ? 390 LYS A CB  1 
ATOM   282 C CG  . LYS A 1 37 ? -2.818  -8.150  -2.759  1.00 24.40  ? 390 LYS A CG  1 
ATOM   283 C CD  . LYS A 1 37 ? -2.515  -9.640  -2.701  1.00 37.48  ? 390 LYS A CD  1 
ATOM   284 C CE  . LYS A 1 37 ? -1.038  -9.928  -2.820  1.00 44.13  ? 390 LYS A CE  1 
ATOM   285 N NZ  . LYS A 1 37 ? -0.788  -11.398 -2.778  1.00 51.55  ? 390 LYS A NZ  1 
ATOM   286 N N   . ALA A 1 38 ? -7.081  -6.581  -1.976  1.00 21.12  ? 391 ALA A N   1 
ATOM   287 C CA  . ALA A 1 38 ? -8.529  -6.565  -2.134  1.00 23.71  ? 391 ALA A CA  1 
ATOM   288 C C   . ALA A 1 38 ? -9.023  -5.187  -2.578  1.00 30.80  ? 391 ALA A C   1 
ATOM   289 O O   . ALA A 1 38 ? -9.968  -5.089  -3.357  1.00 27.37  ? 391 ALA A O   1 
ATOM   290 C CB  . ALA A 1 38 ? -9.210  -6.985  -0.843  1.00 24.60  ? 391 ALA A CB  1 
ATOM   291 N N   . ALA A 1 39 ? -8.385  -4.127  -2.088  1.00 21.48  ? 392 ALA A N   1 
ATOM   292 C CA  . ALA A 1 39 ? -8.779  -2.774  -2.472  1.00 20.89  ? 392 ALA A CA  1 
ATOM   293 C C   . ALA A 1 39 ? -8.401  -2.494  -3.922  1.00 24.46  ? 392 ALA A C   1 
ATOM   294 O O   . ALA A 1 39 ? -9.172  -1.889  -4.665  1.00 25.30  ? 392 ALA A O   1 
ATOM   295 C CB  . ALA A 1 39 ? -8.143  -1.744  -1.553  1.00 23.49  ? 392 ALA A CB  1 
ATOM   296 N N   . VAL A 1 40 ? -7.215  -2.940  -4.321  1.00 24.97  ? 393 VAL A N   1 
ATOM   297 C CA  . VAL A 1 40 ? -6.761  -2.794  -5.701  1.00 25.95  ? 393 VAL A CA  1 
ATOM   298 C C   . VAL A 1 40 ? -7.592  -3.655  -6.656  1.00 29.19  ? 393 VAL A C   1 
ATOM   299 O O   . VAL A 1 40 ? -7.995  -3.201  -7.735  1.00 30.17  ? 393 VAL A O   1 
ATOM   300 C CB  . VAL A 1 40 ? -5.272  -3.170  -5.839  1.00 25.47  ? 393 VAL A CB  1 
ATOM   301 C CG1 . VAL A 1 40 ? -4.869  -3.229  -7.308  1.00 39.64  ? 393 VAL A CG1 1 
ATOM   302 C CG2 . VAL A 1 40 ? -4.407  -2.183  -5.074  1.00 25.03  ? 393 VAL A CG2 1 
ATOM   303 N N   . ASP A 1 41 ? -7.832  -4.900  -6.253  1.00 42.04  ? 394 ASP A N   1 
ATOM   304 C CA  . ASP A 1 41 ? -8.650  -5.840  -7.017  1.00 48.02  ? 394 ASP A CA  1 
ATOM   305 C C   . ASP A 1 41 ? -8.199  -5.967  -8.473  1.00 50.85  ? 394 ASP A C   1 
ATOM   306 O O   . ASP A 1 41 ? -8.983  -5.744  -9.392  1.00 54.83  ? 394 ASP A O   1 
ATOM   307 C CB  . ASP A 1 41 ? -10.121 -5.422  -6.959  1.00 51.85  ? 394 ASP A CB  1 
ATOM   308 C CG  . ASP A 1 41 ? -11.062 -6.541  -7.360  1.00 70.59  ? 394 ASP A CG  1 
ATOM   309 O OD1 . ASP A 1 41 ? -10.688 -7.721  -7.196  1.00 74.31  ? 394 ASP A OD1 1 
ATOM   310 O OD2 . ASP A 1 41 ? -12.176 -6.240  -7.837  1.00 77.70  ? 394 ASP A OD2 1 
ATOM   311 N N   . ARG A 1 42 ? -6.931  -6.315  -8.672  1.00 49.70  ? 395 ARG A N   1 
ATOM   312 C CA  . ARG A 1 42 ? -6.381  -6.514  -10.012 1.00 53.00  ? 395 ARG A CA  1 
ATOM   313 C C   . ARG A 1 42 ? -5.656  -7.850  -10.137 1.00 57.08  ? 395 ARG A C   1 
ATOM   314 O O   . ARG A 1 42 ? -4.605  -8.049  -9.532  1.00 52.91  ? 395 ARG A O   1 
ATOM   315 C CB  . ARG A 1 42 ? -5.424  -5.379  -10.377 1.00 49.09  ? 395 ARG A CB  1 
ATOM   316 C CG  . ARG A 1 42 ? -6.114  -4.119  -10.851 1.00 48.60  ? 395 ARG A CG  1 
ATOM   317 C CD  . ARG A 1 42 ? -5.129  -2.975  -11.046 1.00 51.26  ? 395 ARG A CD  1 
ATOM   318 N NE  . ARG A 1 42 ? -5.765  -1.834  -11.700 1.00 54.50  ? 395 ARG A NE  1 
ATOM   319 C CZ  . ARG A 1 42 ? -6.589  -0.991  -11.089 1.00 55.36  ? 395 ARG A CZ  1 
ATOM   320 N NH1 . ARG A 1 42 ? -6.877  -1.159  -9.805  1.00 55.53  ? 395 ARG A NH1 1 
ATOM   321 N NH2 . ARG A 1 42 ? -7.128  0.017   -11.759 1.00 52.85  ? 395 ARG A NH2 1 
ATOM   322 N N   . HIS A 1 43 ? -6.217  -8.754  -10.935 1.00 63.09  ? 396 HIS A N   1 
ATOM   323 C CA  . HIS A 1 43 ? -5.610  -10.061 -11.171 1.00 70.69  ? 396 HIS A CA  1 
ATOM   324 C C   . HIS A 1 43 ? -4.339  -9.957  -12.003 1.00 68.02  ? 396 HIS A C   1 
ATOM   325 O O   . HIS A 1 43 ? -4.228  -9.102  -12.880 1.00 72.38  ? 396 HIS A O   1 
ATOM   326 C CB  . HIS A 1 43 ? -6.599  -10.994 -11.869 1.00 87.06  ? 396 HIS A CB  1 
ATOM   327 C CG  . HIS A 1 43 ? -7.649  -11.552 -10.960 1.00 97.65  ? 396 HIS A CG  1 
ATOM   328 N ND1 . HIS A 1 43 ? -8.440  -12.624 -11.308 1.00 107.70 ? 396 HIS A ND1 1 
ATOM   329 C CD2 . HIS A 1 43 ? -8.035  -11.186 -9.714  1.00 92.40  ? 396 HIS A CD2 1 
ATOM   330 C CE1 . HIS A 1 43 ? -9.271  -12.898 -10.315 1.00 108.60 ? 396 HIS A CE1 1 
ATOM   331 N NE2 . HIS A 1 43 ? -9.041  -12.038 -9.338  1.00 105.63 ? 396 HIS A NE2 1 
ATOM   332 N N   . GLY A 1 44 ? -3.384  -10.839 -11.726 1.00 68.10  ? 397 GLY A N   1 
ATOM   333 C CA  . GLY A 1 44 ? -2.132  -10.858 -12.457 1.00 68.63  ? 397 GLY A CA  1 
ATOM   334 C C   . GLY A 1 44 ? -0.942  -11.087 -11.550 1.00 66.44  ? 397 GLY A C   1 
ATOM   335 O O   . GLY A 1 44 ? -1.079  -11.118 -10.328 1.00 67.09  ? 397 GLY A O   1 
ATOM   336 N N   . SER A 1 45 ? 0.231   -11.255 -12.154 1.00 67.21  ? 398 SER A N   1 
ATOM   337 C CA  . SER A 1 45 ? 1.459   -11.448 -11.394 1.00 68.24  ? 398 SER A CA  1 
ATOM   338 C C   . SER A 1 45 ? 2.111   -10.104 -11.093 1.00 54.13  ? 398 SER A C   1 
ATOM   339 O O   . SER A 1 45 ? 2.765   -9.513  -11.954 1.00 54.69  ? 398 SER A O   1 
ATOM   340 C CB  . SER A 1 45 ? 2.429   -12.358 -12.153 1.00 70.79  ? 398 SER A CB  1 
ATOM   341 O OG  . SER A 1 45 ? 2.717   -11.846 -13.442 1.00 70.42  ? 398 SER A OG  1 
ATOM   342 N N   . PHE A 1 46 ? 1.926   -9.618  -9.871  1.00 48.46  ? 399 PHE A N   1 
ATOM   343 C CA  . PHE A 1 46 ? 2.462   -8.321  -9.494  1.00 42.70  ? 399 PHE A CA  1 
ATOM   344 C C   . PHE A 1 46 ? 3.485   -8.411  -8.370  1.00 38.28  ? 399 PHE A C   1 
ATOM   345 O O   . PHE A 1 46 ? 3.517   -9.380  -7.614  1.00 38.71  ? 399 PHE A O   1 
ATOM   346 C CB  . PHE A 1 46 ? 1.333   -7.371  -9.068  1.00 40.27  ? 399 PHE A CB  1 
ATOM   347 C CG  . PHE A 1 46 ? 0.329   -7.087  -10.150 1.00 44.11  ? 399 PHE A CG  1 
ATOM   348 C CD1 . PHE A 1 46 ? 0.629   -6.212  -11.182 1.00 45.04  ? 399 PHE A CD1 1 
ATOM   349 C CD2 . PHE A 1 46 ? -0.918  -7.685  -10.128 1.00 47.40  ? 399 PHE A CD2 1 
ATOM   350 C CE1 . PHE A 1 46 ? -0.291  -5.945  -12.177 1.00 49.07  ? 399 PHE A CE1 1 
ATOM   351 C CE2 . PHE A 1 46 ? -1.845  -7.424  -11.122 1.00 53.33  ? 399 PHE A CE2 1 
ATOM   352 C CZ  . PHE A 1 46 ? -1.532  -6.551  -12.148 1.00 52.13  ? 399 PHE A CZ  1 
ATOM   353 N N   . ARG A 1 47 ? 4.326   -7.386  -8.285  1.00 25.83  ? 400 ARG A N   1 
ATOM   354 C CA  . ARG A 1 47 ? 5.130   -7.127  -7.095  1.00 24.77  ? 400 ARG A CA  1 
ATOM   355 C C   . ARG A 1 47 ? 4.622   -5.841  -6.464  1.00 22.77  ? 400 ARG A C   1 
ATOM   356 O O   . ARG A 1 47 ? 4.158   -4.945  -7.174  1.00 27.38  ? 400 ARG A O   1 
ATOM   357 C CB  . ARG A 1 47 ? 6.614   -7.002  -7.433  1.00 27.55  ? 400 ARG A CB  1 
ATOM   358 C CG  . ARG A 1 47 ? 7.216   -8.220  -8.095  1.00 43.28  ? 400 ARG A CG  1 
ATOM   359 C CD  . ARG A 1 47 ? 8.663   -7.956  -8.486  1.00 46.17  ? 400 ARG A CD  1 
ATOM   360 N NE  . ARG A 1 47 ? 9.520   -7.685  -7.331  1.00 43.70  ? 400 ARG A NE  1 
ATOM   361 C CZ  . ARG A 1 47 ? 10.821  -7.428  -7.423  1.00 40.33  ? 400 ARG A CZ  1 
ATOM   362 N NH1 . ARG A 1 47 ? 11.408  -7.401  -8.612  1.00 32.84  ? 400 ARG A NH1 1 
ATOM   363 N NH2 . ARG A 1 47 ? 11.536  -7.199  -6.331  1.00 44.23  ? 400 ARG A NH2 1 
ATOM   364 N N   . TYR A 1 48 ? 4.710   -5.752  -5.141  1.00 27.06  ? 401 TYR A N   1 
ATOM   365 C CA  . TYR A 1 48 ? 4.156   -4.621  -4.398  1.00 24.42  ? 401 TYR A CA  1 
ATOM   366 C C   . TYR A 1 48 ? 5.212   -3.910  -3.550  1.00 24.91  ? 401 TYR A C   1 
ATOM   367 O O   . TYR A 1 48 ? 5.792   -4.498  -2.638  1.00 28.12  ? 401 TYR A O   1 
ATOM   368 C CB  . TYR A 1 48 ? 3.010   -5.096  -3.505  1.00 23.24  ? 401 TYR A CB  1 
ATOM   369 C CG  . TYR A 1 48 ? 1.972   -5.922  -4.234  1.00 22.52  ? 401 TYR A CG  1 
ATOM   370 C CD1 . TYR A 1 48 ? 0.902   -5.317  -4.876  1.00 28.29  ? 401 TYR A CD1 1 
ATOM   371 C CD2 . TYR A 1 48 ? 2.066   -7.309  -4.284  1.00 24.50  ? 401 TYR A CD2 1 
ATOM   372 C CE1 . TYR A 1 48 ? -0.047  -6.066  -5.548  1.00 25.87  ? 401 TYR A CE1 1 
ATOM   373 C CE2 . TYR A 1 48 ? 1.119   -8.065  -4.949  1.00 30.24  ? 401 TYR A CE2 1 
ATOM   374 C CZ  . TYR A 1 48 ? 0.065   -7.439  -5.580  1.00 28.21  ? 401 TYR A CZ  1 
ATOM   375 O OH  . TYR A 1 48 ? -0.880  -8.189  -6.245  1.00 31.33  ? 401 TYR A OH  1 
ATOM   376 N N   . HIS A 1 49 ? 5.446   -2.639  -3.854  1.00 17.64  ? 402 HIS A N   1 
ATOM   377 C CA  . HIS A 1 49 ? 6.395   -1.814  -3.118  1.00 16.68  ? 402 HIS A CA  1 
ATOM   378 C C   . HIS A 1 49 ? 5.683   -0.675  -2.410  1.00 20.98  ? 402 HIS A C   1 
ATOM   379 O O   . HIS A 1 49 ? 4.764   -0.084  -2.974  1.00 18.33  ? 402 HIS A O   1 
ATOM   380 C CB  . HIS A 1 49 ? 7.452   -1.258  -4.065  1.00 19.05  ? 402 HIS A CB  1 
ATOM   381 C CG  . HIS A 1 49 ? 8.288   -2.320  -4.709  1.00 29.44  ? 402 HIS A CG  1 
ATOM   382 N ND1 . HIS A 1 49 ? 9.471   -2.763  -4.162  1.00 39.36  ? 402 HIS A ND1 1 
ATOM   383 C CD2 . HIS A 1 49 ? 8.104   -3.028  -5.844  1.00 34.29  ? 402 HIS A CD2 1 
ATOM   384 C CE1 . HIS A 1 49 ? 9.987   -3.699  -4.938  1.00 36.05  ? 402 HIS A CE1 1 
ATOM   385 N NE2 . HIS A 1 49 ? 9.176   -3.879  -5.968  1.00 42.05  ? 402 HIS A NE2 1 
ATOM   386 N N   . PHE A 1 50 ? 6.114   -0.364  -1.188  1.00 17.40  ? 403 PHE A N   1 
ATOM   387 C CA  . PHE A 1 50 ? 5.444   0.659   -0.389  1.00 13.98  ? 403 PHE A CA  1 
ATOM   388 C C   . PHE A 1 50 ? 6.409   1.707   0.146   1.00 17.65  ? 403 PHE A C   1 
ATOM   389 O O   . PHE A 1 50 ? 7.483   1.383   0.658   1.00 16.38  ? 403 PHE A O   1 
ATOM   390 C CB  . PHE A 1 50 ? 4.680   0.002   0.765   1.00 14.07  ? 403 PHE A CB  1 
ATOM   391 C CG  . PHE A 1 50 ? 3.664   -1.018  0.308   1.00 18.11  ? 403 PHE A CG  1 
ATOM   392 C CD1 . PHE A 1 50 ? 2.377   -0.631  -0.030  1.00 18.92  ? 403 PHE A CD1 1 
ATOM   393 C CD2 . PHE A 1 50 ? 4.010   -2.353  0.179   1.00 16.82  ? 403 PHE A CD2 1 
ATOM   394 C CE1 . PHE A 1 50 ? 1.446   -1.568  -0.466  1.00 15.43  ? 403 PHE A CE1 1 
ATOM   395 C CE2 . PHE A 1 50 ? 3.086   -3.291  -0.259  1.00 22.64  ? 403 PHE A CE2 1 
ATOM   396 C CZ  . PHE A 1 50 ? 1.801   -2.897  -0.579  1.00 16.81  ? 403 PHE A CZ  1 
ATOM   397 N N   . LYS A 1 51 ? 6.011   2.969   0.027   1.00 20.30  ? 404 LYS A N   1 
ATOM   398 C CA  . LYS A 1 51 ? 6.799   4.073   0.559   1.00 18.76  ? 404 LYS A CA  1 
ATOM   399 C C   . LYS A 1 51 ? 6.851   3.987   2.083   1.00 20.18  ? 404 LYS A C   1 
ATOM   400 O O   . LYS A 1 51 ? 5.831   3.800   2.749   1.00 18.31  ? 404 LYS A O   1 
ATOM   401 C CB  . LYS A 1 51 ? 6.220   5.411   0.102   1.00 23.30  ? 404 LYS A CB  1 
ATOM   402 C CG  . LYS A 1 51 ? 7.124   6.616   0.361   1.00 24.54  ? 404 LYS A CG  1 
ATOM   403 C CD  . LYS A 1 51 ? 6.454   7.903   -0.120  1.00 26.96  ? 404 LYS A CD  1 
ATOM   404 C CE  . LYS A 1 51 ? 7.411   9.092   -0.077  1.00 34.61  ? 404 LYS A CE  1 
ATOM   405 N NZ  . LYS A 1 51 ? 6.804   10.314  -0.687  1.00 46.41  ? 404 LYS A NZ  1 
ATOM   406 N N   . SER A 1 52 ? 8.053   4.125   2.627   1.00 17.43  ? 405 SER A N   1 
ATOM   407 C CA  . SER A 1 52 ? 8.288   3.863   4.036   1.00 25.01  ? 405 SER A CA  1 
ATOM   408 C C   . SER A 1 52 ? 9.451   4.708   4.536   1.00 17.85  ? 405 SER A C   1 
ATOM   409 O O   . SER A 1 52 ? 10.282  5.167   3.749   1.00 16.33  ? 405 SER A O   1 
ATOM   410 C CB  . SER A 1 52 ? 8.571   2.370   4.244   1.00 31.77  ? 405 SER A CB  1 
ATOM   411 O OG  . SER A 1 52 ? 8.791   2.056   5.608   1.00 39.94  ? 405 SER A OG  1 
ATOM   412 N N   . LEU A 1 53 ? 9.513   4.925   5.842   1.00 19.47  ? 406 LEU A N   1 
ATOM   413 C CA  . LEU A 1 53 ? 10.639  5.644   6.417   1.00 24.97  ? 406 LEU A CA  1 
ATOM   414 C C   . LEU A 1 53 ? 11.589  4.663   7.077   1.00 21.82  ? 406 LEU A C   1 
ATOM   415 O O   . LEU A 1 53 ? 11.254  4.064   8.095   1.00 32.20  ? 406 LEU A O   1 
ATOM   416 C CB  . LEU A 1 53 ? 10.168  6.685   7.436   1.00 26.68  ? 406 LEU A CB  1 
ATOM   417 C CG  . LEU A 1 53 ? 11.283  7.499   8.096   1.00 28.53  ? 406 LEU A CG  1 
ATOM   418 C CD1 . LEU A 1 53 ? 12.017  8.341   7.067   1.00 25.07  ? 406 LEU A CD1 1 
ATOM   419 C CD2 . LEU A 1 53 ? 10.741  8.374   9.227   1.00 34.82  ? 406 LEU A CD2 1 
ATOM   420 N N   . ASP A 1 54 ? 12.773  4.492   6.501   1.00 22.85  ? 407 ASP A N   1 
ATOM   421 C CA  . ASP A 1 54 ? 13.785  3.665   7.141   1.00 26.18  ? 407 ASP A CA  1 
ATOM   422 C C   . ASP A 1 54 ? 14.637  4.520   8.077   1.00 28.77  ? 407 ASP A C   1 
ATOM   423 O O   . ASP A 1 54 ? 15.046  5.624   7.721   1.00 30.76  ? 407 ASP A O   1 
ATOM   424 C CB  . ASP A 1 54 ? 14.666  2.972   6.104   1.00 27.29  ? 407 ASP A CB  1 
ATOM   425 C CG  . ASP A 1 54 ? 15.691  2.052   6.743   1.00 41.58  ? 407 ASP A CG  1 
ATOM   426 O OD1 . ASP A 1 54 ? 15.292  0.962   7.203   1.00 43.95  ? 407 ASP A OD1 1 
ATOM   427 O OD2 . ASP A 1 54 ? 16.888  2.414   6.797   1.00 44.63  ? 407 ASP A OD2 1 
ATOM   428 N N   . PRO A 1 55 ? 14.909  4.012   9.282   1.00 28.60  ? 408 PRO A N   1 
ATOM   429 C CA  . PRO A 1 55 ? 15.671  4.811   10.248  1.00 37.98  ? 408 PRO A CA  1 
ATOM   430 C C   . PRO A 1 55 ? 17.106  5.110   9.804   1.00 41.53  ? 408 PRO A C   1 
ATOM   431 O O   . PRO A 1 55 ? 17.676  6.089   10.272  1.00 42.67  ? 408 PRO A O   1 
ATOM   432 C CB  . PRO A 1 55 ? 15.660  3.942   11.512  1.00 42.95  ? 408 PRO A CB  1 
ATOM   433 C CG  . PRO A 1 55 ? 15.351  2.560   11.029  1.00 43.78  ? 408 PRO A CG  1 
ATOM   434 C CD  . PRO A 1 55 ? 14.449  2.737   9.854   1.00 31.39  ? 408 PRO A CD  1 
ATOM   435 N N   . GLU A 1 56 ? 17.675  4.301   8.914   1.00 31.65  ? 409 GLU A N   1 
ATOM   436 C CA  . GLU A 1 56 ? 19.053  4.522   8.483   1.00 35.62  ? 409 GLU A CA  1 
ATOM   437 C C   . GLU A 1 56 ? 19.148  5.253   7.152   1.00 32.63  ? 409 GLU A C   1 
ATOM   438 O O   . GLU A 1 56 ? 20.016  6.110   6.971   1.00 40.11  ? 409 GLU A O   1 
ATOM   439 C CB  . GLU A 1 56 ? 19.806  3.196   8.379   1.00 36.92  ? 409 GLU A CB  1 
ATOM   440 C CG  . GLU A 1 56 ? 20.222  2.607   9.704   1.00 51.81  ? 409 GLU A CG  1 
ATOM   441 C CD  . GLU A 1 56 ? 21.078  1.371   9.534   1.00 57.62  ? 409 GLU A CD  1 
ATOM   442 O OE1 . GLU A 1 56 ? 22.224  1.365   10.031  1.00 55.34  ? 409 GLU A OE1 1 
ATOM   443 O OE2 . GLU A 1 56 ? 20.605  0.407   8.896   1.00 49.80  ? 409 GLU A OE2 1 
ATOM   444 N N   . PHE A 1 57 ? 18.260  4.909   6.224   1.00 28.17  ? 410 PHE A N   1 
ATOM   445 C CA  . PHE A 1 57 ? 18.346  5.409   4.859   1.00 29.26  ? 410 PHE A CA  1 
ATOM   446 C C   . PHE A 1 57 ? 17.347  6.511   4.520   1.00 27.82  ? 410 PHE A C   1 
ATOM   447 O O   . PHE A 1 57 ? 17.457  7.142   3.471   1.00 32.09  ? 410 PHE A O   1 
ATOM   448 C CB  . PHE A 1 57 ? 18.159  4.259   3.871   1.00 25.41  ? 410 PHE A CB  1 
ATOM   449 C CG  . PHE A 1 57 ? 19.270  3.256   3.895   1.00 35.86  ? 410 PHE A CG  1 
ATOM   450 C CD1 . PHE A 1 57 ? 20.580  3.653   3.698   1.00 34.72  ? 410 PHE A CD1 1 
ATOM   451 C CD2 . PHE A 1 57 ? 19.002  1.911   4.088   1.00 35.56  ? 410 PHE A CD2 1 
ATOM   452 C CE1 . PHE A 1 57 ? 21.604  2.733   3.708   1.00 36.13  ? 410 PHE A CE1 1 
ATOM   453 C CE2 . PHE A 1 57 ? 20.025  0.985   4.096   1.00 31.74  ? 410 PHE A CE2 1 
ATOM   454 C CZ  . PHE A 1 57 ? 21.324  1.399   3.904   1.00 38.88  ? 410 PHE A CZ  1 
ATOM   455 N N   . GLY A 1 58 ? 16.366  6.730   5.387   1.00 24.18  ? 411 GLY A N   1 
ATOM   456 C CA  . GLY A 1 58 ? 15.332  7.714   5.108   1.00 22.93  ? 411 GLY A CA  1 
ATOM   457 C C   . GLY A 1 58 ? 14.183  7.128   4.307   1.00 21.09  ? 411 GLY A C   1 
ATOM   458 O O   . GLY A 1 58 ? 13.778  5.991   4.537   1.00 20.99  ? 411 GLY A O   1 
ATOM   459 N N   . THR A 1 59 ? 13.661  7.897   3.355   1.00 20.93  ? 412 THR A N   1 
ATOM   460 C CA  . THR A 1 59 ? 12.536  7.443   2.544   1.00 23.05  ? 412 THR A CA  1 
ATOM   461 C C   . THR A 1 59 ? 12.971  6.347   1.585   1.00 24.00  ? 412 THR A C   1 
ATOM   462 O O   . THR A 1 59 ? 13.909  6.533   0.809   1.00 24.24  ? 412 THR A O   1 
ATOM   463 C CB  . THR A 1 59 ? 11.911  8.600   1.730   1.00 23.77  ? 412 THR A CB  1 
ATOM   464 O OG1 . THR A 1 59 ? 11.444  9.614   2.622   1.00 31.31  ? 412 THR A OG1 1 
ATOM   465 C CG2 . THR A 1 59 ? 10.740  8.096   0.908   1.00 27.33  ? 412 THR A CG2 1 
ATOM   466 N N   . VAL A 1 60 ? 12.292  5.203   1.650   1.00 15.75  ? 413 VAL A N   1 
ATOM   467 C CA  . VAL A 1 60 ? 12.583  4.072   0.778   1.00 15.52  ? 413 VAL A CA  1 
ATOM   468 C C   . VAL A 1 60 ? 11.304  3.441   0.230   1.00 18.33  ? 413 VAL A C   1 
ATOM   469 O O   . VAL A 1 60 ? 10.200  3.732   0.701   1.00 17.63  ? 413 VAL A O   1 
ATOM   470 C CB  . VAL A 1 60 ? 13.377  2.974   1.513   1.00 24.19  ? 413 VAL A CB  1 
ATOM   471 C CG1 . VAL A 1 60 ? 14.743  3.490   1.943   1.00 19.19  ? 413 VAL A CG1 1 
ATOM   472 C CG2 . VAL A 1 60 ? 12.579  2.457   2.712   1.00 21.16  ? 413 VAL A CG2 1 
ATOM   473 N N   . LYS A 1 61 ? 11.468  2.579   -0.767  1.00 15.96  ? 414 LYS A N   1 
ATOM   474 C CA  . LYS A 1 61 ? 10.390  1.711   -1.225  1.00 17.23  ? 414 LYS A CA  1 
ATOM   475 C C   . LYS A 1 61 ? 10.647  0.287   -0.747  1.00 23.15  ? 414 LYS A C   1 
ATOM   476 O O   . LYS A 1 61 ? 11.627  -0.349  -1.146  1.00 20.89  ? 414 LYS A O   1 
ATOM   477 C CB  . LYS A 1 61 ? 10.267  1.750   -2.750  1.00 19.77  ? 414 LYS A CB  1 
ATOM   478 C CG  . LYS A 1 61 ? 9.812   3.101   -3.294  1.00 25.19  ? 414 LYS A CG  1 
ATOM   479 C CD  . LYS A 1 61 ? 9.790   3.106   -4.813  1.00 28.72  ? 414 LYS A CD  1 
ATOM   480 C CE  . LYS A 1 61 ? 9.465   4.491   -5.344  1.00 40.72  ? 414 LYS A CE  1 
ATOM   481 N NZ  . LYS A 1 61 ? 9.439   4.537   -6.832  1.00 45.40  ? 414 LYS A NZ  1 
ATOM   482 N N   . GLU A 1 62 ? 9.757   -0.219  0.100   1.00 23.05  ? 415 GLU A N   1 
ATOM   483 C CA  . GLU A 1 62 ? 9.914   -1.552  0.675   1.00 21.07  ? 415 GLU A CA  1 
ATOM   484 C C   . GLU A 1 62 ? 8.918   -2.548  0.077   1.00 25.43  ? 415 GLU A C   1 
ATOM   485 O O   . GLU A 1 62 ? 7.735   -2.245  -0.053  1.00 22.74  ? 415 GLU A O   1 
ATOM   486 C CB  . GLU A 1 62 ? 9.749   -1.484  2.197   1.00 27.82  ? 415 GLU A CB  1 
ATOM   487 C CG  . GLU A 1 62 ? 9.891   -2.823  2.906   1.00 46.40  ? 415 GLU A CG  1 
ATOM   488 C CD  . GLU A 1 62 ? 9.672   -2.718  4.406   1.00 55.23  ? 415 GLU A CD  1 
ATOM   489 O OE1 . GLU A 1 62 ? 9.582   -1.580  4.918   1.00 52.65  ? 415 GLU A OE1 1 
ATOM   490 O OE2 . GLU A 1 62 ? 9.585   -3.771  5.073   1.00 62.64  ? 415 GLU A OE2 1 
ATOM   491 N N   . GLU A 1 63 ? 9.394   -3.742  -0.276  1.00 24.63  ? 416 GLU A N   1 
ATOM   492 C CA  . GLU A 1 63 ? 8.517   -4.765  -0.842  1.00 26.41  ? 416 GLU A CA  1 
ATOM   493 C C   . GLU A 1 63 ? 7.918   -5.650  0.246   1.00 34.07  ? 416 GLU A C   1 
ATOM   494 O O   . GLU A 1 63 ? 8.576   -5.973  1.237   1.00 37.24  ? 416 GLU A O   1 
ATOM   495 C CB  . GLU A 1 63 ? 9.263   -5.630  -1.864  1.00 29.73  ? 416 GLU A CB  1 
ATOM   496 C CG  . GLU A 1 63 ? 8.347   -6.600  -2.607  1.00 32.39  ? 416 GLU A CG  1 
ATOM   497 C CD  . GLU A 1 63 ? 9.025   -7.297  -3.775  1.00 47.09  ? 416 GLU A CD  1 
ATOM   498 O OE1 . GLU A 1 63 ? 8.348   -8.092  -4.462  1.00 44.70  ? 416 GLU A OE1 1 
ATOM   499 O OE2 . GLU A 1 63 ? 10.228  -7.051  -4.005  1.00 47.45  ? 416 GLU A OE2 1 
ATOM   500 N N   . VAL A 1 64 ? 6.658   -6.025  0.057   1.00 33.93  ? 417 VAL A N   1 
ATOM   501 C CA  . VAL A 1 64 ? 5.949   -6.879  0.997   1.00 34.62  ? 417 VAL A CA  1 
ATOM   502 C C   . VAL A 1 64 ? 5.407   -8.094  0.245   1.00 41.66  ? 417 VAL A C   1 
ATOM   503 O O   . VAL A 1 64 ? 4.848   -7.951  -0.848  1.00 40.09  ? 417 VAL A O   1 
ATOM   504 C CB  . VAL A 1 64 ? 4.812   -6.113  1.696   1.00 32.36  ? 417 VAL A CB  1 
ATOM   505 C CG1 . VAL A 1 64 ? 4.059   -7.018  2.641   1.00 35.19  ? 417 VAL A CG1 1 
ATOM   506 C CG2 . VAL A 1 64 ? 5.372   -4.896  2.444   1.00 33.36  ? 417 VAL A CG2 1 
ATOM   507 N N   . PHE A 1 65 ? 5.588   -9.282  0.827   1.00 39.94  ? 418 PHE A N   1 
ATOM   508 C CA  . PHE A 1 65 ? 5.328   -10.539 0.126   1.00 43.25  ? 418 PHE A CA  1 
ATOM   509 C C   . PHE A 1 65 ? 4.154   -11.340 0.686   1.00 51.80  ? 418 PHE A C   1 
ATOM   510 O O   . PHE A 1 65 ? 3.370   -11.912 -0.073  1.00 50.50  ? 418 PHE A O   1 
ATOM   511 C CB  . PHE A 1 65 ? 6.575   -11.432 0.155   1.00 53.03  ? 418 PHE A CB  1 
ATOM   512 C CG  . PHE A 1 65 ? 7.851   -10.715 -0.177  1.00 53.16  ? 418 PHE A CG  1 
ATOM   513 C CD1 . PHE A 1 65 ? 8.290   -10.626 -1.486  1.00 49.31  ? 418 PHE A CD1 1 
ATOM   514 C CD2 . PHE A 1 65 ? 8.618   -10.143 0.826   1.00 58.53  ? 418 PHE A CD2 1 
ATOM   515 C CE1 . PHE A 1 65 ? 9.467   -9.971  -1.791  1.00 55.76  ? 418 PHE A CE1 1 
ATOM   516 C CE2 . PHE A 1 65 ? 9.796   -9.486  0.529   1.00 55.42  ? 418 PHE A CE2 1 
ATOM   517 C CZ  . PHE A 1 65 ? 10.222  -9.400  -0.781  1.00 61.21  ? 418 PHE A CZ  1 
ATOM   518 N N   . GLN A 1 66 ? 4.052   -11.405 2.011   1.00 50.39  ? 419 GLN A N   1 
ATOM   519 C CA  . GLN A 1 66 ? 3.062   -12.268 2.655   1.00 54.31  ? 419 GLN A CA  1 
ATOM   520 C C   . GLN A 1 66 ? 1.709   -11.579 2.805   1.00 43.62  ? 419 GLN A C   1 
ATOM   521 O O   . GLN A 1 66 ? 1.642   -10.397 3.128   1.00 38.35  ? 419 GLN A O   1 
ATOM   522 C CB  . GLN A 1 66 ? 3.565   -12.728 4.025   1.00 55.57  ? 419 GLN A CB  1 
ATOM   523 C CG  . GLN A 1 66 ? 4.972   -13.302 4.005   1.00 66.34  ? 419 GLN A CG  1 
ATOM   524 C CD  . GLN A 1 66 ? 5.102   -14.504 3.092   1.00 79.18  ? 419 GLN A CD  1 
ATOM   525 O OE1 . GLN A 1 66 ? 4.167   -15.293 2.943   1.00 80.44  ? 419 GLN A OE1 1 
ATOM   526 N NE2 . GLN A 1 66 ? 6.267   -14.649 2.469   1.00 81.66  ? 419 GLN A NE2 1 
ATOM   527 N N   . ASP A 1 67 ? 0.636   -12.330 2.573   1.00 43.15  ? 420 ASP A N   1 
ATOM   528 C CA  . ASP A 1 67 ? -0.719  -11.784 2.624   1.00 40.27  ? 420 ASP A CA  1 
ATOM   529 C C   . ASP A 1 67 ? -1.085  -11.190 3.985   1.00 38.91  ? 420 ASP A C   1 
ATOM   530 O O   . ASP A 1 67 ? -1.813  -10.202 4.054   1.00 35.69  ? 420 ASP A O   1 
ATOM   531 C CB  . ASP A 1 67 ? -1.737  -12.865 2.246   1.00 54.94  ? 420 ASP A CB  1 
ATOM   532 C CG  . ASP A 1 67 ? -1.772  -13.139 0.753   1.00 59.39  ? 420 ASP A CG  1 
ATOM   533 O OD1 . ASP A 1 67 ? -1.546  -12.195 -0.035  1.00 47.87  ? 420 ASP A OD1 1 
ATOM   534 O OD2 . ASP A 1 67 ? -2.029  -14.300 0.369   1.00 71.62  ? 420 ASP A OD2 1 
ATOM   535 N N   . ASP A 1 68 ? -0.586  -11.786 5.064   1.00 41.84  ? 421 ASP A N   1 
ATOM   536 C CA  . ASP A 1 68 ? -0.908  -11.304 6.404   1.00 45.26  ? 421 ASP A CA  1 
ATOM   537 C C   . ASP A 1 68 ? 0.095   -10.269 6.915   1.00 45.09  ? 421 ASP A C   1 
ATOM   538 O O   . ASP A 1 68 ? -0.024  -9.790  8.043   1.00 47.89  ? 421 ASP A O   1 
ATOM   539 C CB  . ASP A 1 68 ? -0.994  -12.476 7.388   1.00 59.99  ? 421 ASP A CB  1 
ATOM   540 C CG  . ASP A 1 68 ? 0.174   -13.436 7.262   1.00 70.71  ? 421 ASP A CG  1 
ATOM   541 O OD1 . ASP A 1 68 ? 1.242   -13.024 6.763   1.00 72.45  ? 421 ASP A OD1 1 
ATOM   542 O OD2 . ASP A 1 68 ? 0.023   -14.608 7.669   1.00 80.69  ? 421 ASP A OD2 1 
ATOM   543 N N   . ALA A 1 69 ? 1.067   -9.913  6.080   1.00 52.30  ? 422 ALA A N   1 
ATOM   544 C CA  . ALA A 1 69 ? 2.106   -8.961  6.475   1.00 43.51  ? 422 ALA A CA  1 
ATOM   545 C C   . ALA A 1 69 ? 1.598   -7.521  6.499   1.00 34.99  ? 422 ALA A C   1 
ATOM   546 O O   . ALA A 1 69 ? 0.880   -7.079  5.599   1.00 30.94  ? 422 ALA A O   1 
ATOM   547 C CB  . ALA A 1 69 ? 3.305   -9.076  5.550   1.00 47.00  ? 422 ALA A CB  1 
ATOM   548 N N   . VAL A 1 70 ? 1.998   -6.795  7.536   1.00 33.23  ? 423 VAL A N   1 
ATOM   549 C CA  . VAL A 1 70 ? 1.580   -5.411  7.747   1.00 35.28  ? 423 VAL A CA  1 
ATOM   550 C C   . VAL A 1 70 ? 2.232   -4.440  6.757   1.00 29.45  ? 423 VAL A C   1 
ATOM   551 O O   . VAL A 1 70 ? 3.440   -4.476  6.548   1.00 34.55  ? 423 VAL A O   1 
ATOM   552 C CB  . VAL A 1 70 ? 1.914   -4.968  9.185   1.00 37.12  ? 423 VAL A CB  1 
ATOM   553 C CG1 . VAL A 1 70 ? 1.503   -3.520  9.425   1.00 31.72  ? 423 VAL A CG1 1 
ATOM   554 C CG2 . VAL A 1 70 ? 1.244   -5.901  10.185  1.00 37.40  ? 423 VAL A CG2 1 
ATOM   555 N N   . ILE A 1 71 ? 1.422   -3.568  6.161   1.00 25.91  ? 424 ILE A N   1 
ATOM   556 C CA  . ILE A 1 71 ? 1.913   -2.592  5.189   1.00 24.31  ? 424 ILE A CA  1 
ATOM   557 C C   . ILE A 1 71 ? 2.474   -1.342  5.869   1.00 27.20  ? 424 ILE A C   1 
ATOM   558 O O   . ILE A 1 71 ? 1.812   -0.737  6.714   1.00 29.68  ? 424 ILE A O   1 
ATOM   559 C CB  . ILE A 1 71 ? 0.794   -2.169  4.211   1.00 22.18  ? 424 ILE A CB  1 
ATOM   560 C CG1 . ILE A 1 71 ? 0.313   -3.371  3.396   1.00 28.22  ? 424 ILE A CG1 1 
ATOM   561 C CG2 . ILE A 1 71 ? 1.262   -1.032  3.304   1.00 20.95  ? 424 ILE A CG2 1 
ATOM   562 C CD1 . ILE A 1 71 ? 1.427   -4.200  2.807   1.00 25.95  ? 424 ILE A CD1 1 
ATOM   563 N N   . PRO A 1 72 ? 3.705   -0.949  5.502   1.00 24.95  ? 425 PRO A N   1 
ATOM   564 C CA  . PRO A 1 72 ? 4.275   0.278   6.064   1.00 25.39  ? 425 PRO A CA  1 
ATOM   565 C C   . PRO A 1 72 ? 3.557   1.502   5.529   1.00 23.66  ? 425 PRO A C   1 
ATOM   566 O O   . PRO A 1 72 ? 3.032   1.486   4.417   1.00 25.71  ? 425 PRO A O   1 
ATOM   567 C CB  . PRO A 1 72 ? 5.730   0.243   5.594   1.00 30.73  ? 425 PRO A CB  1 
ATOM   568 C CG  . PRO A 1 72 ? 5.702   -0.571  4.353   1.00 26.48  ? 425 PRO A CG  1 
ATOM   569 C CD  . PRO A 1 72 ? 4.616   -1.594  4.541   1.00 28.40  ? 425 PRO A CD  1 
ATOM   570 N N   . GLY A 1 73 ? 3.528   2.560   6.323   1.00 27.09  ? 426 GLY A N   1 
ATOM   571 C CA  . GLY A 1 73 ? 2.864   3.772   5.904   1.00 27.73  ? 426 GLY A CA  1 
ATOM   572 C C   . GLY A 1 73 ? 3.848   4.903   5.723   1.00 35.26  ? 426 GLY A C   1 
ATOM   573 O O   . GLY A 1 73 ? 5.006   4.811   6.128   1.00 26.59  ? 426 GLY A O   1 
ATOM   574 N N   . TRP A 1 74 ? 3.380   5.970   5.092   1.00 24.59  ? 427 TRP A N   1 
ATOM   575 C CA  . TRP A 1 74 ? 4.158   7.185   4.979   1.00 26.51  ? 427 TRP A CA  1 
ATOM   576 C C   . TRP A 1 74 ? 3.243   8.355   5.306   1.00 28.50  ? 427 TRP A C   1 
ATOM   577 O O   . TRP A 1 74 ? 2.222   8.554   4.642   1.00 27.25  ? 427 TRP A O   1 
ATOM   578 C CB  . TRP A 1 74 ? 4.765   7.323   3.584   1.00 30.17  ? 427 TRP A CB  1 
ATOM   579 C CG  . TRP A 1 74 ? 5.695   8.489   3.475   1.00 41.05  ? 427 TRP A CG  1 
ATOM   580 C CD1 . TRP A 1 74 ? 6.971   8.568   3.951   1.00 42.49  ? 427 TRP A CD1 1 
ATOM   581 C CD2 . TRP A 1 74 ? 5.417   9.748   2.859   1.00 47.66  ? 427 TRP A CD2 1 
ATOM   582 N NE1 . TRP A 1 74 ? 7.506   9.802   3.668   1.00 47.61  ? 427 TRP A NE1 1 
ATOM   583 C CE2 . TRP A 1 74 ? 6.569   10.547  2.996   1.00 51.16  ? 427 TRP A CE2 1 
ATOM   584 C CE3 . TRP A 1 74 ? 4.302   10.281  2.202   1.00 54.75  ? 427 TRP A CE3 1 
ATOM   585 C CZ2 . TRP A 1 74 ? 6.642   11.845  2.500   1.00 63.99  ? 427 TRP A CZ2 1 
ATOM   586 C CZ3 . TRP A 1 74 ? 4.375   11.570  1.711   1.00 64.14  ? 427 TRP A CZ3 1 
ATOM   587 C CH2 . TRP A 1 74 ? 5.538   12.338  1.862   1.00 64.90  ? 427 TRP A CH2 1 
ATOM   588 N N   . GLU A 1 75 ? 3.608   9.101   6.346   1.00 29.87  ? 428 GLU A N   1 
ATOM   589 C CA  . GLU A 1 75 ? 2.803   10.207  6.850   1.00 36.21  ? 428 GLU A CA  1 
ATOM   590 C C   . GLU A 1 75 ? 1.330   9.819   7.004   1.00 31.75  ? 428 GLU A C   1 
ATOM   591 O O   . GLU A 1 75 ? 0.438   10.547  6.574   1.00 36.97  ? 428 GLU A O   1 
ATOM   592 C CB  . GLU A 1 75 ? 2.947   11.427  5.936   1.00 33.18  ? 428 GLU A CB  1 
ATOM   593 C CG  . GLU A 1 75 ? 4.377   11.944  5.852   1.00 50.80  ? 428 GLU A CG  1 
ATOM   594 C CD  . GLU A 1 75 ? 4.479   13.309  5.198   1.00 61.90  ? 428 GLU A CD  1 
ATOM   595 O OE1 . GLU A 1 75 ? 3.483   13.765  4.599   1.00 62.74  ? 428 GLU A OE1 1 
ATOM   596 O OE2 . GLU A 1 75 ? 5.560   13.930  5.292   1.00 59.29  ? 428 GLU A OE2 1 
ATOM   597 N N   . GLY A 1 76 ? 1.093   8.654   7.603   1.00 28.78  ? 429 GLY A N   1 
ATOM   598 C CA  . GLY A 1 76 ? -0.248  8.226   7.960   1.00 33.62  ? 429 GLY A CA  1 
ATOM   599 C C   . GLY A 1 76 ? -1.087  7.684   6.818   1.00 31.84  ? 429 GLY A C   1 
ATOM   600 O O   . GLY A 1 76 ? -2.255  7.344   7.003   1.00 29.71  ? 429 GLY A O   1 
ATOM   601 N N   . LYS A 1 77 ? -0.494  7.604   5.633   1.00 26.40  ? 430 LYS A N   1 
ATOM   602 C CA  . LYS A 1 77 ? -1.188  7.068   4.469   1.00 23.67  ? 430 LYS A CA  1 
ATOM   603 C C   . LYS A 1 77 ? -0.375  5.932   3.868   1.00 24.30  ? 430 LYS A C   1 
ATOM   604 O O   . LYS A 1 77 ? 0.709   5.612   4.351   1.00 24.56  ? 430 LYS A O   1 
ATOM   605 C CB  . LYS A 1 77 ? -1.435  8.167   3.431   1.00 26.76  ? 430 LYS A CB  1 
ATOM   606 C CG  . LYS A 1 77 ? -2.283  9.322   3.957   1.00 42.03  ? 430 LYS A CG  1 
ATOM   607 C CD  . LYS A 1 77 ? -2.283  10.507  3.010   1.00 45.40  ? 430 LYS A CD  1 
ATOM   608 C CE  . LYS A 1 77 ? -0.927  11.199  2.971   1.00 37.02  ? 430 LYS A CE  1 
ATOM   609 N NZ  . LYS A 1 77 ? -0.612  11.900  4.252   1.00 38.83  ? 430 LYS A NZ  1 
ATOM   610 N N   . ILE A 1 78 ? -0.903  5.314   2.822   1.00 14.04  ? 431 ILE A N   1 
ATOM   611 C CA  . ILE A 1 78 ? -0.151  4.297   2.096   1.00 16.37  ? 431 ILE A CA  1 
ATOM   612 C C   . ILE A 1 78 ? 0.099   4.786   0.675   1.00 15.17  ? 431 ILE A C   1 
ATOM   613 O O   . ILE A 1 78 ? -0.828  5.201   -0.012  1.00 16.42  ? 431 ILE A O   1 
ATOM   614 C CB  . ILE A 1 78 ? -0.889  2.950   2.064   1.00 15.43  ? 431 ILE A CB  1 
ATOM   615 C CG1 . ILE A 1 78 ? -0.983  2.363   3.474   1.00 19.70  ? 431 ILE A CG1 1 
ATOM   616 C CG2 . ILE A 1 78 ? -0.180  1.965   1.125   1.00 19.12  ? 431 ILE A CG2 1 
ATOM   617 C CD1 . ILE A 1 78 ? -2.007  1.254   3.617   1.00 20.20  ? 431 ILE A CD1 1 
ATOM   618 N N   . VAL A 1 79 ? 1.360   4.747   0.250   1.00 13.15  ? 432 VAL A N   1 
ATOM   619 C CA  . VAL A 1 79 ? 1.728   5.053   -1.124  1.00 12.40  ? 432 VAL A CA  1 
ATOM   620 C C   . VAL A 1 79 ? 2.444   3.844   -1.709  1.00 13.68  ? 432 VAL A C   1 
ATOM   621 O O   . VAL A 1 79 ? 3.475   3.410   -1.183  1.00 12.94  ? 432 VAL A O   1 
ATOM   622 C CB  . VAL A 1 79 ? 2.641   6.289   -1.231  1.00 16.60  ? 432 VAL A CB  1 
ATOM   623 C CG1 . VAL A 1 79 ? 2.935   6.592   -2.692  1.00 19.91  ? 432 VAL A CG1 1 
ATOM   624 C CG2 . VAL A 1 79 ? 1.996   7.480   -0.544  1.00 18.96  ? 432 VAL A CG2 1 
ATOM   625 N N   . ALA A 1 80 ? 1.894   3.309   -2.791  1.00 13.68  ? 433 ALA A N   1 
ATOM   626 C CA  . ALA A 1 80 ? 2.321   2.016   -3.319  1.00 18.09  ? 433 ALA A CA  1 
ATOM   627 C C   . ALA A 1 80 ? 2.604   2.025   -4.818  1.00 16.10  ? 433 ALA A C   1 
ATOM   628 O O   . ALA A 1 80 ? 2.034   2.803   -5.580  1.00 16.31  ? 433 ALA A O   1 
ATOM   629 C CB  . ALA A 1 80 ? 1.262   0.953   -3.012  1.00 18.53  ? 433 ALA A CB  1 
ATOM   630 N N   . TRP A 1 81 ? 3.500   1.137   -5.224  1.00 17.39  ? 434 TRP A N   1 
ATOM   631 C CA  . TRP A 1 81 ? 3.760   0.891   -6.630  1.00 19.03  ? 434 TRP A CA  1 
ATOM   632 C C   . TRP A 1 81 ? 3.449   -0.569  -6.911  1.00 20.92  ? 434 TRP A C   1 
ATOM   633 O O   . TRP A 1 81 ? 4.005   -1.466  -6.274  1.00 23.59  ? 434 TRP A O   1 
ATOM   634 C CB  . TRP A 1 81 ? 5.206   1.229   -6.999  1.00 25.19  ? 434 TRP A CB  1 
ATOM   635 C CG  . TRP A 1 81 ? 5.473   2.703   -6.978  1.00 24.67  ? 434 TRP A CG  1 
ATOM   636 C CD1 . TRP A 1 81 ? 5.510   3.551   -8.052  1.00 29.50  ? 434 TRP A CD1 1 
ATOM   637 C CD2 . TRP A 1 81 ? 5.720   3.509   -5.822  1.00 23.37  ? 434 TRP A CD2 1 
ATOM   638 N NE1 . TRP A 1 81 ? 5.765   4.837   -7.631  1.00 24.91  ? 434 TRP A NE1 1 
ATOM   639 C CE2 . TRP A 1 81 ? 5.902   4.836   -6.267  1.00 23.00  ? 434 TRP A CE2 1 
ATOM   640 C CE3 . TRP A 1 81 ? 5.808   3.237   -4.452  1.00 24.80  ? 434 TRP A CE3 1 
ATOM   641 C CZ2 . TRP A 1 81 ? 6.167   5.890   -5.389  1.00 21.32  ? 434 TRP A CZ2 1 
ATOM   642 C CZ3 . TRP A 1 81 ? 6.074   4.284   -3.581  1.00 28.28  ? 434 TRP A CZ3 1 
ATOM   643 C CH2 . TRP A 1 81 ? 6.252   5.593   -4.055  1.00 29.91  ? 434 TRP A CH2 1 
ATOM   644 N N   . VAL A 1 82 ? 2.542   -0.789  -7.854  1.00 23.28  ? 435 VAL A N   1 
ATOM   645 C CA  . VAL A 1 82 ? 2.119   -2.127  -8.248  1.00 23.71  ? 435 VAL A CA  1 
ATOM   646 C C   . VAL A 1 82 ? 2.685   -2.446  -9.627  1.00 25.75  ? 435 VAL A C   1 
ATOM   647 O O   . VAL A 1 82 ? 2.219   -1.908  -10.630 1.00 28.85  ? 435 VAL A O   1 
ATOM   648 C CB  . VAL A 1 82 ? 0.581   -2.240  -8.267  1.00 24.39  ? 435 VAL A CB  1 
ATOM   649 C CG1 . VAL A 1 82 ? 0.146   -3.630  -8.710  1.00 32.91  ? 435 VAL A CG1 1 
ATOM   650 C CG2 . VAL A 1 82 ? -0.001  -1.891  -6.892  1.00 22.63  ? 435 VAL A CG2 1 
ATOM   651 N N   . GLU A 1 83 ? 3.695   -3.313  -9.673  1.00 34.90  ? 436 GLU A N   1 
ATOM   652 C CA  . GLU A 1 83 ? 4.427   -3.568  -10.914 1.00 44.03  ? 436 GLU A CA  1 
ATOM   653 C C   . GLU A 1 83 ? 4.198   -4.975  -11.448 1.00 42.06  ? 436 GLU A C   1 
ATOM   654 O O   . GLU A 1 83 ? 4.299   -5.947  -10.706 1.00 36.38  ? 436 GLU A O   1 
ATOM   655 C CB  . GLU A 1 83 ? 5.927   -3.340  -10.704 1.00 48.91  ? 436 GLU A CB  1 
ATOM   656 C CG  . GLU A 1 83 ? 6.303   -1.914  -10.322 1.00 63.31  ? 436 GLU A CG  1 
ATOM   657 C CD  . GLU A 1 83 ? 7.797   -1.741  -10.118 1.00 76.31  ? 436 GLU A CD  1 
ATOM   658 O OE1 . GLU A 1 83 ? 8.536   -2.737  -10.266 1.00 82.51  ? 436 GLU A OE1 1 
ATOM   659 O OE2 . GLU A 1 83 ? 8.233   -0.611  -9.809  1.00 77.27  ? 436 GLU A OE2 1 
ATOM   660 N N   . GLU A 1 84 ? 3.901   -5.077  -12.740 1.00 46.79  ? 437 GLU A N   1 
ATOM   661 C CA  . GLU A 1 84 ? 3.667   -6.371  -13.370 1.00 58.01  ? 437 GLU A CA  1 
ATOM   662 C C   . GLU A 1 84 ? 4.984   -7.034  -13.755 1.00 57.79  ? 437 GLU A C   1 
ATOM   663 O O   . GLU A 1 84 ? 5.249   -8.174  -13.376 1.00 70.63  ? 437 GLU A O   1 
ATOM   664 C CB  . GLU A 1 84 ? 2.776   -6.224  -14.607 1.00 63.14  ? 437 GLU A CB  1 
ATOM   665 C CG  . GLU A 1 84 ? 3.491   -5.646  -15.820 1.00 73.70  ? 437 GLU A CG  1 
ATOM   666 C CD  . GLU A 1 84 ? 2.692   -5.800  -17.105 1.00 77.23  ? 437 GLU A CD  1 
ATOM   667 O OE1 . GLU A 1 84 ? 1.462   -6.006  -17.025 1.00 75.75  ? 437 GLU A OE1 1 
ATOM   668 O OE2 . GLU A 1 84 ? 3.298   -5.721  -18.195 1.00 78.75  ? 437 GLU A OE2 1 
HETATM 669 O O   . HOH B 2 .  ? 10.952  0.096   5.471   1.00 53.05  ? 501 HOH A O   1 
HETATM 670 O O   . HOH B 2 .  ? -7.068  7.822   7.707   1.00 54.51  ? 502 HOH A O   1 
HETATM 671 O O   . HOH B 2 .  ? -8.053  -8.311  6.841   1.00 28.07  ? 503 HOH A O   1 
HETATM 672 O O   . HOH B 2 .  ? 5.364   -6.054  6.929   1.00 43.50  ? 504 HOH A O   1 
HETATM 673 O O   . HOH B 2 .  ? -0.320  -10.470 -7.222  1.00 43.62  ? 505 HOH A O   1 
HETATM 674 O O   . HOH B 2 .  ? 1.492   -2.162  -13.090 1.00 45.00  ? 506 HOH A O   1 
HETATM 675 O O   . HOH B 2 .  ? -3.843  7.501   9.028   1.00 52.41  ? 507 HOH A O   1 
HETATM 676 O O   . HOH B 2 .  ? -5.674  -9.278  7.070   1.00 44.25  ? 508 HOH A O   1 
HETATM 677 O O   . HOH B 2 .  ? 16.250  7.811   0.755   1.00 34.01  ? 509 HOH A O   1 
HETATM 678 O O   . HOH B 2 .  ? 9.298   -6.261  3.805   1.00 51.41  ? 510 HOH A O   1 
HETATM 679 O O   . HOH B 2 .  ? -5.622  -7.250  -6.481  1.00 31.77  ? 511 HOH A O   1 
HETATM 680 O O   . HOH B 2 .  ? 3.216   3.324   2.197   1.00 19.23  ? 512 HOH A O   1 
HETATM 681 O O   . HOH B 2 .  ? -5.075  4.800   9.442   1.00 35.25  ? 513 HOH A O   1 
HETATM 682 O O   . HOH B 2 .  ? -8.225  -1.324  12.076  1.00 32.19  ? 514 HOH A O   1 
HETATM 683 O O   . HOH B 2 .  ? -4.713  7.749   5.882   1.00 31.01  ? 515 HOH A O   1 
HETATM 684 O O   . HOH B 2 .  ? 2.669   6.876   8.957   1.00 32.82  ? 516 HOH A O   1 
HETATM 685 O O   . HOH B 2 .  ? -11.727 -0.898  -4.634  1.00 44.92  ? 517 HOH A O   1 
HETATM 686 O O   . HOH B 2 .  ? -0.534  4.799   -11.956 1.00 28.03  ? 518 HOH A O   1 
HETATM 687 O O   . HOH B 2 .  ? -0.732  -1.011  7.786   1.00 30.86  ? 519 HOH A O   1 
HETATM 688 O O   . HOH B 2 .  ? 2.180   0.123   9.327   1.00 39.21  ? 520 HOH A O   1 
HETATM 689 O O   . HOH B 2 .  ? -9.419  -3.925  1.826   1.00 31.07  ? 521 HOH A O   1 
HETATM 690 O O   . HOH B 2 .  ? 7.784   13.027  6.756   1.00 34.31  ? 522 HOH A O   1 
HETATM 691 O O   . HOH B 2 .  ? 8.897   6.845   -8.355  1.00 50.36  ? 523 HOH A O   1 
HETATM 692 O O   . HOH B 2 .  ? 5.617   -8.142  -3.736  1.00 33.44  ? 524 HOH A O   1 
HETATM 693 O O   . HOH B 2 .  ? 6.144   -9.577  3.589   1.00 38.58  ? 525 HOH A O   1 
HETATM 694 O O   . HOH B 2 .  ? 6.669   9.650   -3.448  1.00 56.67  ? 526 HOH A O   1 
HETATM 695 O O   . HOH B 2 .  ? -6.862  -10.140 -1.161  1.00 21.92  ? 527 HOH A O   1 
HETATM 696 O O   . HOH B 2 .  ? 12.678  -0.247  7.297   1.00 37.13  ? 528 HOH A O   1 
HETATM 697 O O   . HOH B 2 .  ? -9.856  -8.999  -4.729  1.00 40.36  ? 529 HOH A O   1 
HETATM 698 O O   . HOH B 2 .  ? 11.747  -3.009  -2.306  1.00 40.76  ? 530 HOH A O   1 
HETATM 699 O O   . HOH B 2 .  ? 4.058   2.514   9.183   1.00 41.96  ? 531 HOH A O   1 
HETATM 700 O O   . HOH B 2 .  ? -8.812  1.795   -7.659  1.00 39.11  ? 532 HOH A O   1 
HETATM 701 O O   . HOH B 2 .  ? -12.225 3.478   -2.138  1.00 52.28  ? 533 HOH A O   1 
HETATM 702 O O   . HOH B 2 .  ? 1.666   11.753  -9.176  1.00 33.25  ? 534 HOH A O   1 
HETATM 703 O O   . HOH B 2 .  ? -2.968  -6.568  -7.528  1.00 39.42  ? 535 HOH A O   1 
HETATM 704 O O   . HOH B 2 .  ? 8.669   12.431  0.201   1.00 51.19  ? 536 HOH A O   1 
HETATM 705 O O   . HOH B 2 .  ? -3.088  8.791   -16.670 1.00 45.52  ? 537 HOH A O   1 
HETATM 706 O O   . HOH B 2 .  ? 3.746   4.763   -13.054 1.00 48.28  ? 538 HOH A O   1 
HETATM 707 O O   . HOH B 2 .  ? 14.934  10.602  2.894   1.00 32.85  ? 539 HOH A O   1 
HETATM 708 O O   . HOH B 2 .  ? -0.953  12.957  -13.472 1.00 48.34  ? 540 HOH A O   1 
HETATM 709 O O   . HOH B 2 .  ? 20.211  7.725   2.333   1.00 49.53  ? 541 HOH A O   1 
HETATM 710 O O   . HOH B 2 .  ? -1.698  -9.786  10.595  1.00 54.31  ? 542 HOH A O   1 
HETATM 711 O O   . HOH B 2 .  ? 11.566  -5.396  1.463   1.00 51.08  ? 543 HOH A O   1 
HETATM 712 O O   . HOH B 2 .  ? 4.211   10.009  -4.831  1.00 47.62  ? 544 HOH A O   1 
HETATM 713 O O   . HOH B 2 .  ? 2.833   -10.500 -16.193 1.00 50.31  ? 545 HOH A O   1 
HETATM 714 O O   . HOH B 2 .  ? 6.079   7.509   -9.130  1.00 39.21  ? 546 HOH A O   1 
HETATM 715 O O   . HOH B 2 .  ? 6.436   8.782   7.586   1.00 32.75  ? 547 HOH A O   1 
HETATM 716 O O   . HOH B 2 .  ? -10.151 -5.600  4.065   1.00 38.68  ? 548 HOH A O   1 
HETATM 717 O O   . HOH B 2 .  ? 0.986   -15.221 1.488   1.00 48.02  ? 549 HOH A O   1 
HETATM 718 O O   . HOH B 2 .  ? 11.394  11.791  0.305   1.00 54.34  ? 550 HOH A O   1 
HETATM 719 O O   . HOH B 2 .  ? 3.978   0.816   -11.103 1.00 46.02  ? 551 HOH A O   1 
HETATM 720 O O   . HOH B 2 .  ? -2.559  -4.958  15.794  1.00 60.62  ? 552 HOH A O   1 
HETATM 721 O O   . HOH B 2 .  ? 2.778   -11.410 -3.254  1.00 48.52  ? 553 HOH A O   1 
HETATM 722 O O   . HOH B 2 .  ? 0.447   -13.487 -8.641  1.00 48.90  ? 554 HOH A O   1 
HETATM 723 O O   . HOH B 2 .  ? 6.659   -4.019  7.253   1.00 58.95  ? 555 HOH A O   1 
HETATM 724 O O   . HOH B 2 .  ? 23.272  5.631   6.415   1.00 47.44  ? 556 HOH A O   1 
HETATM 725 O O   . HOH B 2 .  ? -0.024  -14.647 -11.704 1.00 53.38  ? 557 HOH A O   1 
HETATM 726 O O   . HOH B 2 .  ? -7.637  -9.693  -3.924  1.00 36.62  ? 558 HOH A O   1 
HETATM 727 O O   . HOH B 2 .  ? 4.850   3.374   -11.899 1.00 51.86  ? 559 HOH A O   1 
HETATM 728 O O   . HOH B 2 .  ? -2.599  -7.353  11.232  1.00 39.25  ? 560 HOH A O   1 
HETATM 729 O O   . HOH B 2 .  ? -14.698 6.987   -1.554  1.00 62.35  ? 561 HOH A O   1 
HETATM 730 O O   . HOH B 2 .  ? -6.081  -9.958  -6.072  1.00 37.34  ? 562 HOH A O   1 
HETATM 731 O O   . HOH B 2 .  ? -11.588 -3.373  0.462   1.00 52.21  ? 563 HOH A O   1 
HETATM 732 O O   . HOH B 2 .  ? -0.758  -15.528 -4.347  1.00 58.18  ? 564 HOH A O   1 
HETATM 733 O O   . HOH B 2 .  ? 2.368   13.297  -13.200 1.00 60.03  ? 565 HOH A O   1 
HETATM 734 O O   . HOH B 2 .  ? 7.017   -7.796  5.198   1.00 40.80  ? 566 HOH A O   1 
# 
loop_
_atom_site_anisotrop.id 
_atom_site_anisotrop.type_symbol 
_atom_site_anisotrop.pdbx_label_atom_id 
_atom_site_anisotrop.pdbx_label_alt_id 
_atom_site_anisotrop.pdbx_label_comp_id 
_atom_site_anisotrop.pdbx_label_asym_id 
_atom_site_anisotrop.pdbx_label_seq_id 
_atom_site_anisotrop.pdbx_PDB_ins_code 
_atom_site_anisotrop.U[1][1] 
_atom_site_anisotrop.U[2][2] 
_atom_site_anisotrop.U[3][3] 
_atom_site_anisotrop.U[1][2] 
_atom_site_anisotrop.U[1][3] 
_atom_site_anisotrop.U[2][3] 
_atom_site_anisotrop.pdbx_auth_seq_id 
_atom_site_anisotrop.pdbx_auth_comp_id 
_atom_site_anisotrop.pdbx_auth_asym_id 
_atom_site_anisotrop.pdbx_auth_atom_id 
1   N N   . PRO A 2  ? 1.0778 1.8411 0.7265 0.0931  0.3367  -0.1728 355 PRO A N   
2   C CA  . PRO A 2  ? 0.9927 1.8065 0.6817 0.0769  0.3132  -0.1316 355 PRO A CA  
3   C C   . PRO A 2  ? 0.9257 1.7490 0.6789 0.0798  0.2929  -0.1104 355 PRO A C   
4   O O   . PRO A 2  ? 0.8890 1.7473 0.6878 0.0731  0.2803  -0.0763 355 PRO A O   
5   C CB  . PRO A 2  ? 0.9964 1.8400 0.7030 0.0910  0.3391  -0.1187 355 PRO A CB  
6   C CG  . PRO A 2  ? 1.1144 1.9265 0.7665 0.1028  0.3725  -0.1532 355 PRO A CG  
7   C CD  . PRO A 2  ? 1.1103 1.8703 0.7457 0.1132  0.3763  -0.1854 355 PRO A CD  
8   N N   . ALA A 3  ? 0.8784 1.6661 0.6334 0.0887  0.2893  -0.1315 356 ALA A N   
9   C CA  . ALA A 3  ? 0.8538 1.6461 0.6686 0.0923  0.2718  -0.1143 356 ALA A CA  
10  C C   . ALA A 3  ? 0.8317 1.6443 0.6595 0.0609  0.2366  -0.0857 356 ALA A C   
11  O O   . ALA A 3  ? 0.8819 1.6906 0.6657 0.0370  0.2218  -0.0883 356 ALA A O   
12  C CB  . ALA A 3  ? 0.8741 1.6195 0.6829 0.1075  0.2741  -0.1465 356 ALA A CB  
13  N N   . ALA A 4  ? 0.6666 1.4960 0.5561 0.0593  0.2232  -0.0570 357 ALA A N   
14  C CA  . ALA A 4  ? 0.6064 1.4470 0.5156 0.0299  0.1920  -0.0281 357 ALA A CA  
15  C C   . ALA A 4  ? 0.5882 1.4008 0.4797 0.0162  0.1731  -0.0427 357 ALA A C   
16  O O   . ALA A 4  ? 0.5999 1.3847 0.4858 0.0334  0.1806  -0.0709 357 ALA A O   
17  C CB  . ALA A 4  ? 0.5613 1.4123 0.5349 0.0305  0.1828  0.0028  357 ALA A CB  
18  N N   . ALA A 5  ? 0.5620 1.3778 0.4456 -0.0145 0.1480  -0.0236 358 ALA A N   
19  C CA  . ALA A 5  ? 0.5451 1.3323 0.4101 -0.0322 0.1269  -0.0330 358 ALA A CA  
20  C C   . ALA A 5  ? 0.4853 1.2530 0.4062 -0.0264 0.1172  -0.0281 358 ALA A C   
21  O O   . ALA A 5  ? 0.4411 1.2310 0.4171 -0.0212 0.1205  -0.0045 358 ALA A O   
22  C CB  . ALA A 5  ? 0.5264 1.3191 0.3846 -0.0662 0.1013  -0.0054 358 ALA A CB  
23  N N   . SER A 6  ? 0.4918 1.1948 0.4021 -0.0279 0.0967  -0.0500 359 SER A N   
24  C CA  . SER A 6  ? 0.4401 1.1101 0.4039 -0.0232 0.0825  -0.0472 359 SER A CA  
25  C C   . SER A 6  ? 0.4392 1.0412 0.3869 -0.0378 0.0514  -0.0617 359 SER A C   
26  O O   . SER A 6  ? 0.4954 1.0605 0.3891 -0.0358 0.0485  -0.0912 359 SER A O   
27  C CB  . SER A 6  ? 0.4557 1.1213 0.4405 0.0128  0.1060  -0.0680 359 SER A CB  
28  O OG  . SER A 6  ? 0.4040 1.0438 0.4427 0.0161  0.0919  -0.0622 359 SER A OG  
29  N N   . THR A 7  ? 0.2437 0.4413 0.2799 -0.0661 0.0746  -0.0726 360 THR A N   
30  C CA  . THR A 7  ? 0.2565 0.4539 0.2821 -0.0700 0.0696  -0.0848 360 THR A CA  
31  C C   . THR A 7  ? 0.2482 0.3958 0.2895 -0.0712 0.0744  -0.0841 360 THR A C   
32  O O   . THR A 7  ? 0.2362 0.3466 0.2765 -0.0616 0.0630  -0.0583 360 THR A O   
33  C CB  . THR A 7  ? 0.2130 0.4443 0.2135 -0.0556 0.0578  -0.0607 360 THR A CB  
34  O OG1 . THR A 7  ? 0.3166 0.5995 0.3101 -0.0514 0.0539  -0.0545 360 THR A OG1 
35  C CG2 . THR A 7  ? 0.1827 0.4291 0.1782 -0.0595 0.0511  -0.0704 360 THR A CG2 
36  N N   . LYS A 8  ? 0.2256 0.3553 0.2750 -0.0816 0.0821  -0.1072 361 LYS A N   
37  C CA  . LYS A 8  ? 0.2633 0.3474 0.3290 -0.0796 0.0870  -0.1018 361 LYS A CA  
38  C C   . LYS A 8  ? 0.1684 0.2583 0.2113 -0.0728 0.0699  -0.0874 361 LYS A C   
39  O O   . LYS A 8  ? 0.1921 0.3281 0.2199 -0.0798 0.0688  -0.0982 361 LYS A O   
40  C CB  . LYS A 8  ? 0.3880 0.4433 0.4692 -0.0932 0.1097  -0.1299 361 LYS A CB  
41  C CG  . LYS A 8  ? 0.5208 0.5240 0.6269 -0.0837 0.1222  -0.1154 361 LYS A CG  
42  C CD  . LYS A 8  ? 0.6362 0.6119 0.7561 -0.0924 0.1549  -0.1351 361 LYS A CD  
43  C CE  . LYS A 8  ? 0.6766 0.6040 0.8262 -0.0720 0.1738  -0.1091 361 LYS A CE  
44  N NZ  . LYS A 8  ? 0.7122 0.6106 0.8776 -0.0813 0.2125  -0.1196 361 LYS A NZ  
45  N N   . VAL A 9  ? 0.1826 0.2330 0.2208 -0.0587 0.0562  -0.0623 362 VAL A N   
46  C CA  . VAL A 9  ? 0.1604 0.2085 0.1724 -0.0472 0.0438  -0.0481 362 VAL A CA  
47  C C   . VAL A 9  ? 0.1979 0.2135 0.2180 -0.0443 0.0415  -0.0417 362 VAL A C   
48  O O   . VAL A 9  ? 0.2292 0.2165 0.2601 -0.0408 0.0371  -0.0290 362 VAL A O   
49  C CB  . VAL A 9  ? 0.2087 0.2361 0.1932 -0.0338 0.0329  -0.0257 362 VAL A CB  
50  C CG1 . VAL A 9  ? 0.2261 0.2373 0.1795 -0.0169 0.0277  -0.0127 362 VAL A CG1 
51  C CG2 . VAL A 9  ? 0.2787 0.3427 0.2548 -0.0316 0.0381  -0.0229 362 VAL A CG2 
52  N N   . LEU A 10 ? 0.1502 0.1840 0.1666 -0.0466 0.0449  -0.0480 363 LEU A N   
53  C CA  . LEU A 10 ? 0.1602 0.1725 0.1806 -0.0415 0.0434  -0.0375 363 LEU A CA  
54  C C   . LEU A 10 ? 0.2789 0.2975 0.2641 -0.0230 0.0308  -0.0230 363 LEU A C   
55  O O   . LEU A 10 ? 0.2267 0.2858 0.1951 -0.0175 0.0318  -0.0241 363 LEU A O   
56  C CB  . LEU A 10 ? 0.1576 0.1823 0.2007 -0.0605 0.0619  -0.0545 363 LEU A CB  
57  C CG  . LEU A 10 ? 0.3073 0.3086 0.3627 -0.0558 0.0666  -0.0393 363 LEU A CG  
58  C CD1 . LEU A 10 ? 0.2985 0.2585 0.3835 -0.0496 0.0792  -0.0267 363 LEU A CD1 
59  C CD2 . LEU A 10 ? 0.2902 0.3138 0.3557 -0.0791 0.0832  -0.0552 363 LEU A CD2 
60  N N   . TYR A 11 ? 0.2216 0.2081 0.1938 -0.0117 0.0218  -0.0086 364 TYR A N   
61  C CA  . TYR A 11 ? 0.1988 0.1816 0.1335 0.0078  0.0168  0.0013  364 TYR A CA  
62  C C   . TYR A 11 ? 0.2211 0.1934 0.1516 0.0138  0.0126  0.0102  364 TYR A C   
63  O O   . TYR A 11 ? 0.2381 0.1991 0.1854 0.0067  0.0088  0.0152  364 TYR A O   
64  C CB  . TYR A 11 ? 0.2140 0.1601 0.1139 0.0173  0.0143  0.0057  364 TYR A CB  
65  C CG  . TYR A 11 ? 0.2788 0.1845 0.1716 0.0050  0.0061  0.0047  364 TYR A CG  
66  C CD1 . TYR A 11 ? 0.2621 0.1691 0.1785 -0.0128 0.0030  0.0021  364 TYR A CD1 
67  C CD2 . TYR A 11 ? 0.3552 0.2314 0.2147 0.0091  0.0023  0.0049  364 TYR A CD2 
68  C CE1 . TYR A 11 ? 0.2818 0.1738 0.1930 -0.0288 -0.0056 0.0027  364 TYR A CE1 
69  C CE2 . TYR A 11 ? 0.3302 0.1877 0.1804 -0.0112 -0.0060 -0.0003 364 TYR A CE2 
70  C CZ  . TYR A 11 ? 0.3542 0.2254 0.2320 -0.0311 -0.0110 0.0000  364 TYR A CZ  
71  O OH  . TYR A 11 ? 0.4508 0.3252 0.3213 -0.0556 -0.0205 -0.0036 364 TYR A OH  
72  N N   . TYR A 12 ? 0.2161 0.2062 0.1255 0.0301  0.0149  0.0163  365 TYR A N   
73  C CA  . TYR A 12 ? 0.2214 0.2117 0.1216 0.0393  0.0124  0.0259  365 TYR A CA  
74  C C   . TYR A 12 ? 0.3227 0.2779 0.1711 0.0588  0.0103  0.0267  365 TYR A C   
75  O O   . TYR A 12 ? 0.3442 0.2862 0.1678 0.0750  0.0180  0.0266  365 TYR A O   
76  C CB  . TYR A 12 ? 0.2773 0.3170 0.1899 0.0423  0.0200  0.0318  365 TYR A CB  
77  C CG  . TYR A 12 ? 0.2498 0.3120 0.2088 0.0147  0.0297  0.0247  365 TYR A CG  
78  C CD1 . TYR A 12 ? 0.2256 0.3151 0.1979 -0.0033 0.0362  0.0079  365 TYR A CD1 
79  C CD2 . TYR A 12 ? 0.2586 0.3137 0.2453 0.0062  0.0373  0.0347  365 TYR A CD2 
80  C CE1 . TYR A 12 ? 0.2096 0.3084 0.2180 -0.0350 0.0513  -0.0076 365 TYR A CE1 
81  C CE2 . TYR A 12 ? 0.2852 0.3404 0.3110 -0.0202 0.0560  0.0264  365 TYR A CE2 
82  C CZ  . TYR A 12 ? 0.2530 0.3250 0.2875 -0.0436 0.0639  0.0009  365 TYR A CZ  
83  O OH  . TYR A 12 ? 0.2803 0.3413 0.3475 -0.0763 0.0883  -0.0162 365 TYR A OH  
84  N N   . THR A 13 ? 0.3084 0.2509 0.1430 0.0568  0.0038  0.0275  366 THR A N   
85  C CA  . THR A 13 ? 0.4167 0.3245 0.2003 0.0699  0.0071  0.0199  366 THR A CA  
86  C C   . THR A 13 ? 0.4273 0.3703 0.2196 0.0803  0.0078  0.0267  366 THR A C   
87  O O   . THR A 13 ? 0.5282 0.5135 0.3550 0.0758  0.0047  0.0402  366 THR A O   
88  C CB  . THR A 13 ? 0.5186 0.3908 0.2759 0.0473  -0.0007 0.0049  366 THR A CB  
89  O OG1 . THR A 13 ? 0.4395 0.3583 0.2223 0.0338  -0.0139 0.0134  366 THR A OG1 
90  C CG2 . THR A 13 ? 0.5267 0.3750 0.2979 0.0289  -0.0016 -0.0013 366 THR A CG2 
91  N N   . ASP A 14 ? 0.9094 0.5590 0.6328 0.2835  0.1127  -0.1908 367 ASP A N   
92  C CA  . ASP A 14 ? 1.0166 0.7233 0.6517 0.3308  0.1422  -0.2006 367 ASP A CA  
93  C C   . ASP A 14 ? 1.1133 0.8543 0.6416 0.3505  0.1269  -0.2138 367 ASP A C   
94  O O   . ASP A 14 ? 1.1751 0.9996 0.6398 0.3798  0.1541  -0.1824 367 ASP A O   
95  C CB  . ASP A 14 ? 1.1452 0.8389 0.8007 0.3545  0.1444  -0.2668 367 ASP A CB  
96  C CG  . ASP A 14 ? 1.1297 0.8132 0.8892 0.3426  0.1644  -0.2466 367 ASP A CG  
97  O OD1 . ASP A 14 ? 1.1233 0.8433 0.9031 0.3285  0.1853  -0.1776 367 ASP A OD1 
98  O OD2 . ASP A 14 ? 1.1270 0.7682 0.9537 0.3457  0.1592  -0.2966 367 ASP A OD2 
99  N N   . ARG A 15 ? 1.1167 0.8072 0.6409 0.3277  0.0799  -0.2520 368 ARG A N   
100 C CA  . ARG A 15 ? 1.3192 1.0484 0.7518 0.3402  0.0552  -0.2719 368 ARG A CA  
101 C C   . ARG A 15 ? 1.2304 1.0075 0.6212 0.3347  0.0704  -0.1965 368 ARG A C   
102 O O   . ARG A 15 ? 1.2632 1.1352 0.5865 0.3577  0.0823  -0.1692 368 ARG A O   
103 C CB  . ARG A 15 ? 1.4232 1.0861 0.8881 0.3063  -0.0016 -0.3266 368 ARG A CB  
104 C CG  . ARG A 15 ? 1.5867 1.2959 0.9708 0.3192  -0.0313 -0.3635 368 ARG A CG  
105 C CD  . ARG A 15 ? 1.5411 1.2624 0.8922 0.2918  -0.0503 -0.3151 368 ARG A CD  
106 N NE  . ARG A 15 ? 1.4571 1.0957 0.8964 0.2343  -0.0820 -0.3023 368 ARG A NE  
107 C CZ  . ARG A 15 ? 1.3777 1.0108 0.8192 0.1980  -0.1059 -0.2654 368 ARG A CZ  
108 N NH1 . ARG A 15 ? 1.4539 1.1521 0.8104 0.2130  -0.1028 -0.2337 368 ARG A NH1 
109 N NH2 . ARG A 15 ? 1.2014 0.7903 0.7455 0.1430  -0.1287 -0.2473 368 ARG A NH2 
110 N N   . SER A 16 ? 1.0463 0.7717 0.4968 0.3000  0.0707  -0.1564 369 SER A N   
111 C CA  . SER A 16 ? 0.9821 0.7587 0.4575 0.2657  0.0700  -0.0802 369 SER A CA  
112 C C   . SER A 16 ? 0.8790 0.7143 0.4419 0.2577  0.1194  0.0034  369 SER A C   
113 O O   . SER A 16 ? 0.7330 0.5380 0.3665 0.2517  0.1394  0.0039  369 SER A O   
114 C CB  . SER A 16 ? 0.9875 0.6961 0.5255 0.2051  0.0150  -0.0928 369 SER A CB  
115 O OG  . SER A 16 ? 0.8507 0.6123 0.4476 0.1658  0.0089  -0.0243 369 SER A OG  
116 N N   . LEU A 17 ? 0.7720 0.6988 0.3435 0.2580  0.1371  0.0772  370 LEU A N   
117 C CA  . LEU A 17 ? 0.6843 0.6694 0.3706 0.2450  0.1751  0.1564  370 LEU A CA  
118 C C   . LEU A 17 ? 0.6056 0.5636 0.4231 0.1834  0.1428  0.1655  370 LEU A C   
119 O O   . LEU A 17 ? 0.5757 0.5599 0.5073 0.1687  0.1646  0.1933  370 LEU A O   
120 C CB  . LEU A 17 ? 0.7173 0.8114 0.4332 0.2528  0.1855  0.2239  370 LEU A CB  
121 C CG  . LEU A 17 ? 0.7559 0.9090 0.4370 0.2986  0.2148  0.2284  370 LEU A CG  
122 C CD1 . LEU A 17 ? 0.8465 0.9695 0.5951 0.3029  0.2366  0.2239  370 LEU A CD1 
123 C CD2 . LEU A 17 ? 0.8958 1.0415 0.4264 0.3388  0.2070  0.1619  370 LEU A CD2 
124 N N   . THR A 18 ? 0.5706 0.4874 0.3729 0.1498  0.0893  0.1356  371 THR A N   
125 C CA  . THR A 18 ? 0.4334 0.3339 0.3504 0.0930  0.0524  0.1316  371 THR A CA  
126 C C   . THR A 18 ? 0.4055 0.2362 0.3302 0.0792  0.0367  0.0741  371 THR A C   
127 O O   . THR A 18 ? 0.4952 0.2562 0.3308 0.0951  0.0196  0.0224  371 THR A O   
128 C CB  . THR A 18 ? 0.4619 0.3552 0.3648 0.0623  0.0014  0.1307  371 THR A CB  
129 O OG1 . THR A 18 ? 0.4618 0.4346 0.3747 0.0753  0.0161  0.2010  371 THR A OG1 
130 C CG2 . THR A 18 ? 0.3662 0.2548 0.3933 0.0054  -0.0377 0.1202  371 THR A CG2 
131 N N   . PRO A 19 ? 0.2880 0.1506 0.3329 0.0512  0.0408  0.0840  372 PRO A N   
132 C CA  . PRO A 19 ? 0.2887 0.1245 0.3459 0.0342  0.0230  0.0439  372 PRO A CA  
133 C C   . PRO A 19 ? 0.2707 0.1009 0.3149 -0.0039 -0.0186 0.0126  372 PRO A C   
134 O O   . PRO A 19 ? 0.2422 0.1092 0.3057 -0.0224 -0.0401 0.0148  372 PRO A O   
135 C CB  . PRO A 19 ? 0.2349 0.1897 0.3882 0.0168  0.0423  0.0530  372 PRO A CB  
136 C CG  . PRO A 19 ? 0.1778 0.1951 0.3833 0.0102  0.0319  0.0640  372 PRO A CG  
137 C CD  . PRO A 19 ? 0.2536 0.2280 0.4166 0.0290  0.0514  0.1056  372 PRO A CD  
138 N N   . PHE A 20 ? 0.2318 0.1076 0.2293 0.0389  0.0283  -0.0362 373 PHE A N   
139 C CA  . PHE A 20 ? 0.2586 0.1372 0.2676 0.0481  0.0340  -0.0305 373 PHE A CA  
140 C C   . PHE A 20 ? 0.3584 0.2409 0.3699 0.0429  0.0479  -0.0351 373 PHE A C   
141 O O   . PHE A 20 ? 0.2657 0.1486 0.2709 0.0287  0.0479  -0.0418 373 PHE A O   
142 C CB  . PHE A 20 ? 0.2661 0.1439 0.2875 0.0435  0.0216  -0.0304 373 PHE A CB  
143 C CG  . PHE A 20 ? 0.2857 0.1641 0.3090 0.0477  0.0128  -0.0332 373 PHE A CG  
144 C CD1 . PHE A 20 ? 0.2995 0.1710 0.3043 0.0378  0.0092  -0.0406 373 PHE A CD1 
145 C CD2 . PHE A 20 ? 0.3980 0.3144 0.4286 0.0544  0.0075  -0.0223 373 PHE A CD2 
146 C CE1 . PHE A 20 ? 0.3753 0.2570 0.3890 0.0391  -0.0005 -0.0531 373 PHE A CE1 
147 C CE2 . PHE A 20 ? 0.4261 0.3636 0.4545 0.0519  -0.0027 -0.0265 373 PHE A CE2 
148 C CZ  . PHE A 20 ? 0.3925 0.3096 0.4129 0.0439  -0.0066 -0.0448 373 PHE A CZ  
149 N N   . LEU A 21 ? 0.2244 0.1184 0.2488 0.0565  0.0623  -0.0330 374 LEU A N   
150 C CA  . LEU A 21 ? 0.2287 0.1390 0.2601 0.0510  0.0808  -0.0448 374 LEU A CA  
151 C C   . LEU A 21 ? 0.2874 0.2532 0.3361 0.0419  0.0692  -0.0344 374 LEU A C   
152 O O   . LEU A 21 ? 0.2324 0.2251 0.2937 0.0561  0.0640  -0.0246 374 LEU A O   
153 C CB  . LEU A 21 ? 0.2569 0.1655 0.2853 0.0631  0.0919  -0.0500 374 LEU A CB  
154 C CG  . LEU A 21 ? 0.3354 0.2715 0.3709 0.0570  0.1101  -0.0682 374 LEU A CG  
155 C CD1 . LEU A 21 ? 0.3933 0.3272 0.4146 0.0285  0.1134  -0.0803 374 LEU A CD1 
156 C CD2 . LEU A 21 ? 0.4555 0.3822 0.4953 0.0778  0.1191  -0.0746 374 LEU A CD2 
157 N N   . VAL A 22 ? 0.2159 0.2085 0.2634 0.0151  0.0633  -0.0335 375 VAL A N   
158 C CA  . VAL A 22 ? 0.2211 0.2684 0.2797 -0.0034 0.0510  -0.0197 375 VAL A CA  
159 C C   . VAL A 22 ? 0.2289 0.3206 0.2844 -0.0260 0.0605  -0.0251 375 VAL A C   
160 O O   . VAL A 22 ? 0.2990 0.3772 0.3426 -0.0320 0.0700  -0.0368 375 VAL A O   
161 C CB  . VAL A 22 ? 0.3065 0.3367 0.3651 -0.0220 0.0233  -0.0003 375 VAL A CB  
162 C CG1 . VAL A 22 ? 0.2740 0.2763 0.3229 -0.0366 0.0137  0.0059  375 VAL A CG1 
163 C CG2 . VAL A 22 ? 0.4679 0.5486 0.5363 -0.0454 0.0122  0.0147  375 VAL A CG2 
164 N N   . ASN A 23 ? 0.2314 0.3883 0.2965 -0.0417 0.0595  -0.0190 376 ASN A N   
165 C CA  . ASN A 23 ? 0.3680 0.5842 0.4283 -0.0690 0.0678  -0.0229 376 ASN A CA  
166 C C   . ASN A 23 ? 0.2930 0.5401 0.3483 -0.1073 0.0439  0.0111  376 ASN A C   
167 O O   . ASN A 23 ? 0.3593 0.6140 0.4216 -0.1163 0.0300  0.0275  376 ASN A O   
168 C CB  . ASN A 23 ? 0.4319 0.7118 0.5077 -0.0584 0.0922  -0.0491 376 ASN A CB  
169 C CG  . ASN A 23 ? 0.6903 0.9278 0.7712 -0.0222 0.1199  -0.0822 376 ASN A CG  
170 O OD1 . ASN A 23 ? 0.6636 0.8862 0.7325 -0.0286 0.1325  -0.1019 376 ASN A OD1 
171 N ND2 . ASN A 23 ? 0.7847 0.9907 0.8791 0.0153  0.1222  -0.0812 376 ASN A ND2 
172 N N   . ILE A 24 ? 0.2594 0.5248 0.3012 -0.1317 0.0393  0.0235  377 ILE A N   
173 C CA  . ILE A 24 ? 0.2441 0.5299 0.2767 -0.1662 0.0163  0.0631  377 ILE A CA  
174 C C   . ILE A 24 ? 0.2961 0.6507 0.3113 -0.1801 0.0203  0.0557  377 ILE A C   
175 O O   . ILE A 24 ? 0.2675 0.6485 0.2742 -0.1759 0.0337  0.0309  377 ILE A O   
176 C CB  . ILE A 24 ? 0.2644 0.5090 0.2885 -0.1714 -0.0012 0.0901  377 ILE A CB  
177 C CG1 . ILE A 24 ? 0.2908 0.4424 0.3224 -0.1427 -0.0131 0.0880  377 ILE A CG1 
178 C CG2 . ILE A 24 ? 0.3423 0.5967 0.3528 -0.1954 -0.0257 0.1319  377 ILE A CG2 
179 C CD1 . ILE A 24 ? 0.3217 0.4324 0.3500 -0.1363 -0.0303 0.1079  377 ILE A CD1 
180 N N   . PRO A 25 ? 0.6020 0.6544 0.4561 -0.2310 0.1140  -0.0241 378 PRO A N   
181 C CA  . PRO A 25 ? 0.6271 0.6809 0.4635 -0.2499 0.1351  -0.0328 378 PRO A CA  
182 C C   . PRO A 25 ? 0.7154 0.7481 0.4997 -0.2643 0.1324  -0.0232 378 PRO A C   
183 O O   . PRO A 25 ? 0.6799 0.7143 0.4453 -0.2791 0.1475  -0.0113 378 PRO A O   
184 C CB  . PRO A 25 ? 0.5596 0.6212 0.4160 -0.2581 0.1485  -0.0274 378 PRO A CB  
185 C CG  . PRO A 25 ? 0.5372 0.5887 0.3997 -0.2523 0.1299  -0.0147 378 PRO A CG  
186 C CD  . PRO A 25 ? 0.4502 0.5070 0.3194 -0.2318 0.1111  -0.0177 378 PRO A CD  
187 N N   . LYS A 26 ? 0.5827 0.5994 0.3500 -0.2580 0.1150  -0.0220 379 LYS A N   
188 C CA  . LYS A 26 ? 0.5637 0.5608 0.2824 -0.2702 0.1091  -0.0108 379 LYS A CA  
189 C C   . LYS A 26 ? 0.6133 0.6045 0.3149 -0.2746 0.1031  -0.0251 379 LYS A C   
190 O O   . LYS A 26 ? 0.5229 0.5183 0.2596 -0.2606 0.0974  -0.0327 379 LYS A O   
191 C CB  . LYS A 26 ? 0.5681 0.5366 0.2743 -0.2715 0.0867  0.0103  379 LYS A CB  
192 C CG  . LYS A 26 ? 0.6564 0.6300 0.3758 -0.2792 0.0950  0.0254  379 LYS A CG  
193 C CD  . LYS A 26 ? 0.7360 0.6854 0.4528 -0.2812 0.0742  0.0455  379 LYS A CD  
194 C CE  . LYS A 26 ? 0.7187 0.6502 0.3958 -0.2917 0.0644  0.0624  379 LYS A CE  
195 N NZ  . LYS A 26 ? 0.6604 0.5757 0.3480 -0.2984 0.0502  0.0899  379 LYS A NZ  
196 N N   . ARG A 27 ? 0.6297 0.6172 0.2780 -0.2918 0.1065  -0.0238 380 ARG A N   
197 C CA  . ARG A 27 ? 0.6481 0.6282 0.2696 -0.2992 0.1005  -0.0386 380 ARG A CA  
198 C C   . ARG A 27 ? 0.6179 0.5498 0.2411 -0.2910 0.0678  -0.0178 380 ARG A C   
199 O O   . ARG A 27 ? 0.6189 0.5275 0.2377 -0.2847 0.0502  0.0058  380 ARG A O   
200 C CB  . ARG A 27 ? 0.7858 0.7841 0.3380 -0.3056 0.1097  -0.0431 380 ARG A CB  
201 C CG  . ARG A 27 ? 0.8897 0.8743 0.3982 -0.3002 0.0903  -0.0592 380 ARG A CG  
202 C CD  . ARG A 27 ? 0.9701 0.9667 0.3996 -0.2937 0.0856  -0.0490 380 ARG A CD  
203 N NE  . ARG A 27 ? 1.1383 1.1215 0.5239 -0.2779 0.0551  -0.0729 380 ARG A NE  
204 C CZ  . ARG A 27 ? 1.1708 1.1959 0.5184 -0.2558 0.0523  -0.1270 380 ARG A CZ  
205 N NH1 . ARG A 27 ? 1.2320 1.3155 0.5769 -0.2526 0.0865  -0.1563 380 ARG A NH1 
206 N NH2 . ARG A 27 ? 1.3177 1.3244 0.6380 -0.2333 0.0103  -0.1570 380 ARG A NH2 
207 N N   . LEU A 28 ? 0.5940 0.5151 0.2284 -0.2904 0.0620  -0.0280 381 LEU A N   
208 C CA  . LEU A 28 ? 0.5927 0.4626 0.2234 -0.2795 0.0290  -0.0053 381 LEU A CA  
209 C C   . LEU A 28 ? 0.6833 0.5181 0.2563 -0.2908 0.0108  0.0071  381 LEU A C   
210 O O   . LEU A 28 ? 0.8170 0.6675 0.3403 -0.2942 0.0160  -0.0116 381 LEU A O   
211 C CB  . LEU A 28 ? 0.5536 0.4147 0.2201 -0.2782 0.0272  -0.0080 381 LEU A CB  
212 C CG  . LEU A 28 ? 0.5453 0.3592 0.2534 -0.2398 -0.0142 0.0231  381 LEU A CG  
213 C CD1 . LEU A 28 ? 0.5014 0.3448 0.2652 -0.1934 -0.0147 0.0468  381 LEU A CD1 
214 C CD2 . LEU A 28 ? 0.5718 0.3872 0.4083 -0.2152 -0.0349 0.0067  381 LEU A CD2 
215 N N   . GLY A 29 ? 0.7582 0.5667 0.3442 -0.2800 -0.0132 0.0274  382 GLY A N   
216 C CA  . GLY A 29 ? 0.7321 0.5198 0.2766 -0.2914 -0.0274 0.0434  382 GLY A CA  
217 C C   . GLY A 29 ? 0.7287 0.5441 0.2826 -0.2920 -0.0176 0.0575  382 GLY A C   
218 O O   . GLY A 29 ? 0.8103 0.6128 0.3603 -0.2940 -0.0338 0.0771  382 GLY A O   
219 N N   . ASP A 30 ? 0.6821 0.5346 0.2524 -0.2908 0.0081  0.0499  383 ASP A N   
220 C CA  . ASP A 30 ? 0.6960 0.5652 0.2762 -0.2958 0.0161  0.0670  383 ASP A CA  
221 C C   . ASP A 30 ? 0.6368 0.5012 0.2609 -0.2845 0.0063  0.0605  383 ASP A C   
222 O O   . ASP A 30 ? 0.6486 0.5138 0.2839 -0.2899 0.0028  0.0764  383 ASP A O   
223 C CB  . ASP A 30 ? 0.7468 0.6574 0.3136 -0.3009 0.0503  0.0667  383 ASP A CB  
224 C CG  . ASP A 30 ? 0.8940 0.8255 0.3956 -0.3086 0.0633  0.0744  383 ASP A CG  
225 O OD1 . ASP A 30 ? 0.9303 0.8446 0.3983 -0.3117 0.0448  0.0928  383 ASP A OD1 
226 O OD2 . ASP A 30 ? 0.8551 0.8257 0.3364 -0.3087 0.0917  0.0598  383 ASP A OD2 
227 N N   . VAL A 31 ? 0.6070 0.4733 0.2581 -0.2651 0.0048  0.0422  384 VAL A N   
228 C CA  . VAL A 31 ? 0.5279 0.4023 0.2136 -0.2475 0.0000  0.0389  384 VAL A CA  
229 C C   . VAL A 31 ? 0.6584 0.5104 0.3453 -0.2422 -0.0245 0.0504  384 VAL A C   
230 O O   . VAL A 31 ? 0.5269 0.3576 0.2071 -0.2360 -0.0423 0.0536  384 VAL A O   
231 C CB  . VAL A 31 ? 0.5611 0.4525 0.2810 -0.2229 0.0057  0.0298  384 VAL A CB  
232 C CG1 . VAL A 31 ? 0.4987 0.4064 0.2528 -0.2038 0.0030  0.0334  384 VAL A CG1 
233 C CG2 . VAL A 31 ? 0.5080 0.4276 0.2368 -0.2272 0.0303  0.0174  384 VAL A CG2 
234 N N   . THR A 32 ? 0.5262 0.3845 0.2273 -0.2438 -0.0245 0.0573  385 THR A N   
235 C CA  . THR A 32 ? 0.5347 0.3771 0.2466 -0.2381 -0.0441 0.0686  385 THR A CA  
236 C C   . THR A 32 ? 0.5344 0.3903 0.2769 -0.2174 -0.0418 0.0616  385 THR A C   
237 O O   . THR A 32 ? 0.4597 0.3405 0.2158 -0.2110 -0.0258 0.0511  385 THR A O   
238 C CB  . THR A 32 ? 0.5697 0.4069 0.2928 -0.2572 -0.0453 0.0900  385 THR A CB  
239 O OG1 . THR A 32 ? 0.5609 0.4171 0.3165 -0.2603 -0.0259 0.0884  385 THR A OG1 
240 C CG2 . THR A 32 ? 0.6296 0.4630 0.3247 -0.2793 -0.0430 0.1059  385 THR A CG2 
241 N N   . LEU A 33 ? 0.3830 0.3430 0.1712 -0.1173 0.0081  0.0603  386 LEU A N   
242 C CA  . LEU A 33 ? 0.3457 0.3038 0.1680 -0.1146 0.0005  0.0513  386 LEU A CA  
243 C C   . LEU A 33 ? 0.3901 0.3481 0.2507 -0.1098 0.0055  0.0584  386 LEU A C   
244 O O   . LEU A 33 ? 0.3085 0.2653 0.1842 -0.1029 0.0073  0.0453  386 LEU A O   
245 C CB  . LEU A 33 ? 0.4634 0.4249 0.3054 -0.1129 -0.0237 0.0505  386 LEU A CB  
246 C CG  . LEU A 33 ? 0.3963 0.3661 0.2676 -0.1012 -0.0303 0.0349  386 LEU A CG  
247 C CD1 . LEU A 33 ? 0.3179 0.2926 0.1743 -0.0994 -0.0164 0.0242  386 LEU A CD1 
248 C CD2 . LEU A 33 ? 0.4835 0.4614 0.3807 -0.0962 -0.0530 0.0302  386 LEU A CD2 
249 N N   . GLN A 34 ? 0.4027 0.3633 0.2850 -0.1133 0.0057  0.0824  387 GLN A N   
250 C CA  . GLN A 34 ? 0.3687 0.3282 0.3066 -0.1091 0.0055  0.0901  387 GLN A CA  
251 C C   . GLN A 34 ? 0.4308 0.3898 0.3626 -0.1084 0.0317  0.0850  387 GLN A C   
252 O O   . GLN A 34 ? 0.3559 0.3095 0.3284 -0.1020 0.0270  0.0775  387 GLN A O   
253 C CB  . GLN A 34 ? 0.3443 0.3092 0.3272 -0.1147 -0.0004 0.1256  387 GLN A CB  
254 C CG  . GLN A 34 ? 0.4761 0.4548 0.4268 -0.1162 0.0269  0.1495  387 GLN A CG  
255 C CD  . GLN A 34 ? 0.5664 0.5542 0.5625 -0.1165 0.0180  0.1836  387 GLN A CD  
256 O OE1 . GLN A 34 ? 0.5072 0.4905 0.5742 -0.1171 -0.0110 0.1903  387 GLN A OE1 
257 N NE2 . GLN A 34 ? 0.5210 0.5219 0.4797 -0.1140 0.0399  0.2033  387 GLN A NE2 
258 N N   . ASP A 35 ? 0.3748 0.3397 0.2598 -0.1114 0.0551  0.0844  388 ASP A N   
259 C CA  . ASP A 35 ? 0.3632 0.3288 0.2477 -0.1074 0.0776  0.0715  388 ASP A CA  
260 C C   . ASP A 35 ? 0.3516 0.3043 0.2384 -0.1056 0.0681  0.0477  388 ASP A C   
261 O O   . ASP A 35 ? 0.3227 0.2704 0.2409 -0.1018 0.0725  0.0422  388 ASP A O   
262 C CB  . ASP A 35 ? 0.3693 0.3468 0.2075 -0.1015 0.0950  0.0631  388 ASP A CB  
263 C CG  . ASP A 35 ? 0.6066 0.6046 0.4380 -0.0954 0.1091  0.0911  388 ASP A CG  
264 O OD1 . ASP A 35 ? 0.6038 0.6071 0.4837 -0.0963 0.1190  0.1184  388 ASP A OD1 
265 O OD2 . ASP A 35 ? 0.6176 0.6240 0.3977 -0.0886 0.1104  0.0869  388 ASP A OD2 
266 N N   . PHE A 36 ? 0.3406 0.2909 0.2008 -0.1063 0.0542  0.0373  389 PHE A N   
267 C CA  . PHE A 36 ? 0.3246 0.2707 0.1891 -0.1029 0.0476  0.0240  389 PHE A CA  
268 C C   . PHE A 36 ? 0.3558 0.3029 0.2487 -0.0932 0.0334  0.0251  389 PHE A C   
269 O O   . PHE A 36 ? 0.3196 0.2638 0.2263 -0.0878 0.0336  0.0214  389 PHE A O   
270 C CB  . PHE A 36 ? 0.2883 0.2377 0.1308 -0.1058 0.0377  0.0191  389 PHE A CB  
271 C CG  . PHE A 36 ? 0.3132 0.2670 0.1685 -0.1021 0.0340  0.0172  389 PHE A CG  
272 C CD1 . PHE A 36 ? 0.3147 0.2632 0.1814 -0.1054 0.0408  0.0132  389 PHE A CD1 
273 C CD2 . PHE A 36 ? 0.2884 0.2556 0.1487 -0.0934 0.0240  0.0211  389 PHE A CD2 
274 C CE1 . PHE A 36 ? 0.2709 0.2279 0.1569 -0.1029 0.0389  0.0230  389 PHE A CE1 
275 C CE2 . PHE A 36 ? 0.2971 0.2775 0.1640 -0.0876 0.0263  0.0272  389 PHE A CE2 
276 C CZ  . PHE A 36 ? 0.3254 0.3011 0.2069 -0.0939 0.0344  0.0332  389 PHE A CZ  
277 N N   . LYS A 37 ? 0.2989 0.2502 0.2028 -0.0888 0.0168  0.0282  390 LYS A N   
278 C CA  . LYS A 37 ? 0.2878 0.2408 0.2194 -0.0744 -0.0037 0.0204  390 LYS A CA  
279 C C   . LYS A 37 ? 0.2909 0.2342 0.2604 -0.0710 -0.0043 0.0217  390 LYS A C   
280 O O   . LYS A 37 ? 0.3380 0.2802 0.3172 -0.0575 -0.0191 0.0108  390 LYS A O   
281 C CB  . LYS A 37 ? 0.3764 0.3329 0.3314 -0.0704 -0.0252 0.0200  390 LYS A CB  
282 C CG  . LYS A 37 ? 0.3424 0.3106 0.2739 -0.0684 -0.0318 0.0136  390 LYS A CG  
283 C CD  . LYS A 37 ? 0.4948 0.4642 0.4652 -0.0631 -0.0579 0.0107  390 LYS A CD  
284 C CE  . LYS A 37 ? 0.5785 0.5612 0.5369 -0.0593 -0.0662 0.0014  390 LYS A CE  
285 N NZ  . LYS A 37 ? 0.6557 0.6379 0.6649 -0.0531 -0.0963 -0.0040 390 LYS A NZ  
286 N N   . ALA A 38 ? 0.2904 0.2298 0.2821 -0.0815 0.0116  0.0363  391 ALA A N   
287 C CA  . ALA A 38 ? 0.3084 0.2411 0.3512 -0.0794 0.0137  0.0403  391 ALA A CA  
288 C C   . ALA A 38 ? 0.4034 0.3307 0.4363 -0.0778 0.0246  0.0306  391 ALA A C   
289 O O   . ALA A 38 ? 0.3499 0.2692 0.4207 -0.0700 0.0118  0.0258  391 ALA A O   
290 C CB  . ALA A 38 ? 0.3082 0.2479 0.3786 -0.0899 0.0364  0.0644  391 ALA A CB  
291 N N   . ALA A 39 ? 0.2986 0.2285 0.2891 -0.0847 0.0429  0.0273  392 ALA A N   
292 C CA  . ALA A 39 ? 0.2919 0.2158 0.2861 -0.0843 0.0494  0.0200  392 ALA A CA  
293 C C   . ALA A 39 ? 0.3402 0.2637 0.3255 -0.0742 0.0279  0.0183  392 ALA A C   
294 O O   . ALA A 39 ? 0.3455 0.2620 0.3537 -0.0688 0.0202  0.0183  392 ALA A O   
295 C CB  . ALA A 39 ? 0.3338 0.2599 0.2989 -0.0926 0.0676  0.0134  392 ALA A CB  
296 N N   . VAL A 40 ? 0.3540 0.2886 0.3061 -0.0699 0.0188  0.0186  393 VAL A N   
297 C CA  . VAL A 40 ? 0.3689 0.3145 0.3025 -0.0556 0.0035  0.0198  393 VAL A CA  
298 C C   . VAL A 40 ? 0.4051 0.3482 0.3556 -0.0373 -0.0229 0.0095  393 VAL A C   
299 O O   . VAL A 40 ? 0.4187 0.3642 0.3636 -0.0241 -0.0363 0.0105  393 VAL A O   
300 C CB  . VAL A 40 ? 0.3675 0.3321 0.2680 -0.0528 0.0040  0.0206  393 VAL A CB  
301 C CG1 . VAL A 40 ? 0.5476 0.5343 0.4243 -0.0317 -0.0078 0.0217  393 VAL A CG1 
302 C CG2 . VAL A 40 ? 0.3640 0.3298 0.2574 -0.0685 0.0221  0.0295  393 VAL A CG2 
303 N N   . ASP A 41 ? 0.5691 0.3069 0.7212 0.0034  0.0275  0.2276  394 ASP A N   
304 C CA  . ASP A 41 ? 0.6047 0.3390 0.8808 -0.0115 -0.0141 0.2457  394 ASP A CA  
305 C C   . ASP A 41 ? 0.6527 0.3347 0.9448 -0.0208 -0.0600 0.2295  394 ASP A C   
306 O O   . ASP A 41 ? 0.6859 0.4051 0.9922 -0.0283 -0.0974 0.2319  394 ASP A O   
307 C CB  . ASP A 41 ? 0.6188 0.4092 0.9420 -0.0145 -0.0190 0.2875  394 ASP A CB  
308 C CG  . ASP A 41 ? 0.7983 0.6006 1.2832 -0.0367 -0.0757 0.3058  394 ASP A CG  
309 O OD1 . ASP A 41 ? 0.8261 0.6046 1.3927 -0.0457 -0.1023 0.2796  394 ASP A OD1 
310 O OD2 . ASP A 41 ? 0.8598 0.6971 1.3951 -0.0460 -0.0990 0.3422  394 ASP A OD2 
311 N N   . ARG A 42 ? 0.6659 0.3121 0.9105 -0.0141 -0.0594 0.1722  395 ARG A N   
312 C CA  . ARG A 42 ? 0.7170 0.4020 0.8950 -0.0090 -0.0987 0.0830  395 ARG A CA  
313 C C   . ARG A 42 ? 0.7632 0.4145 0.9913 -0.0085 -0.1376 0.0003  395 ARG A C   
314 O O   . ARG A 42 ? 0.7334 0.3448 0.9320 0.0006  -0.1051 -0.0104 395 ARG A O   
315 C CB  . ARG A 42 ? 0.7078 0.4203 0.7372 0.0084  -0.0526 0.0826  395 ARG A CB  
316 C CG  . ARG A 42 ? 0.7026 0.4675 0.6763 0.0114  -0.0347 0.1372  395 ARG A CG  
317 C CD  . ARG A 42 ? 0.7709 0.5527 0.6242 0.0252  0.0147  0.1522  395 ARG A CD  
318 N NE  . ARG A 42 ? 0.8078 0.6470 0.6159 0.0303  0.0255  0.2010  395 ARG A NE  
319 C CZ  . ARG A 42 ? 0.8185 0.6393 0.6457 0.0281  0.0536  0.2777  395 ARG A CZ  
320 N NH1 . ARG A 42 ? 0.8148 0.5934 0.7020 0.0150  0.0569  0.2658  395 ARG A NH1 
321 N NH2 . ARG A 42 ? 0.7793 0.6553 0.5737 0.0308  0.0572  0.3026  395 ARG A NH2 
322 N N   . HIS A 43 ? 0.8073 0.4758 1.1139 -0.0159 -0.2105 -0.0617 396 HIS A N   
323 C CA  . HIS A 43 ? 0.8957 0.5294 1.2608 -0.0118 -0.2589 -0.1517 396 HIS A CA  
324 C C   . HIS A 43 ? 0.8960 0.5633 1.1253 0.0183  -0.2559 -0.2337 396 HIS A C   
325 O O   . HIS A 43 ? 0.9644 0.7064 1.0793 0.0345  -0.2476 -0.2427 396 HIS A O   
326 C CB  . HIS A 43 ? 1.0571 0.7018 1.5490 -0.0260 -0.3470 -0.2053 396 HIS A CB  
327 C CG  . HIS A 43 ? 1.1464 0.7469 1.8169 -0.0571 -0.3601 -0.1335 396 HIS A CG  
328 N ND1 . HIS A 43 ? 1.2236 0.8334 2.0352 -0.0694 -0.4296 -0.1668 396 HIS A ND1 
329 C CD2 . HIS A 43 ? 1.0704 0.6668 1.7735 -0.0641 -0.2962 -0.0187 396 HIS A CD2 
330 C CE1 . HIS A 43 ? 1.1945 0.8161 2.1158 -0.0819 -0.4044 -0.0682 396 HIS A CE1 
331 N NE2 . HIS A 43 ? 1.1792 0.8079 2.0263 -0.0769 -0.3226 0.0167  396 HIS A NE2 
332 N N   . GLY A 44 ? 0.9068 0.5263 1.1545 0.0287  -0.2610 -0.2868 397 GLY A N   
333 C CA  . GLY A 44 ? 0.9414 0.5968 1.0692 0.0616  -0.2582 -0.3633 397 GLY A CA  
334 C C   . GLY A 44 ? 0.9383 0.5417 1.0447 0.0681  -0.2079 -0.3511 397 GLY A C   
335 O O   . GLY A 44 ? 0.9418 0.4976 1.1099 0.0489  -0.1665 -0.2735 397 GLY A O   
336 N N   . SER A 45 ? 0.9619 0.6169 0.9750 0.0937  -0.1963 -0.3973 398 SER A N   
337 C CA  . SER A 45 ? 0.9911 0.6295 0.9723 0.0948  -0.1409 -0.3684 398 SER A CA  
338 C C   . SER A 45 ? 0.8456 0.4954 0.7157 0.0998  -0.0798 -0.3273 398 SER A C   
339 O O   . SER A 45 ? 0.8616 0.5850 0.6312 0.1168  -0.0686 -0.3435 398 SER A O   
340 C CB  . SER A 45 ? 1.0164 0.7006 0.9728 0.1163  -0.1591 -0.4236 398 SER A CB  
341 O OG  . SER A 45 ? 1.0138 0.7837 0.8781 0.1420  -0.1719 -0.4612 398 SER A OG  
342 N N   . PHE A 46 ? 0.7842 0.3751 0.6820 0.0847  -0.0371 -0.2595 399 PHE A N   
343 C CA  . PHE A 46 ? 0.7386 0.3413 0.5424 0.0863  0.0215  -0.2064 399 PHE A CA  
344 C C   . PHE A 46 ? 0.6649 0.2863 0.5031 0.0799  0.0567  -0.1729 399 PHE A C   
345 O O   . PHE A 46 ? 0.6404 0.2544 0.5760 0.0784  0.0362  -0.1718 399 PHE A O   
346 C CB  . PHE A 46 ? 0.7024 0.2993 0.5286 0.0664  0.0402  -0.1252 399 PHE A CB  
347 C CG  . PHE A 46 ? 0.7344 0.3838 0.5577 0.0630  0.0021  -0.1322 399 PHE A CG  
348 C CD1 . PHE A 46 ? 0.7539 0.4800 0.4775 0.0748  0.0093  -0.1366 399 PHE A CD1 
349 C CD2 . PHE A 46 ? 0.7474 0.3787 0.6751 0.0492  -0.0403 -0.1276 399 PHE A CD2 
350 C CE1 . PHE A 46 ? 0.7865 0.5734 0.5047 0.0769  -0.0245 -0.1402 399 PHE A CE1 
351 C CE2 . PHE A 46 ? 0.8046 0.4916 0.7302 0.0473  -0.0780 -0.1361 399 PHE A CE2 
352 C CZ  . PHE A 46 ? 0.7995 0.5661 0.6152 0.0631  -0.0695 -0.1440 399 PHE A CZ  
353 N N   . ARG A 47 ? 0.3944 0.2874 0.2995 0.0969  -0.0585 -0.1556 400 ARG A N   
354 C CA  . ARG A 47 ? 0.3915 0.2627 0.2871 0.1049  -0.0585 -0.1380 400 ARG A CA  
355 C C   . ARG A 47 ? 0.3565 0.2492 0.2595 0.0853  -0.0468 -0.1202 400 ARG A C   
356 O O   . ARG A 47 ? 0.3930 0.3362 0.3111 0.0786  -0.0398 -0.1191 400 ARG A O   
357 C CB  . ARG A 47 ? 0.4095 0.3244 0.3129 0.1349  -0.0618 -0.1399 400 ARG A CB  
358 C CG  . ARG A 47 ? 0.6122 0.5173 0.5149 0.1553  -0.0736 -0.1583 400 ARG A CG  
359 C CD  . ARG A 47 ? 0.6236 0.5885 0.5423 0.1796  -0.0745 -0.1646 400 ARG A CD  
360 N NE  . ARG A 47 ? 0.5926 0.5546 0.5131 0.1902  -0.0806 -0.1536 400 ARG A NE  
361 C CZ  . ARG A 47 ? 0.5252 0.5418 0.4654 0.2068  -0.0821 -0.1617 400 ARG A CZ  
362 N NH1 . ARG A 47 ? 0.4059 0.4788 0.3628 0.2125  -0.0746 -0.1784 400 ARG A NH1 
363 N NH2 . ARG A 47 ? 0.5740 0.5902 0.5165 0.2156  -0.0909 -0.1551 400 ARG A NH2 
364 N N   . TYR A 48 ? 0.4262 0.2831 0.3187 0.0744  -0.0443 -0.1003 401 TYR A N   
365 C CA  . TYR A 48 ? 0.3821 0.2591 0.2866 0.0497  -0.0306 -0.0807 401 TYR A CA  
366 C C   . TYR A 48 ? 0.3828 0.2772 0.2865 0.0593  -0.0295 -0.0644 401 TYR A C   
367 O O   . TYR A 48 ? 0.4453 0.2985 0.3246 0.0686  -0.0390 -0.0586 401 TYR A O   
368 C CB  . TYR A 48 ? 0.3890 0.2124 0.2814 0.0175  -0.0235 -0.0766 401 TYR A CB  
369 C CG  . TYR A 48 ? 0.3837 0.1891 0.2830 0.0031  -0.0247 -0.0988 401 TYR A CG  
370 C CD1 . TYR A 48 ? 0.4293 0.2838 0.3619 -0.0119 -0.0196 -0.1111 401 TYR A CD1 
371 C CD2 . TYR A 48 ? 0.4397 0.1779 0.3133 0.0060  -0.0335 -0.1105 401 TYR A CD2 
372 C CE1 . TYR A 48 ? 0.3963 0.2448 0.3417 -0.0256 -0.0234 -0.1379 401 TYR A CE1 
373 C CE2 . TYR A 48 ? 0.5085 0.2415 0.3990 -0.0120 -0.0313 -0.1327 401 TYR A CE2 
374 C CZ  . TYR A 48 ? 0.4545 0.2405 0.3767 -0.0286 -0.0276 -0.1485 401 TYR A CZ  
375 O OH  . TYR A 48 ? 0.4913 0.2762 0.4231 -0.0441 -0.0301 -0.1666 401 TYR A OH  
376 N N   . HIS A 49 ? 0.2636 0.2155 0.1913 0.0571  -0.0193 -0.0581 402 HIS A N   
377 C CA  . HIS A 49 ? 0.2399 0.2177 0.1763 0.0602  -0.0161 -0.0481 402 HIS A CA  
378 C C   . HIS A 49 ? 0.2882 0.2733 0.2358 0.0347  -0.0029 -0.0348 402 HIS A C   
379 O O   . HIS A 49 ? 0.2452 0.2441 0.2069 0.0230  0.0053  -0.0338 402 HIS A O   
380 C CB  . HIS A 49 ? 0.2435 0.2802 0.2001 0.0759  -0.0113 -0.0552 402 HIS A CB  
381 C CG  . HIS A 49 ? 0.3751 0.4166 0.3269 0.1046  -0.0229 -0.0748 402 HIS A CG  
382 N ND1 . HIS A 49 ? 0.4968 0.5459 0.4527 0.1277  -0.0355 -0.0845 402 HIS A ND1 
383 C CD2 . HIS A 49 ? 0.4386 0.4807 0.3835 0.1170  -0.0260 -0.0907 402 HIS A CD2 
384 C CE1 . HIS A 49 ? 0.4537 0.5073 0.4087 0.1543  -0.0448 -0.1059 402 HIS A CE1 
385 N NE2 . HIS A 49 ? 0.5341 0.5824 0.4811 0.1453  -0.0381 -0.1090 402 HIS A NE2 
386 N N   . PHE A 50 ? 0.2475 0.2250 0.1887 0.0298  -0.0034 -0.0276 403 PHE A N   
387 C CA  . PHE A 50 ? 0.1996 0.1813 0.1502 0.0064  0.0094  -0.0200 403 PHE A CA  
388 C C   . PHE A 50 ? 0.2291 0.2450 0.1965 0.0066  0.0124  -0.0190 403 PHE A C   
389 O O   . PHE A 50 ? 0.2135 0.2358 0.1732 0.0207  0.0004  -0.0231 403 PHE A O   
390 C CB  . PHE A 50 ? 0.2277 0.1597 0.1471 -0.0099 0.0106  -0.0159 403 PHE A CB  
391 C CG  . PHE A 50 ? 0.2944 0.1912 0.2025 -0.0189 0.0118  -0.0207 403 PHE A CG  
392 C CD1 . PHE A 50 ? 0.2911 0.2032 0.2246 -0.0386 0.0242  -0.0278 403 PHE A CD1 
393 C CD2 . PHE A 50 ? 0.3039 0.1544 0.1810 -0.0060 -0.0013 -0.0221 403 PHE A CD2 
394 C CE1 . PHE A 50 ? 0.2552 0.1442 0.1869 -0.0504 0.0251  -0.0387 403 PHE A CE1 
395 C CE2 . PHE A 50 ? 0.3916 0.2069 0.2616 -0.0188 0.0011  -0.0304 403 PHE A CE2 
396 C CZ  . PHE A 50 ? 0.3002 0.1388 0.1998 -0.0434 0.0152  -0.0398 403 PHE A CZ  
397 N N   . LYS A 51 ? 0.2472 0.2846 0.2395 -0.0079 0.0262  -0.0162 404 LYS A N   
398 C CA  . LYS A 51 ? 0.2121 0.2767 0.2242 -0.0147 0.0321  -0.0183 404 LYS A CA  
399 C C   . LYS A 51 ? 0.2412 0.2907 0.2350 -0.0218 0.0267  -0.0217 404 LYS A C   
400 O O   . LYS A 51 ? 0.2330 0.2539 0.2087 -0.0341 0.0314  -0.0192 404 LYS A O   
401 C CB  . LYS A 51 ? 0.2588 0.3314 0.2950 -0.0279 0.0472  -0.0135 404 LYS A CB  
402 C CG  . LYS A 51 ? 0.2594 0.3541 0.3189 -0.0379 0.0559  -0.0166 404 LYS A CG  
403 C CD  . LYS A 51 ? 0.2947 0.3689 0.3609 -0.0416 0.0601  -0.0057 404 LYS A CD  
404 C CE  . LYS A 51 ? 0.3852 0.4653 0.4644 -0.0500 0.0651  -0.0056 404 LYS A CE  
405 N NZ  . LYS A 51 ? 0.5414 0.5992 0.6226 -0.0554 0.0725  0.0041  404 LYS A NZ  
406 N N   . SER A 52 ? 0.1965 0.2705 0.1951 -0.0144 0.0174  -0.0300 405 SER A N   
407 C CA  . SER A 52 ? 0.3070 0.3671 0.2760 -0.0137 0.0052  -0.0338 405 SER A CA  
408 C C   . SER A 52 ? 0.1913 0.2987 0.1881 -0.0141 0.0000  -0.0502 405 SER A C   
409 O O   . SER A 52 ? 0.1444 0.2944 0.1817 -0.0123 0.0045  -0.0589 405 SER A O   
410 C CB  . SER A 52 ? 0.4194 0.4438 0.3441 0.0094  -0.0162 -0.0284 405 SER A CB  
411 O OG  . SER A 52 ? 0.5456 0.5462 0.4257 0.0132  -0.0309 -0.0272 405 SER A OG  
412 N N   . LEU A 53 ? 0.2207 0.3235 0.1954 -0.0193 -0.0076 -0.0570 406 LEU A N   
413 C CA  . LEU A 53 ? 0.2648 0.4169 0.2670 -0.0193 -0.0171 -0.0788 406 LEU A CA  
414 C C   . LEU A 53 ? 0.2329 0.3916 0.2044 0.0110  -0.0506 -0.0860 406 LEU A C   
415 O O   . LEU A 53 ? 0.3984 0.5157 0.3091 0.0183  -0.0648 -0.0776 406 LEU A O   
416 C CB  . LEU A 53 ? 0.2872 0.4380 0.2883 -0.0428 -0.0067 -0.0890 406 LEU A CB  
417 C CG  . LEU A 53 ? 0.2828 0.4860 0.3152 -0.0474 -0.0168 -0.1177 406 LEU A CG  
418 C CD1 . LEU A 53 ? 0.2018 0.4489 0.3020 -0.0600 -0.0017 -0.1290 406 LEU A CD1 
419 C CD2 . LEU A 53 ? 0.3691 0.5643 0.3896 -0.0678 -0.0090 -0.1311 406 LEU A CD2 
420 N N   . ASP A 54 ? 0.2158 0.4258 0.2265 0.0297  -0.0631 -0.1023 407 ASP A N   
421 C CA  . ASP A 54 ? 0.2589 0.4855 0.2503 0.0655  -0.1009 -0.1157 407 ASP A CA  
422 C C   . ASP A 54 ? 0.2663 0.5421 0.2850 0.0592  -0.1083 -0.1406 407 ASP A C   
423 O O   . ASP A 54 ? 0.2549 0.5799 0.3339 0.0346  -0.0870 -0.1586 407 ASP A O   
424 C CB  . ASP A 54 ? 0.2502 0.5099 0.2766 0.0929  -0.1088 -0.1257 407 ASP A CB  
425 C CG  . ASP A 54 ? 0.4396 0.6927 0.4475 0.1314  -0.1382 -0.1344 407 ASP A CG  
426 O OD1 . ASP A 54 ? 0.5146 0.6970 0.4585 0.1530  -0.1571 -0.1143 407 ASP A OD1 
427 O OD2 . ASP A 54 ? 0.4428 0.7561 0.4969 0.1378  -0.1406 -0.1622 407 ASP A OD2 
428 N N   . PRO A 55 ? 0.4035 0.4382 0.2452 0.0677  -0.1285 -0.0876 408 PRO A N   
429 C CA  . PRO A 55 ? 0.5239 0.5776 0.3415 0.0609  -0.1478 -0.1135 408 PRO A CA  
430 C C   . PRO A 55 ? 0.5369 0.6324 0.4086 0.0503  -0.1673 -0.1309 408 PRO A C   
431 O O   . PRO A 55 ? 0.5479 0.6526 0.4210 0.0312  -0.1728 -0.1525 408 PRO A O   
432 C CB  . PRO A 55 ? 0.6040 0.6593 0.3687 0.0798  -0.1633 -0.0948 408 PRO A CB  
433 C CG  . PRO A 55 ? 0.6139 0.6586 0.3910 0.0975  -0.1608 -0.0615 408 PRO A CG  
434 C CD  . PRO A 55 ? 0.4539 0.4742 0.2646 0.0858  -0.1321 -0.0570 408 PRO A CD  
435 N N   . GLU A 56 ? 0.3896 0.5061 0.3069 0.0613  -0.1732 -0.1184 409 GLU A N   
436 C CA  . GLU A 56 ? 0.4064 0.5672 0.3798 0.0539  -0.1845 -0.1270 409 GLU A CA  
437 C C   . GLU A 56 ? 0.3490 0.5157 0.3753 0.0408  -0.1674 -0.1397 409 GLU A C   
438 O O   . GLU A 56 ? 0.4217 0.6155 0.4870 0.0218  -0.1691 -0.1547 409 GLU A O   
439 C CB  . GLU A 56 ? 0.4096 0.5931 0.4001 0.0786  -0.1971 -0.1041 409 GLU A CB  
440 C CG  . GLU A 56 ? 0.6058 0.8020 0.5606 0.0894  -0.2173 -0.0919 409 GLU A CG  
441 C CD  . GLU A 56 ? 0.6646 0.8825 0.6420 0.1146  -0.2263 -0.0691 409 GLU A CD  
442 O OE1 . GLU A 56 ? 0.6144 0.8777 0.6104 0.1150  -0.2452 -0.0682 409 GLU A OE1 
443 O OE2 . GLU A 56 ? 0.5765 0.7633 0.5522 0.1334  -0.2144 -0.0519 409 GLU A OE2 
444 N N   . PHE A 57 ? 0.3022 0.4384 0.3297 0.0488  -0.1453 -0.1272 410 PHE A N   
445 C CA  . PHE A 57 ? 0.2999 0.4388 0.3731 0.0422  -0.1230 -0.1294 410 PHE A CA  
446 C C   . PHE A 57 ? 0.2964 0.4008 0.3596 0.0261  -0.0946 -0.1354 410 PHE A C   
447 O O   . PHE A 57 ? 0.3379 0.4454 0.4361 0.0198  -0.0749 -0.1370 410 PHE A O   
448 C CB  . PHE A 57 ? 0.2514 0.3810 0.3332 0.0642  -0.1163 -0.1104 410 PHE A CB  
449 C CG  . PHE A 57 ? 0.3663 0.5282 0.4680 0.0857  -0.1366 -0.1035 410 PHE A CG  
450 C CD1 . PHE A 57 ? 0.3181 0.5323 0.4687 0.0831  -0.1434 -0.1110 410 PHE A CD1 
451 C CD2 . PHE A 57 ? 0.3798 0.5174 0.4538 0.1085  -0.1450 -0.0860 410 PHE A CD2 
452 C CE1 . PHE A 57 ? 0.3243 0.5609 0.4876 0.1023  -0.1512 -0.0967 410 PHE A CE1 
453 C CE2 . PHE A 57 ? 0.3215 0.4767 0.4078 0.1289  -0.1536 -0.0750 410 PHE A CE2 
454 C CZ  . PHE A 57 ? 0.3804 0.5864 0.5104 0.1265  -0.1556 -0.0794 410 PHE A CZ  
455 N N   . GLY A 58 ? 0.2772 0.3498 0.2917 0.0236  -0.0897 -0.1351 411 GLY A N   
456 C CA  . GLY A 58 ? 0.2761 0.3158 0.2792 0.0151  -0.0602 -0.1365 411 GLY A CA  
457 C C   . GLY A 58 ? 0.2592 0.2830 0.2593 0.0269  -0.0425 -0.1131 411 GLY A C   
458 O O   . GLY A 58 ? 0.2651 0.2851 0.2475 0.0377  -0.0525 -0.0971 411 GLY A O   
459 N N   . THR A 59 ? 0.2539 0.2689 0.2724 0.0239  -0.0172 -0.1100 412 THR A N   
460 C CA  . THR A 59 ? 0.2833 0.2914 0.3013 0.0329  -0.0039 -0.0893 412 THR A CA  
461 C C   . THR A 59 ? 0.2838 0.3065 0.3218 0.0417  -0.0168 -0.0828 412 THR A C   
462 O O   . THR A 59 ? 0.2713 0.3112 0.3385 0.0436  -0.0163 -0.0901 412 THR A O   
463 C CB  . THR A 59 ? 0.2906 0.2908 0.3217 0.0320  0.0259  -0.0853 412 THR A CB  
464 O OG1 . THR A 59 ? 0.4020 0.3786 0.4090 0.0278  0.0416  -0.0921 412 THR A OG1 
465 C CG2 . THR A 59 ? 0.3338 0.3386 0.3660 0.0410  0.0337  -0.0637 412 THR A CG2 
466 N N   . VAL A 60 ? 0.1880 0.2008 0.2099 0.0472  -0.0265 -0.0691 413 VAL A N   
467 C CA  . VAL A 60 ? 0.1821 0.1946 0.2130 0.0564  -0.0387 -0.0659 413 VAL A CA  
468 C C   . VAL A 60 ? 0.2252 0.2238 0.2476 0.0538  -0.0366 -0.0519 413 VAL A C   
469 O O   . VAL A 60 ? 0.2200 0.2162 0.2337 0.0460  -0.0272 -0.0398 413 VAL A O   
470 C CB  . VAL A 60 ? 0.2967 0.3048 0.3175 0.0650  -0.0611 -0.0659 413 VAL A CB  
471 C CG1 . VAL A 60 ? 0.2187 0.2541 0.2564 0.0672  -0.0690 -0.0797 413 VAL A CG1 
472 C CG2 . VAL A 60 ? 0.2751 0.2641 0.2650 0.0613  -0.0664 -0.0518 413 VAL A CG2 
473 N N   . LYS A 61 ? 0.1963 0.1879 0.2222 0.0605  -0.0456 -0.0543 414 LYS A N   
474 C CA  . LYS A 61 ? 0.2209 0.1956 0.2383 0.0536  -0.0527 -0.0455 414 LYS A CA  
475 C C   . LYS A 61 ? 0.3115 0.2536 0.3146 0.0558  -0.0710 -0.0430 414 LYS A C   
476 O O   . LYS A 61 ? 0.2881 0.2175 0.2883 0.0708  -0.0797 -0.0535 414 LYS A O   
477 C CB  . LYS A 61 ? 0.2492 0.2308 0.2711 0.0588  -0.0510 -0.0530 414 LYS A CB  
478 C CG  . LYS A 61 ? 0.3037 0.3149 0.3383 0.0589  -0.0309 -0.0481 414 LYS A CG  
479 C CD  . LYS A 61 ? 0.3463 0.3671 0.3778 0.0689  -0.0299 -0.0537 414 LYS A CD  
480 C CE  . LYS A 61 ? 0.4851 0.5337 0.5285 0.0741  -0.0067 -0.0441 414 LYS A CE  
481 N NZ  . LYS A 61 ? 0.5431 0.6050 0.5772 0.0878  -0.0048 -0.0461 414 LYS A NZ  
482 N N   . GLU A 62 ? 0.3179 0.2452 0.3126 0.0433  -0.0737 -0.0263 415 GLU A N   
483 C CA  . GLU A 62 ? 0.3104 0.1999 0.2903 0.0450  -0.0873 -0.0181 415 GLU A CA  
484 C C   . GLU A 62 ? 0.3752 0.2347 0.3565 0.0279  -0.0957 -0.0126 415 GLU A C   
485 O O   . GLU A 62 ? 0.3305 0.2079 0.3254 0.0088  -0.0905 -0.0021 415 GLU A O   
486 C CB  . GLU A 62 ? 0.3999 0.2909 0.3663 0.0440  -0.0831 0.0003  415 GLU A CB  
487 C CG  . GLU A 62 ? 0.6542 0.5053 0.6034 0.0486  -0.0935 0.0160  415 GLU A CG  
488 C CD  . GLU A 62 ? 0.7713 0.6276 0.6998 0.0508  -0.0872 0.0374  415 GLU A CD  
489 O OE1 . GLU A 62 ? 0.7294 0.6180 0.6530 0.0508  -0.0768 0.0336  415 GLU A OE1 
490 O OE2 . GLU A 62 ? 0.8811 0.7049 0.7941 0.0540  -0.0911 0.0582  415 GLU A OE2 
491 N N   . GLU A 63 ? 0.3843 0.1984 0.3532 0.0346  -0.1089 -0.0198 416 GLU A N   
492 C CA  . GLU A 63 ? 0.4204 0.1951 0.3882 0.0141  -0.1202 -0.0197 416 GLU A CA  
493 C C   . GLU A 63 ? 0.5288 0.2703 0.4955 -0.0009 -0.1206 0.0067  416 GLU A C   
494 O O   . GLU A 63 ? 0.5789 0.3045 0.5316 0.0158  -0.1176 0.0198  416 GLU A O   
495 C CB  . GLU A 63 ? 0.4840 0.2131 0.4325 0.0290  -0.1320 -0.0440 416 GLU A CB  
496 C CG  . GLU A 63 ? 0.5345 0.2186 0.4776 0.0037  -0.1472 -0.0526 416 GLU A CG  
497 C CD  . GLU A 63 ? 0.7416 0.3899 0.6576 0.0208  -0.1535 -0.0807 416 GLU A CD  
498 O OE1 . GLU A 63 ? 0.7230 0.3442 0.6312 0.0004  -0.1632 -0.0908 416 GLU A OE1 
499 O OE2 . GLU A 63 ? 0.7444 0.4078 0.6508 0.0533  -0.1434 -0.0886 416 GLU A OE2 
500 N N   . VAL A 64 ? 0.4886 0.2901 0.5105 0.0633  -0.0348 0.0128  417 VAL A N   
501 C CA  . VAL A 64 ? 0.5266 0.2758 0.5129 0.0546  -0.0629 0.0362  417 VAL A CA  
502 C C   . VAL A 64 ? 0.6563 0.3222 0.6046 0.0608  -0.0628 0.0297  417 VAL A C   
503 O O   . VAL A 64 ? 0.6485 0.3008 0.5739 0.0493  -0.0407 0.0114  417 VAL A O   
504 C CB  . VAL A 64 ? 0.5045 0.2685 0.4564 0.0153  -0.0676 0.0507  417 VAL A CB  
505 C CG1 . VAL A 64 ? 0.5677 0.2886 0.4807 0.0006  -0.0955 0.0774  417 VAL A CG1 
506 C CG2 . VAL A 64 ? 0.4831 0.3177 0.4666 0.0084  -0.0679 0.0514  417 VAL A CG2 
507 N N   . PHE A 65 ? 0.6571 0.2648 0.5957 0.0777  -0.0887 0.0452  418 PHE A N   
508 C CA  . PHE A 65 ? 0.7416 0.2554 0.6461 0.0894  -0.0910 0.0352  418 PHE A CA  
509 C C   . PHE A 65 ? 0.8954 0.3345 0.7384 0.0538  -0.1151 0.0608  418 PHE A C   
510 O O   . PHE A 65 ? 0.9041 0.3048 0.7102 0.0332  -0.1043 0.0480  418 PHE A O   
511 C CB  . PHE A 65 ? 0.8627 0.3492 0.8030 0.1450  -0.1012 0.0296  418 PHE A CB  
512 C CG  . PHE A 65 ? 0.8113 0.3896 0.8189 0.1796  -0.0824 0.0109  418 PHE A CG  
513 C CD1 . PHE A 65 ? 0.7522 0.3465 0.7749 0.2005  -0.0513 -0.0256 418 PHE A CD1 
514 C CD2 . PHE A 65 ? 0.8384 0.4935 0.8922 0.1872  -0.0961 0.0303  418 PHE A CD2 
515 C CE1 . PHE A 65 ? 0.7818 0.4708 0.8662 0.2269  -0.0338 -0.0402 418 PHE A CE1 
516 C CE2 . PHE A 65 ? 0.7479 0.4948 0.8631 0.2119  -0.0801 0.0149  418 PHE A CE2 
517 C CZ  . PHE A 65 ? 0.8095 0.5751 0.9411 0.2313  -0.0486 -0.0192 418 PHE A CZ  
518 N N   . GLN A 66 ? 0.8708 0.3297 0.7142 0.0411  -0.1403 0.0942  419 GLN A N   
519 C CA  . GLN A 66 ? 0.9424 0.3769 0.7442 0.0061  -0.1550 0.1159  419 GLN A CA  
520 C C   . GLN A 66 ? 0.8027 0.2832 0.5716 -0.0431 -0.1483 0.1211  419 GLN A C   
521 O O   . GLN A 66 ? 0.7116 0.2529 0.4927 -0.0515 -0.1426 0.1238  419 GLN A O   
522 C CB  . GLN A 66 ? 0.9508 0.3943 0.7662 0.0154  -0.1830 0.1475  419 GLN A CB  
523 C CG  . GLN A 66 ? 1.0816 0.5008 0.9383 0.0711  -0.1907 0.1459  419 GLN A CG  
524 C CD  . GLN A 66 ? 1.2757 0.6129 1.1199 0.0928  -0.1819 0.1269  419 GLN A CD  
525 O OE1 . GLN A 66 ? 1.3239 0.6093 1.1233 0.0617  -0.1841 0.1294  419 GLN A OE1 
526 N NE2 . GLN A 66 ? 1.2949 0.6275 1.1805 0.1464  -0.1718 0.1057  419 GLN A NE2 
527 N N   . ASP A 67 ? 0.8188 0.2737 0.5470 -0.0737 -0.1497 0.1219  420 ASP A N   
528 C CA  . ASP A 67 ? 0.7735 0.2821 0.4744 -0.1147 -0.1435 0.1239  420 ASP A CA  
529 C C   . ASP A 67 ? 0.7307 0.3090 0.4388 -0.1319 -0.1553 0.1438  420 ASP A C   
530 O O   . ASP A 67 ? 0.6676 0.3117 0.3766 -0.1476 -0.1431 0.1379  420 ASP A O   
531 C CB  . ASP A 67 ? 0.9873 0.4564 0.6437 -0.1442 -0.1504 0.1240  420 ASP A CB  
532 C CG  . ASP A 67 ? 1.0636 0.4882 0.7048 -0.1392 -0.1323 0.0978  420 ASP A CG  
533 O OD1 . ASP A 67 ? 0.9029 0.3560 0.5601 -0.1277 -0.1099 0.0798  420 ASP A OD1 
534 O OD2 . ASP A 67 ? 1.2500 0.6101 0.8610 -0.1486 -0.1402 0.0946  420 ASP A OD2 
535 N N   . ASP A 68 ? 0.7692 0.3357 0.4846 -0.1266 -0.1775 0.1650  421 ASP A N   
536 C CA  . ASP A 68 ? 0.7877 0.4221 0.5098 -0.1445 -0.1876 0.1811  421 ASP A CA  
537 C C   . ASP A 68 ? 0.7594 0.4373 0.5165 -0.1215 -0.1862 0.1825  421 ASP A C   
538 O O   . ASP A 68 ? 0.7729 0.5093 0.5374 -0.1333 -0.1922 0.1918  421 ASP A O   
539 C CB  . ASP A 68 ? 0.9883 0.5955 0.6954 -0.1580 -0.2134 0.2063  421 ASP A CB  
540 C CG  . ASP A 68 ? 1.1465 0.6772 0.8630 -0.1237 -0.2269 0.2163  421 ASP A CG  
541 O OD1 . ASP A 68 ? 1.1611 0.6828 0.9087 -0.0858 -0.2192 0.2059  421 ASP A OD1 
542 O OD2 . ASP A 68 ? 1.2966 0.7776 0.9920 -0.1329 -0.2455 0.2344  421 ASP A OD2 
543 N N   . ALA A 69 ? 0.8519 0.5043 0.6310 -0.0903 -0.1779 0.1710  422 ALA A N   
544 C CA  . ALA A 69 ? 0.7154 0.4086 0.5292 -0.0695 -0.1817 0.1732  422 ALA A CA  
545 C C   . ALA A 69 ? 0.5873 0.3440 0.3984 -0.0865 -0.1645 0.1611  422 ALA A C   
546 O O   . ALA A 69 ? 0.5416 0.2962 0.3378 -0.0959 -0.1423 0.1446  422 ALA A O   
547 C CB  . ALA A 69 ? 0.7598 0.4164 0.6094 -0.0282 -0.1770 0.1595  422 ALA A CB  
548 N N   . VAL A 70 ? 0.5403 0.3562 0.3662 -0.0886 -0.1742 0.1671  423 VAL A N   
549 C CA  . VAL A 70 ? 0.5472 0.4231 0.3704 -0.1012 -0.1579 0.1501  423 VAL A CA  
550 C C   . VAL A 70 ? 0.4576 0.3437 0.3177 -0.0820 -0.1308 0.1181  423 VAL A C   
551 O O   . VAL A 70 ? 0.5071 0.3968 0.4088 -0.0602 -0.1317 0.1111  423 VAL A O   
552 C CB  . VAL A 70 ? 0.5468 0.4831 0.3805 -0.1081 -0.1706 0.1541  423 VAL A CB  
553 C CG1 . VAL A 70 ? 0.4632 0.4493 0.2926 -0.1168 -0.1518 0.1296  423 VAL A CG1 
554 C CG2 . VAL A 70 ? 0.5533 0.4938 0.3741 -0.1236 -0.1777 0.1692  423 VAL A CG2 
555 N N   . ILE A 71 ? 0.4144 0.3107 0.2594 -0.0907 -0.1075 0.1016  424 ILE A N   
556 C CA  . ILE A 71 ? 0.3831 0.2849 0.2557 -0.0783 -0.0820 0.0765  424 ILE A CA  
557 C C   . ILE A 71 ? 0.3993 0.3436 0.2905 -0.0807 -0.0802 0.0626  424 ILE A C   
558 O O   . ILE A 71 ? 0.4306 0.3998 0.2972 -0.0935 -0.0836 0.0614  424 ILE A O   
559 C CB  . ILE A 71 ? 0.3683 0.2596 0.2149 -0.0850 -0.0595 0.0685  424 ILE A CB  
560 C CG1 . ILE A 71 ? 0.4661 0.3137 0.2923 -0.0878 -0.0603 0.0771  424 ILE A CG1 
561 C CG2 . ILE A 71 ? 0.3426 0.2404 0.2129 -0.0756 -0.0353 0.0478  424 ILE A CG2 
562 C CD1 . ILE A 71 ? 0.4399 0.2519 0.2942 -0.0674 -0.0624 0.0719  424 ILE A CD1 
563 N N   . PRO A 72 ? 0.3531 0.3086 0.2861 -0.0701 -0.0744 0.0506  425 PRO A N   
564 C CA  . PRO A 72 ? 0.3428 0.3320 0.2900 -0.0799 -0.0728 0.0357  425 PRO A CA  
565 C C   . PRO A 72 ? 0.3322 0.3074 0.2594 -0.0868 -0.0501 0.0191  425 PRO A C   
566 O O   . PRO A 72 ? 0.3690 0.3190 0.2887 -0.0806 -0.0321 0.0184  425 PRO A O   
567 C CB  . PRO A 72 ? 0.3870 0.3958 0.3847 -0.0698 -0.0711 0.0305  425 PRO A CB  
568 C CG  . PRO A 72 ? 0.3407 0.3191 0.3464 -0.0515 -0.0579 0.0323  425 PRO A CG  
569 C CD  . PRO A 72 ? 0.3901 0.3317 0.3571 -0.0506 -0.0682 0.0481  425 PRO A CD  
570 N N   . GLY A 73 ? 0.3746 0.3640 0.2908 -0.0986 -0.0521 0.0057  426 GLY A N   
571 C CA  . GLY A 73 ? 0.3974 0.3636 0.2926 -0.0999 -0.0328 -0.0098 426 GLY A CA  
572 C C   . GLY A 73 ? 0.4881 0.4477 0.4038 -0.1114 -0.0259 -0.0266 426 GLY A C   
573 O O   . GLY A 73 ? 0.3592 0.3469 0.3042 -0.1221 -0.0378 -0.0282 426 GLY A O   
574 N N   . TRP A 74 ? 0.3705 0.2941 0.2698 -0.1105 -0.0079 -0.0366 427 TRP A N   
575 C CA  . TRP A 74 ? 0.3988 0.3021 0.3063 -0.1278 -0.0023 -0.0518 427 TRP A CA  
576 C C   . TRP A 74 ? 0.4520 0.3124 0.3186 -0.1232 0.0047  -0.0681 427 TRP A C   
577 O O   . TRP A 74 ? 0.4512 0.2864 0.2978 -0.1040 0.0186  -0.0623 427 TRP A O   
578 C CB  . TRP A 74 ? 0.4399 0.3327 0.3738 -0.1314 0.0141  -0.0433 427 TRP A CB  
579 C CG  . TRP A 74 ? 0.5797 0.4565 0.5234 -0.1581 0.0173  -0.0540 427 TRP A CG  
580 C CD1 . TRP A 74 ? 0.5754 0.4899 0.5489 -0.1826 0.0057  -0.0595 427 TRP A CD1 
581 C CD2 . TRP A 74 ? 0.6902 0.5088 0.6119 -0.1664 0.0313  -0.0578 427 TRP A CD2 
582 N NE1 . TRP A 74 ? 0.6521 0.5354 0.6215 -0.2116 0.0118  -0.0677 427 TRP A NE1 
583 C CE2 . TRP A 74 ? 0.7303 0.5472 0.6665 -0.2015 0.0272  -0.0662 427 TRP A CE2 
584 C CE3 . TRP A 74 ? 0.8069 0.5757 0.6976 -0.1476 0.0454  -0.0525 427 TRP A CE3 
585 C CZ2 . TRP A 74 ? 0.9198 0.6747 0.8366 -0.2212 0.0364  -0.0688 427 TRP A CZ2 
586 C CZ3 . TRP A 74 ? 0.9515 0.6601 0.8254 -0.1604 0.0542  -0.0541 427 TRP A CZ3 
587 C CH2 . TRP A 74 ? 0.9608 0.6587 0.8465 -0.1970 0.0491  -0.0615 427 TRP A CH2 
588 N N   . GLU A 75 ? 0.4756 0.3306 0.3287 -0.1391 -0.0056 -0.0896 428 GLU A N   
589 C CA  . GLU A 75 ? 0.5848 0.3955 0.3954 -0.1309 -0.0006 -0.1124 428 GLU A CA  
590 C C   . GLU A 75 ? 0.5328 0.3573 0.3161 -0.0993 0.0050  -0.1076 428 GLU A C   
591 O O   . GLU A 75 ? 0.6195 0.4058 0.3794 -0.0770 0.0191  -0.1123 428 GLU A O   
592 C CB  . GLU A 75 ? 0.5727 0.3118 0.3762 -0.1352 0.0142  -0.1171 428 GLU A CB  
593 C CG  . GLU A 75 ? 0.7915 0.5213 0.6173 -0.1747 0.0084  -0.1226 428 GLU A CG  
594 C CD  . GLU A 75 ? 0.9648 0.6140 0.7731 -0.1852 0.0190  -0.1278 428 GLU A CD  
595 O OE1 . GLU A 75 ? 1.0002 0.5995 0.7843 -0.1572 0.0323  -0.1225 428 GLU A OE1 
596 O OE2 . GLU A 75 ? 0.9255 0.5760 0.7510 -0.2144 0.0117  -0.1302 428 GLU A OE2 
597 N N   . GLY A 76 ? 0.4746 0.3571 0.2618 -0.0984 -0.0070 -0.0951 429 GLY A N   
598 C CA  . GLY A 76 ? 0.5348 0.4475 0.2949 -0.0781 -0.0049 -0.0899 429 GLY A CA  
599 C C   . GLY A 76 ? 0.5110 0.4243 0.2745 -0.0612 0.0076  -0.0664 429 GLY A C   
600 O O   . GLY A 76 ? 0.4804 0.4261 0.2224 -0.0473 0.0102  -0.0595 429 GLY A O   
601 N N   . LYS A 77 ? 0.4429 0.3284 0.2319 -0.0652 0.0156  -0.0544 430 LYS A N   
602 C CA  . LYS A 77 ? 0.4071 0.2947 0.1977 -0.0537 0.0270  -0.0337 430 LYS A CA  
603 C C   . LYS A 77 ? 0.4019 0.2991 0.2222 -0.0667 0.0221  -0.0181 430 LYS A C   
604 O O   . LYS A 77 ? 0.3949 0.3007 0.2378 -0.0797 0.0102  -0.0214 430 LYS A O   
605 C CB  . LYS A 77 ? 0.4627 0.3059 0.2483 -0.0407 0.0450  -0.0346 430 LYS A CB  
606 C CG  . LYS A 77 ? 0.6730 0.4959 0.4280 -0.0183 0.0506  -0.0512 430 LYS A CG  
607 C CD  . LYS A 77 ? 0.7377 0.4995 0.4880 -0.0068 0.0645  -0.0501 430 LYS A CD  
608 C CE  . LYS A 77 ? 0.6435 0.3554 0.4076 -0.0332 0.0620  -0.0607 430 LYS A CE  
609 N NZ  . LYS A 77 ? 0.6797 0.3696 0.4262 -0.0398 0.0524  -0.0913 430 LYS A NZ  
610 N N   . ILE A 78 ? 0.1999 0.1363 0.1972 -0.0349 0.0441  0.0212  431 ILE A N   
611 C CA  . ILE A 78 ? 0.2260 0.1664 0.2295 -0.0320 0.0421  0.0114  431 ILE A CA  
612 C C   . ILE A 78 ? 0.1977 0.1770 0.2015 -0.0192 0.0393  0.0082  431 ILE A C   
613 O O   . ILE A 78 ? 0.2070 0.2042 0.2128 -0.0127 0.0389  0.0043  431 ILE A O   
614 C CB  . ILE A 78 ? 0.2160 0.1412 0.2290 -0.0363 0.0407  -0.0072 431 ILE A CB  
615 C CG1 . ILE A 78 ? 0.2874 0.1762 0.2848 -0.0399 0.0405  -0.0029 431 ILE A CG1 
616 C CG2 . ILE A 78 ? 0.2610 0.1949 0.2704 -0.0236 0.0326  -0.0205 431 ILE A CG2 
617 C CD1 . ILE A 78 ? 0.2973 0.1739 0.2964 -0.0480 0.0447  -0.0172 431 ILE A CD1 
618 N N   . VAL A 79 ? 0.1689 0.1625 0.1684 -0.0131 0.0380  0.0091  432 VAL A N   
619 C CA  . VAL A 79 ? 0.1531 0.1730 0.1450 -0.0011 0.0400  0.0047  432 VAL A CA  
620 C C   . VAL A 79 ? 0.1630 0.1939 0.1627 0.0110  0.0339  -0.0088 432 VAL A C   
621 O O   . VAL A 79 ? 0.1498 0.1851 0.1569 0.0138  0.0330  -0.0075 432 VAL A O   
622 C CB  . VAL A 79 ? 0.2100 0.2361 0.1846 -0.0081 0.0540  0.0170  432 VAL A CB  
623 C CG1 . VAL A 79 ? 0.2539 0.2933 0.2092 0.0045  0.0619  0.0123  432 VAL A CG1 
624 C CG2 . VAL A 79 ? 0.2565 0.2546 0.2092 -0.0188 0.0636  0.0317  432 VAL A CG2 
625 N N   . ALA A 80 ? 0.1633 0.1990 0.1574 0.0211  0.0290  -0.0225 433 ALA A N   
626 C CA  . ALA A 80 ? 0.2223 0.2520 0.2132 0.0325  0.0249  -0.0371 433 ALA A CA  
627 C C   . ALA A 80 ? 0.1980 0.2425 0.1713 0.0478  0.0268  -0.0454 433 ALA A C   
628 O O   . ALA A 80 ? 0.2024 0.2560 0.1613 0.0507  0.0262  -0.0449 433 ALA A O   
629 C CB  . ALA A 80 ? 0.2371 0.2388 0.2284 0.0230  0.0182  -0.0521 433 ALA A CB  
630 N N   . TRP A 81 ? 0.2176 0.2586 0.1845 0.0622  0.0302  -0.0525 434 TRP A N   
631 C CA  . TRP A 81 ? 0.2458 0.2887 0.1886 0.0778  0.0340  -0.0626 434 TRP A CA  
632 C C   . TRP A 81 ? 0.2871 0.2961 0.2118 0.0837  0.0276  -0.0808 434 TRP A C   
633 O O   . TRP A 81 ? 0.3283 0.3158 0.2521 0.0915  0.0308  -0.0816 434 TRP A O   
634 C CB  . TRP A 81 ? 0.3142 0.3827 0.2605 0.0902  0.0514  -0.0558 434 TRP A CB  
635 C CG  . TRP A 81 ? 0.2997 0.3891 0.2485 0.0775  0.0641  -0.0424 434 TRP A CG  
636 C CD1 . TRP A 81 ? 0.3732 0.4578 0.2897 0.0805  0.0781  -0.0406 434 TRP A CD1 
637 C CD2 . TRP A 81 ? 0.2706 0.3747 0.2425 0.0586  0.0667  -0.0296 434 TRP A CD2 
638 N NE1 . TRP A 81 ? 0.3141 0.4020 0.2303 0.0615  0.0916  -0.0272 434 TRP A NE1 
639 C CE2 . TRP A 81 ? 0.2727 0.3774 0.2238 0.0474  0.0852  -0.0212 434 TRP A CE2 
640 C CE3 . TRP A 81 ? 0.2790 0.3861 0.2769 0.0502  0.0566  -0.0250 434 TRP A CE3 
641 C CZ2 . TRP A 81 ? 0.2481 0.3570 0.2051 0.0240  0.0945  -0.0097 434 TRP A CZ2 
642 C CZ3 . TRP A 81 ? 0.3164 0.4341 0.3239 0.0293  0.0619  -0.0133 434 TRP A CZ3 
643 C CH2 . TRP A 81 ? 0.3432 0.4622 0.3313 0.0143  0.0811  -0.0065 434 TRP A CH2 
644 N N   . VAL A 82 ? 0.3271 0.3274 0.2301 0.0807  0.0184  -0.0965 435 VAL A N   
645 C CA  . VAL A 82 ? 0.3542 0.3160 0.2308 0.0779  0.0139  -0.1185 435 VAL A CA  
646 C C   . VAL A 82 ? 0.3969 0.3472 0.2341 0.0990  0.0190  -0.1271 435 VAL A C   
647 O O   . VAL A 82 ? 0.4376 0.4018 0.2568 0.1021  0.0109  -0.1332 435 VAL A O   
648 C CB  . VAL A 82 ? 0.3584 0.3258 0.2423 0.0522  -0.0022 -0.1368 435 VAL A CB  
649 C CG1 . VAL A 82 ? 0.4920 0.4153 0.3430 0.0397  -0.0039 -0.1643 435 VAL A CG1 
650 C CG2 . VAL A 82 ? 0.3205 0.2970 0.2422 0.0319  -0.0019 -0.1277 435 VAL A CG2 
651 N N   . GLU A 83 ? 0.5284 0.4504 0.3474 0.1176  0.0329  -0.1267 436 GLU A N   
652 C CA  . GLU A 83 ? 0.6547 0.5697 0.4487 0.1333  0.0427  -0.1253 436 GLU A CA  
653 C C   . GLU A 83 ? 0.6614 0.5217 0.4150 0.1311  0.0430  -0.1414 436 GLU A C   
654 O O   . GLU A 83 ? 0.6037 0.4281 0.3505 0.1300  0.0476  -0.1435 436 GLU A O   
655 C CB  . GLU A 83 ? 0.6991 0.6422 0.5171 0.1532  0.0604  -0.1074 436 GLU A CB  
656 C CG  . GLU A 83 ? 0.8518 0.8476 0.7062 0.1475  0.0656  -0.0926 436 GLU A CG  
657 C CD  . GLU A 83 ? 0.9931 1.0278 0.8787 0.1587  0.0820  -0.0815 436 GLU A CD  
658 O OE1 . GLU A 83 ? 1.0770 1.1013 0.9567 0.1778  0.0873  -0.0839 436 GLU A OE1 
659 O OE2 . GLU A 83 ? 0.9818 1.0576 0.8963 0.1469  0.0900  -0.0718 436 GLU A OE2 
660 N N   . GLU A 84 ? 0.7358 0.5849 0.4570 0.1302  0.0395  -0.1518 437 GLU A N   
661 C CA  . GLU A 84 ? 0.9095 0.7065 0.5881 0.1244  0.0410  -0.1688 437 GLU A CA  
662 C C   . GLU A 84 ? 0.9205 0.6945 0.5807 0.1528  0.0607  -0.1575 437 GLU A C   
663 O O   . GLU A 84 ? 1.1045 0.8347 0.7445 0.1578  0.0685  -0.1592 437 GLU A O   
664 C CB  . GLU A 84 ? 0.9843 0.7812 0.6334 0.1118  0.0259  -0.1863 437 GLU A CB  
665 C CG  . GLU A 84 ? 1.1226 0.9268 0.7510 0.1351  0.0331  -0.1752 437 GLU A CG  
666 C CD  . GLU A 84 ? 1.1865 0.9758 0.7721 0.1273  0.0178  -0.1932 437 GLU A CD  
667 O OE1 . GLU A 84 ? 1.1650 0.9626 0.7506 0.1015  -0.0033 -0.2141 437 GLU A OE1 
668 O OE2 . GLU A 84 ? 1.2222 0.9945 0.7753 0.1456  0.0270  -0.1874 437 GLU A OE2 
# 
loop_
_pdbx_poly_seq_scheme.asym_id 
_pdbx_poly_seq_scheme.entity_id 
_pdbx_poly_seq_scheme.seq_id 
_pdbx_poly_seq_scheme.mon_id 
_pdbx_poly_seq_scheme.ndb_seq_num 
_pdbx_poly_seq_scheme.pdb_seq_num 
_pdbx_poly_seq_scheme.auth_seq_num 
_pdbx_poly_seq_scheme.pdb_mon_id 
_pdbx_poly_seq_scheme.auth_mon_id 
_pdbx_poly_seq_scheme.pdb_strand_id 
_pdbx_poly_seq_scheme.pdb_ins_code 
_pdbx_poly_seq_scheme.hetero 
A 1 1  GLY 1  354 ?   ?   ?   A . n 
A 1 2  PRO 2  355 355 PRO PRO A . n 
A 1 3  ALA 3  356 356 ALA ALA A . n 
A 1 4  ALA 4  357 357 ALA ALA A . n 
A 1 5  ALA 5  358 358 ALA ALA A . n 
A 1 6  SER 6  359 359 SER SER A . n 
A 1 7  THR 7  360 360 THR THR A . n 
A 1 8  LYS 8  361 361 LYS LYS A . n 
A 1 9  VAL 9  362 362 VAL VAL A . n 
A 1 10 LEU 10 363 363 LEU LEU A . n 
A 1 11 TYR 11 364 364 TYR TYR A . n 
A 1 12 TYR 12 365 365 TYR TYR A . n 
A 1 13 THR 13 366 366 THR THR A . n 
A 1 14 ASP 14 367 367 ASP ASP A . n 
A 1 15 ARG 15 368 368 ARG ARG A . n 
A 1 16 SER 16 369 369 SER SER A . n 
A 1 17 LEU 17 370 370 LEU LEU A . n 
A 1 18 THR 18 371 371 THR THR A . n 
A 1 19 PRO 19 372 372 PRO PRO A . n 
A 1 20 PHE 20 373 373 PHE PHE A . n 
A 1 21 LEU 21 374 374 LEU LEU A . n 
A 1 22 VAL 22 375 375 VAL VAL A . n 
A 1 23 ASN 23 376 376 ASN ASN A . n 
A 1 24 ILE 24 377 377 ILE ILE A . n 
A 1 25 PRO 25 378 378 PRO PRO A . n 
A 1 26 LYS 26 379 379 LYS LYS A . n 
A 1 27 ARG 27 380 380 ARG ARG A . n 
A 1 28 LEU 28 381 381 LEU LEU A . n 
A 1 29 GLY 29 382 382 GLY GLY A . n 
A 1 30 ASP 30 383 383 ASP ASP A . n 
A 1 31 VAL 31 384 384 VAL VAL A . n 
A 1 32 THR 32 385 385 THR THR A . n 
A 1 33 LEU 33 386 386 LEU LEU A . n 
A 1 34 GLN 34 387 387 GLN GLN A . n 
A 1 35 ASP 35 388 388 ASP ASP A . n 
A 1 36 PHE 36 389 389 PHE PHE A . n 
A 1 37 LYS 37 390 390 LYS LYS A . n 
A 1 38 ALA 38 391 391 ALA ALA A . n 
A 1 39 ALA 39 392 392 ALA ALA A . n 
A 1 40 VAL 40 393 393 VAL VAL A . n 
A 1 41 ASP 41 394 394 ASP ASP A . n 
A 1 42 ARG 42 395 395 ARG ARG A . n 
A 1 43 HIS 43 396 396 HIS HIS A . n 
A 1 44 GLY 44 397 397 GLY GLY A . n 
A 1 45 SER 45 398 398 SER SER A . n 
A 1 46 PHE 46 399 399 PHE PHE A . n 
A 1 47 ARG 47 400 400 ARG ARG A . n 
A 1 48 TYR 48 401 401 TYR TYR A . n 
A 1 49 HIS 49 402 402 HIS HIS A . n 
A 1 50 PHE 50 403 403 PHE PHE A . n 
A 1 51 LYS 51 404 404 LYS LYS A . n 
A 1 52 SER 52 405 405 SER SER A . n 
A 1 53 LEU 53 406 406 LEU LEU A . n 
A 1 54 ASP 54 407 407 ASP ASP A . n 
A 1 55 PRO 55 408 408 PRO PRO A . n 
A 1 56 GLU 56 409 409 GLU GLU A . n 
A 1 57 PHE 57 410 410 PHE PHE A . n 
A 1 58 GLY 58 411 411 GLY GLY A . n 
A 1 59 THR 59 412 412 THR THR A . n 
A 1 60 VAL 60 413 413 VAL VAL A . n 
A 1 61 LYS 61 414 414 LYS LYS A . n 
A 1 62 GLU 62 415 415 GLU GLU A . n 
A 1 63 GLU 63 416 416 GLU GLU A . n 
A 1 64 VAL 64 417 417 VAL VAL A . n 
A 1 65 PHE 65 418 418 PHE PHE A . n 
A 1 66 GLN 66 419 419 GLN GLN A . n 
A 1 67 ASP 67 420 420 ASP ASP A . n 
A 1 68 ASP 68 421 421 ASP ASP A . n 
A 1 69 ALA 69 422 422 ALA ALA A . n 
A 1 70 VAL 70 423 423 VAL VAL A . n 
A 1 71 ILE 71 424 424 ILE ILE A . n 
A 1 72 PRO 72 425 425 PRO PRO A . n 
A 1 73 GLY 73 426 426 GLY GLY A . n 
A 1 74 TRP 74 427 427 TRP TRP A . n 
A 1 75 GLU 75 428 428 GLU GLU A . n 
A 1 76 GLY 76 429 429 GLY GLY A . n 
A 1 77 LYS 77 430 430 LYS LYS A . n 
A 1 78 ILE 78 431 431 ILE ILE A . n 
A 1 79 VAL 79 432 432 VAL VAL A . n 
A 1 80 ALA 80 433 433 ALA ALA A . n 
A 1 81 TRP 81 434 434 TRP TRP A . n 
A 1 82 VAL 82 435 435 VAL VAL A . n 
A 1 83 GLU 83 436 436 GLU GLU A . n 
A 1 84 GLU 84 437 437 GLU GLU A . n 
A 1 85 ASP 85 438 ?   ?   ?   A . n 
# 
loop_
_pdbx_nonpoly_scheme.asym_id 
_pdbx_nonpoly_scheme.entity_id 
_pdbx_nonpoly_scheme.mon_id 
_pdbx_nonpoly_scheme.ndb_seq_num 
_pdbx_nonpoly_scheme.pdb_seq_num 
_pdbx_nonpoly_scheme.auth_seq_num 
_pdbx_nonpoly_scheme.pdb_mon_id 
_pdbx_nonpoly_scheme.auth_mon_id 
_pdbx_nonpoly_scheme.pdb_strand_id 
_pdbx_nonpoly_scheme.pdb_ins_code 
B 2 HOH 1  501 33 HOH HOH A . 
B 2 HOH 2  502 37 HOH HOH A . 
B 2 HOH 3  503 1  HOH HOH A . 
B 2 HOH 4  504 19 HOH HOH A . 
B 2 HOH 5  505 14 HOH HOH A . 
B 2 HOH 6  506 32 HOH HOH A . 
B 2 HOH 7  507 12 HOH HOH A . 
B 2 HOH 8  508 21 HOH HOH A . 
B 2 HOH 9  509 22 HOH HOH A . 
B 2 HOH 10 510 25 HOH HOH A . 
B 2 HOH 11 511 20 HOH HOH A . 
B 2 HOH 12 512 3  HOH HOH A . 
B 2 HOH 13 513 9  HOH HOH A . 
B 2 HOH 14 514 13 HOH HOH A . 
B 2 HOH 15 515 4  HOH HOH A . 
B 2 HOH 16 516 40 HOH HOH A . 
B 2 HOH 17 517 29 HOH HOH A . 
B 2 HOH 18 518 5  HOH HOH A . 
B 2 HOH 19 519 2  HOH HOH A . 
B 2 HOH 20 520 18 HOH HOH A . 
B 2 HOH 21 521 10 HOH HOH A . 
B 2 HOH 22 522 23 HOH HOH A . 
B 2 HOH 23 523 16 HOH HOH A . 
B 2 HOH 24 524 17 HOH HOH A . 
B 2 HOH 25 525 7  HOH HOH A . 
B 2 HOH 26 526 51 HOH HOH A . 
B 2 HOH 27 527 6  HOH HOH A . 
B 2 HOH 28 528 34 HOH HOH A . 
B 2 HOH 29 529 57 HOH HOH A . 
B 2 HOH 30 530 48 HOH HOH A . 
B 2 HOH 31 531 43 HOH HOH A . 
B 2 HOH 32 532 50 HOH HOH A . 
B 2 HOH 33 533 53 HOH HOH A . 
B 2 HOH 34 534 28 HOH HOH A . 
B 2 HOH 35 535 26 HOH HOH A . 
B 2 HOH 36 536 35 HOH HOH A . 
B 2 HOH 37 537 24 HOH HOH A . 
B 2 HOH 38 538 62 HOH HOH A . 
B 2 HOH 39 539 64 HOH HOH A . 
B 2 HOH 40 540 59 HOH HOH A . 
B 2 HOH 41 541 54 HOH HOH A . 
B 2 HOH 42 542 39 HOH HOH A . 
B 2 HOH 43 543 65 HOH HOH A . 
B 2 HOH 44 544 52 HOH HOH A . 
B 2 HOH 45 545 47 HOH HOH A . 
B 2 HOH 46 546 15 HOH HOH A . 
B 2 HOH 47 547 11 HOH HOH A . 
B 2 HOH 48 548 27 HOH HOH A . 
B 2 HOH 49 549 30 HOH HOH A . 
B 2 HOH 50 550 36 HOH HOH A . 
B 2 HOH 51 551 38 HOH HOH A . 
B 2 HOH 52 552 55 HOH HOH A . 
B 2 HOH 53 553 61 HOH HOH A . 
B 2 HOH 54 554 41 HOH HOH A . 
B 2 HOH 55 555 45 HOH HOH A . 
B 2 HOH 56 556 46 HOH HOH A . 
B 2 HOH 57 557 42 HOH HOH A . 
B 2 HOH 58 558 8  HOH HOH A . 
B 2 HOH 59 559 60 HOH HOH A . 
B 2 HOH 60 560 44 HOH HOH A . 
B 2 HOH 61 561 63 HOH HOH A . 
B 2 HOH 62 562 56 HOH HOH A . 
B 2 HOH 63 563 66 HOH HOH A . 
B 2 HOH 64 564 58 HOH HOH A . 
B 2 HOH 65 565 49 HOH HOH A . 
B 2 HOH 66 566 31 HOH HOH A . 
# 
_pdbx_struct_assembly.id                   1 
_pdbx_struct_assembly.details              author_defined_assembly 
_pdbx_struct_assembly.method_details       ? 
_pdbx_struct_assembly.oligomeric_details   monomeric 
_pdbx_struct_assembly.oligomeric_count     1 
# 
_pdbx_struct_assembly_gen.assembly_id       1 
_pdbx_struct_assembly_gen.oper_expression   1 
_pdbx_struct_assembly_gen.asym_id_list      A,B 
# 
loop_
_pdbx_struct_assembly_prop.biol_id 
_pdbx_struct_assembly_prop.type 
_pdbx_struct_assembly_prop.value 
_pdbx_struct_assembly_prop.details 
1 'ABSA (A^2)' 0    ? 
1 MORE         0    ? 
1 'SSA (A^2)'  5590 ? 
# 
_pdbx_struct_oper_list.id                   1 
_pdbx_struct_oper_list.type                 'identity operation' 
_pdbx_struct_oper_list.name                 1_555 
_pdbx_struct_oper_list.symmetry_operation   x,y,z 
_pdbx_struct_oper_list.matrix[1][1]         1.0000000000 
_pdbx_struct_oper_list.matrix[1][2]         0.0000000000 
_pdbx_struct_oper_list.matrix[1][3]         0.0000000000 
_pdbx_struct_oper_list.vector[1]            0.0000000000 
_pdbx_struct_oper_list.matrix[2][1]         0.0000000000 
_pdbx_struct_oper_list.matrix[2][2]         1.0000000000 
_pdbx_struct_oper_list.matrix[2][3]         0.0000000000 
_pdbx_struct_oper_list.vector[2]            0.0000000000 
_pdbx_struct_oper_list.matrix[3][1]         0.0000000000 
_pdbx_struct_oper_list.matrix[3][2]         0.0000000000 
_pdbx_struct_oper_list.matrix[3][3]         1.0000000000 
_pdbx_struct_oper_list.vector[3]            0.0000000000 
# 
loop_
_pdbx_audit_revision_history.ordinal 
_pdbx_audit_revision_history.data_content_type 
_pdbx_audit_revision_history.major_revision 
_pdbx_audit_revision_history.minor_revision 
_pdbx_audit_revision_history.revision_date 
1 'Structure model' 1 0 2017-09-06 
2 'Structure model' 1 1 2023-11-22 
# 
_pdbx_audit_revision_details.ordinal             1 
_pdbx_audit_revision_details.revision_ordinal    1 
_pdbx_audit_revision_details.data_content_type   'Structure model' 
_pdbx_audit_revision_details.provider            repository 
_pdbx_audit_revision_details.type                'Initial release' 
_pdbx_audit_revision_details.description         ? 
_pdbx_audit_revision_details.details             ? 
# 
loop_
_pdbx_audit_revision_group.ordinal 
_pdbx_audit_revision_group.revision_ordinal 
_pdbx_audit_revision_group.data_content_type 
_pdbx_audit_revision_group.group 
1 2 'Structure model' 'Data collection'        
2 2 'Structure model' 'Database references'    
3 2 'Structure model' 'Refinement description' 
# 
loop_
_pdbx_audit_revision_category.ordinal 
_pdbx_audit_revision_category.revision_ordinal 
_pdbx_audit_revision_category.data_content_type 
_pdbx_audit_revision_category.category 
1 2 'Structure model' chem_comp_atom                
2 2 'Structure model' chem_comp_bond                
3 2 'Structure model' database_2                    
4 2 'Structure model' pdbx_initial_refinement_model 
# 
loop_
_pdbx_audit_revision_item.ordinal 
_pdbx_audit_revision_item.revision_ordinal 
_pdbx_audit_revision_item.data_content_type 
_pdbx_audit_revision_item.item 
1 2 'Structure model' '_database_2.pdbx_DOI'                
2 2 'Structure model' '_database_2.pdbx_database_accession' 
# 
loop_
_pdbx_refine_tls.pdbx_refine_id 
_pdbx_refine_tls.id 
_pdbx_refine_tls.details 
_pdbx_refine_tls.method 
_pdbx_refine_tls.origin_x 
_pdbx_refine_tls.origin_y 
_pdbx_refine_tls.origin_z 
_pdbx_refine_tls.T[1][1] 
_pdbx_refine_tls.T[2][2] 
_pdbx_refine_tls.T[3][3] 
_pdbx_refine_tls.T[1][2] 
_pdbx_refine_tls.T[1][3] 
_pdbx_refine_tls.T[2][3] 
_pdbx_refine_tls.L[1][1] 
_pdbx_refine_tls.L[2][2] 
_pdbx_refine_tls.L[3][3] 
_pdbx_refine_tls.L[1][2] 
_pdbx_refine_tls.L[1][3] 
_pdbx_refine_tls.L[2][3] 
_pdbx_refine_tls.S[1][1] 
_pdbx_refine_tls.S[1][2] 
_pdbx_refine_tls.S[1][3] 
_pdbx_refine_tls.S[2][1] 
_pdbx_refine_tls.S[2][2] 
_pdbx_refine_tls.S[2][3] 
_pdbx_refine_tls.S[3][1] 
_pdbx_refine_tls.S[3][2] 
_pdbx_refine_tls.S[3][3] 
'X-RAY DIFFRACTION' 1  ? refined -13.8404 4.9354  11.8916  0.6575 1.4973 0.4874 0.0405  0.2159  -0.0845 1.7588  1.1527 1.1721  1.4300  -1.4377 -1.1632 0.5768 -1.3379 0.7976  1.5794  0.2352  0.7349  -0.7915 -0.8533 -0.1648 
'X-RAY DIFFRACTION' 2  ? refined -2.5162  4.6208  -4.1002  0.1550 0.1485 0.1419 -0.0224 0.0267  -0.0185 8.5790  1.3428 9.8924  0.2293  -5.0700 -2.0406 0.2365 -0.4212 0.5068  -0.1234 -0.0892 0.2558  0.1858  0.5493  -0.1927 
'X-RAY DIFFRACTION' 3  ? refined -0.4389  5.1026  -14.6031 0.7736 0.5294 0.3675 0.2335  0.0879  -0.0424 18.1294 1.1777 0.3399  -2.2262 2.4376  -0.2721 0.4304 2.8876  -0.9116 -2.5771 -1.1397 -0.2281 1.3617  0.8143  0.1351  
'X-RAY DIFFRACTION' 4  ? refined -7.7424  4.1372  -2.9378  0.2002 0.2144 0.2492 -0.0048 0.0498  -0.0227 9.1191  1.0824 8.3257  2.1879  -1.1378 1.0311  0.6873 -0.7675 0.1426  0.0858  -0.1583 0.3174  -0.0942 -0.8376 -0.3919 
'X-RAY DIFFRACTION' 5  ? refined -4.9893  -1.1796 9.1091   0.6696 0.5380 0.1051 -0.4007 0.1116  0.0862  14.9768 6.0280 -2.1882 -3.0538 1.7894  -1.2677 0.4900 -1.5447 0.1932  1.8078  -0.2532 0.3652  0.7072  -0.9487 0.1950  
'X-RAY DIFFRACTION' 6  ? refined -4.9018  -5.9435 -0.7366  0.2715 0.2205 0.1799 -0.0948 0.0258  0.0367  9.9483  6.8330 0.8442  -2.5433 2.9032  -0.5453 0.3509 -0.3697 -0.4593 0.3407  -0.0819 0.6198  -0.0516 0.0926  -0.2866 
'X-RAY DIFFRACTION' 7  ? refined -4.0359  -7.9621 -10.2951 0.7606 0.4017 0.8873 0.0120  -0.1153 -0.0622 12.5241 2.7801 4.2170  -5.1082 1.9515  -2.4623 0.6076 2.2244  -2.9427 -1.2885 0.3008  1.6965  0.5803  -0.3002 -1.3393 
'X-RAY DIFFRACTION' 8  ? refined 7.4547   -0.3445 -0.4119  0.2092 0.1992 0.1467 0.0455  -0.0141 -0.0292 5.4070  5.6635 7.0330  -0.2085 0.1611  3.7401  0.2328 0.0689  -0.3368 0.3673  -0.0368 -0.2427 0.8575  0.6191  -0.3476 
'X-RAY DIFFRACTION' 9  ? refined 13.7528  2.1204  2.9998   0.2391 0.2394 0.2337 0.0714  -0.0815 -0.0588 5.2467  4.8833 6.1064  -1.7502 -1.2465 -1.6913 0.2573 -0.4455 -0.1454 0.5671  0.1874  -0.3079 0.4396  0.4960  -0.3141 
'X-RAY DIFFRACTION' 10 ? refined 2.7372   -1.9741 4.1937   0.3641 0.2665 0.2707 -0.0644 -0.0617 0.0568  5.8495  1.8767 8.5855  1.2704  0.8692  -0.6642 0.3181 -0.6313 -0.4719 0.1322  -0.0395 -0.9030 0.5962  0.2520  -0.2905 
'X-RAY DIFFRACTION' 11 ? refined 3.2232   0.1836  -6.6843  0.2605 0.2850 0.1963 0.0763  0.0268  -0.0730 0.9209  5.6257 9.4955  -1.0958 -2.6607 1.9772  0.1420 0.5313  -0.4294 -0.5889 -0.3283 -0.0835 0.5678  0.1732  0.0446  
# 
loop_
_pdbx_refine_tls_group.pdbx_refine_id 
_pdbx_refine_tls_group.id 
_pdbx_refine_tls_group.refine_tls_id 
_pdbx_refine_tls_group.beg_auth_asym_id 
_pdbx_refine_tls_group.beg_auth_seq_id 
_pdbx_refine_tls_group.beg_label_asym_id 
_pdbx_refine_tls_group.beg_label_seq_id 
_pdbx_refine_tls_group.end_auth_asym_id 
_pdbx_refine_tls_group.end_auth_seq_id 
_pdbx_refine_tls_group.end_label_asym_id 
_pdbx_refine_tls_group.end_label_seq_id 
_pdbx_refine_tls_group.selection 
_pdbx_refine_tls_group.selection_details 
'X-RAY DIFFRACTION' 1  1  ? ? ? ? ? ? ? ? ? 
;chain 'A' and (resid 355 through 359 )
;
'X-RAY DIFFRACTION' 2  2  ? ? ? ? ? ? ? ? ? 
;chain 'A' and (resid 360 through 366 )
;
'X-RAY DIFFRACTION' 3  3  ? ? ? ? ? ? ? ? ? 
;chain 'A' and (resid 367 through 372 )
;
'X-RAY DIFFRACTION' 4  4  ? ? ? ? ? ? ? ? ? 
;chain 'A' and (resid 373 through 377 )
;
'X-RAY DIFFRACTION' 5  5  ? ? ? ? ? ? ? ? ? 
;chain 'A' and (resid 378 through 385 )
;
'X-RAY DIFFRACTION' 6  6  ? ? ? ? ? ? ? ? ? 
;chain 'A' and (resid 386 through 393 )
;
'X-RAY DIFFRACTION' 7  7  ? ? ? ? ? ? ? ? ? 
;chain 'A' and (resid 394 through 399 )
;
'X-RAY DIFFRACTION' 8  8  ? ? ? ? ? ? ? ? ? 
;chain 'A' and (resid 400 through 407 )
;
'X-RAY DIFFRACTION' 9  9  ? ? ? ? ? ? ? ? ? 
;chain 'A' and (resid 408 through 416 )
;
'X-RAY DIFFRACTION' 10 10 ? ? ? ? ? ? ? ? ? 
;chain 'A' and (resid 417 through 430 )
;
'X-RAY DIFFRACTION' 11 11 ? ? ? ? ? ? ? ? ? 
;chain 'A' and (resid 431 through 437 )
;
# 
loop_
_software.citation_id 
_software.classification 
_software.compiler_name 
_software.compiler_version 
_software.contact_author 
_software.contact_author_email 
_software.date 
_software.description 
_software.dependencies 
_software.hardware 
_software.language 
_software.location 
_software.mods 
_software.name 
_software.os 
_software.os_version 
_software.type 
_software.version 
_software.pdbx_ordinal 
? refinement       ? ? ? ? ? ? ? ? ? ? ? PHENIX   ? ? ? 1.9_1692 1 
? 'data reduction' ? ? ? ? ? ? ? ? ? ? ? HKL-2000 ? ? ? .        2 
? 'data scaling'   ? ? ? ? ? ? ? ? ? ? ? HKL-2000 ? ? ? .        3 
? phasing          ? ? ? ? ? ? ? ? ? ? ? PHASER   ? ? ? .        4 
# 
_pdbx_validate_close_contact.id               1 
_pdbx_validate_close_contact.PDB_model_num    1 
_pdbx_validate_close_contact.auth_atom_id_1   O 
_pdbx_validate_close_contact.auth_asym_id_1   A 
_pdbx_validate_close_contact.auth_comp_id_1   HOH 
_pdbx_validate_close_contact.auth_seq_id_1    538 
_pdbx_validate_close_contact.PDB_ins_code_1   ? 
_pdbx_validate_close_contact.label_alt_id_1   ? 
_pdbx_validate_close_contact.auth_atom_id_2   O 
_pdbx_validate_close_contact.auth_asym_id_2   A 
_pdbx_validate_close_contact.auth_comp_id_2   HOH 
_pdbx_validate_close_contact.auth_seq_id_2    559 
_pdbx_validate_close_contact.PDB_ins_code_2   ? 
_pdbx_validate_close_contact.label_alt_id_2   ? 
_pdbx_validate_close_contact.dist             2.12 
# 
_pdbx_validate_torsion.id              1 
_pdbx_validate_torsion.PDB_model_num   1 
_pdbx_validate_torsion.auth_comp_id    PRO 
_pdbx_validate_torsion.auth_asym_id    A 
_pdbx_validate_torsion.auth_seq_id     378 
_pdbx_validate_torsion.PDB_ins_code    ? 
_pdbx_validate_torsion.label_alt_id    ? 
_pdbx_validate_torsion.phi             -74.96 
_pdbx_validate_torsion.psi             46.62 
# 
loop_
_pdbx_unobs_or_zero_occ_residues.id 
_pdbx_unobs_or_zero_occ_residues.PDB_model_num 
_pdbx_unobs_or_zero_occ_residues.polymer_flag 
_pdbx_unobs_or_zero_occ_residues.occupancy_flag 
_pdbx_unobs_or_zero_occ_residues.auth_asym_id 
_pdbx_unobs_or_zero_occ_residues.auth_comp_id 
_pdbx_unobs_or_zero_occ_residues.auth_seq_id 
_pdbx_unobs_or_zero_occ_residues.PDB_ins_code 
_pdbx_unobs_or_zero_occ_residues.label_asym_id 
_pdbx_unobs_or_zero_occ_residues.label_comp_id 
_pdbx_unobs_or_zero_occ_residues.label_seq_id 
1 1 Y 1 A GLY 354 ? A GLY 1  
2 1 Y 1 A ASP 438 ? A ASP 85 
# 
loop_
_chem_comp_atom.comp_id 
_chem_comp_atom.atom_id 
_chem_comp_atom.type_symbol 
_chem_comp_atom.pdbx_aromatic_flag 
_chem_comp_atom.pdbx_stereo_config 
_chem_comp_atom.pdbx_ordinal 
ALA N    N N N 1   
ALA CA   C N S 2   
ALA C    C N N 3   
ALA O    O N N 4   
ALA CB   C N N 5   
ALA OXT  O N N 6   
ALA H    H N N 7   
ALA H2   H N N 8   
ALA HA   H N N 9   
ALA HB1  H N N 10  
ALA HB2  H N N 11  
ALA HB3  H N N 12  
ALA HXT  H N N 13  
ARG N    N N N 14  
ARG CA   C N S 15  
ARG C    C N N 16  
ARG O    O N N 17  
ARG CB   C N N 18  
ARG CG   C N N 19  
ARG CD   C N N 20  
ARG NE   N N N 21  
ARG CZ   C N N 22  
ARG NH1  N N N 23  
ARG NH2  N N N 24  
ARG OXT  O N N 25  
ARG H    H N N 26  
ARG H2   H N N 27  
ARG HA   H N N 28  
ARG HB2  H N N 29  
ARG HB3  H N N 30  
ARG HG2  H N N 31  
ARG HG3  H N N 32  
ARG HD2  H N N 33  
ARG HD3  H N N 34  
ARG HE   H N N 35  
ARG HH11 H N N 36  
ARG HH12 H N N 37  
ARG HH21 H N N 38  
ARG HH22 H N N 39  
ARG HXT  H N N 40  
ASN N    N N N 41  
ASN CA   C N S 42  
ASN C    C N N 43  
ASN O    O N N 44  
ASN CB   C N N 45  
ASN CG   C N N 46  
ASN OD1  O N N 47  
ASN ND2  N N N 48  
ASN OXT  O N N 49  
ASN H    H N N 50  
ASN H2   H N N 51  
ASN HA   H N N 52  
ASN HB2  H N N 53  
ASN HB3  H N N 54  
ASN HD21 H N N 55  
ASN HD22 H N N 56  
ASN HXT  H N N 57  
ASP N    N N N 58  
ASP CA   C N S 59  
ASP C    C N N 60  
ASP O    O N N 61  
ASP CB   C N N 62  
ASP CG   C N N 63  
ASP OD1  O N N 64  
ASP OD2  O N N 65  
ASP OXT  O N N 66  
ASP H    H N N 67  
ASP H2   H N N 68  
ASP HA   H N N 69  
ASP HB2  H N N 70  
ASP HB3  H N N 71  
ASP HD2  H N N 72  
ASP HXT  H N N 73  
GLN N    N N N 74  
GLN CA   C N S 75  
GLN C    C N N 76  
GLN O    O N N 77  
GLN CB   C N N 78  
GLN CG   C N N 79  
GLN CD   C N N 80  
GLN OE1  O N N 81  
GLN NE2  N N N 82  
GLN OXT  O N N 83  
GLN H    H N N 84  
GLN H2   H N N 85  
GLN HA   H N N 86  
GLN HB2  H N N 87  
GLN HB3  H N N 88  
GLN HG2  H N N 89  
GLN HG3  H N N 90  
GLN HE21 H N N 91  
GLN HE22 H N N 92  
GLN HXT  H N N 93  
GLU N    N N N 94  
GLU CA   C N S 95  
GLU C    C N N 96  
GLU O    O N N 97  
GLU CB   C N N 98  
GLU CG   C N N 99  
GLU CD   C N N 100 
GLU OE1  O N N 101 
GLU OE2  O N N 102 
GLU OXT  O N N 103 
GLU H    H N N 104 
GLU H2   H N N 105 
GLU HA   H N N 106 
GLU HB2  H N N 107 
GLU HB3  H N N 108 
GLU HG2  H N N 109 
GLU HG3  H N N 110 
GLU HE2  H N N 111 
GLU HXT  H N N 112 
GLY N    N N N 113 
GLY CA   C N N 114 
GLY C    C N N 115 
GLY O    O N N 116 
GLY OXT  O N N 117 
GLY H    H N N 118 
GLY H2   H N N 119 
GLY HA2  H N N 120 
GLY HA3  H N N 121 
GLY HXT  H N N 122 
HIS N    N N N 123 
HIS CA   C N S 124 
HIS C    C N N 125 
HIS O    O N N 126 
HIS CB   C N N 127 
HIS CG   C Y N 128 
HIS ND1  N Y N 129 
HIS CD2  C Y N 130 
HIS CE1  C Y N 131 
HIS NE2  N Y N 132 
HIS OXT  O N N 133 
HIS H    H N N 134 
HIS H2   H N N 135 
HIS HA   H N N 136 
HIS HB2  H N N 137 
HIS HB3  H N N 138 
HIS HD1  H N N 139 
HIS HD2  H N N 140 
HIS HE1  H N N 141 
HIS HE2  H N N 142 
HIS HXT  H N N 143 
HOH O    O N N 144 
HOH H1   H N N 145 
HOH H2   H N N 146 
ILE N    N N N 147 
ILE CA   C N S 148 
ILE C    C N N 149 
ILE O    O N N 150 
ILE CB   C N S 151 
ILE CG1  C N N 152 
ILE CG2  C N N 153 
ILE CD1  C N N 154 
ILE OXT  O N N 155 
ILE H    H N N 156 
ILE H2   H N N 157 
ILE HA   H N N 158 
ILE HB   H N N 159 
ILE HG12 H N N 160 
ILE HG13 H N N 161 
ILE HG21 H N N 162 
ILE HG22 H N N 163 
ILE HG23 H N N 164 
ILE HD11 H N N 165 
ILE HD12 H N N 166 
ILE HD13 H N N 167 
ILE HXT  H N N 168 
LEU N    N N N 169 
LEU CA   C N S 170 
LEU C    C N N 171 
LEU O    O N N 172 
LEU CB   C N N 173 
LEU CG   C N N 174 
LEU CD1  C N N 175 
LEU CD2  C N N 176 
LEU OXT  O N N 177 
LEU H    H N N 178 
LEU H2   H N N 179 
LEU HA   H N N 180 
LEU HB2  H N N 181 
LEU HB3  H N N 182 
LEU HG   H N N 183 
LEU HD11 H N N 184 
LEU HD12 H N N 185 
LEU HD13 H N N 186 
LEU HD21 H N N 187 
LEU HD22 H N N 188 
LEU HD23 H N N 189 
LEU HXT  H N N 190 
LYS N    N N N 191 
LYS CA   C N S 192 
LYS C    C N N 193 
LYS O    O N N 194 
LYS CB   C N N 195 
LYS CG   C N N 196 
LYS CD   C N N 197 
LYS CE   C N N 198 
LYS NZ   N N N 199 
LYS OXT  O N N 200 
LYS H    H N N 201 
LYS H2   H N N 202 
LYS HA   H N N 203 
LYS HB2  H N N 204 
LYS HB3  H N N 205 
LYS HG2  H N N 206 
LYS HG3  H N N 207 
LYS HD2  H N N 208 
LYS HD3  H N N 209 
LYS HE2  H N N 210 
LYS HE3  H N N 211 
LYS HZ1  H N N 212 
LYS HZ2  H N N 213 
LYS HZ3  H N N 214 
LYS HXT  H N N 215 
PHE N    N N N 216 
PHE CA   C N S 217 
PHE C    C N N 218 
PHE O    O N N 219 
PHE CB   C N N 220 
PHE CG   C Y N 221 
PHE CD1  C Y N 222 
PHE CD2  C Y N 223 
PHE CE1  C Y N 224 
PHE CE2  C Y N 225 
PHE CZ   C Y N 226 
PHE OXT  O N N 227 
PHE H    H N N 228 
PHE H2   H N N 229 
PHE HA   H N N 230 
PHE HB2  H N N 231 
PHE HB3  H N N 232 
PHE HD1  H N N 233 
PHE HD2  H N N 234 
PHE HE1  H N N 235 
PHE HE2  H N N 236 
PHE HZ   H N N 237 
PHE HXT  H N N 238 
PRO N    N N N 239 
PRO CA   C N S 240 
PRO C    C N N 241 
PRO O    O N N 242 
PRO CB   C N N 243 
PRO CG   C N N 244 
PRO CD   C N N 245 
PRO OXT  O N N 246 
PRO H    H N N 247 
PRO HA   H N N 248 
PRO HB2  H N N 249 
PRO HB3  H N N 250 
PRO HG2  H N N 251 
PRO HG3  H N N 252 
PRO HD2  H N N 253 
PRO HD3  H N N 254 
PRO HXT  H N N 255 
SER N    N N N 256 
SER CA   C N S 257 
SER C    C N N 258 
SER O    O N N 259 
SER CB   C N N 260 
SER OG   O N N 261 
SER OXT  O N N 262 
SER H    H N N 263 
SER H2   H N N 264 
SER HA   H N N 265 
SER HB2  H N N 266 
SER HB3  H N N 267 
SER HG   H N N 268 
SER HXT  H N N 269 
THR N    N N N 270 
THR CA   C N S 271 
THR C    C N N 272 
THR O    O N N 273 
THR CB   C N R 274 
THR OG1  O N N 275 
THR CG2  C N N 276 
THR OXT  O N N 277 
THR H    H N N 278 
THR H2   H N N 279 
THR HA   H N N 280 
THR HB   H N N 281 
THR HG1  H N N 282 
THR HG21 H N N 283 
THR HG22 H N N 284 
THR HG23 H N N 285 
THR HXT  H N N 286 
TRP N    N N N 287 
TRP CA   C N S 288 
TRP C    C N N 289 
TRP O    O N N 290 
TRP CB   C N N 291 
TRP CG   C Y N 292 
TRP CD1  C Y N 293 
TRP CD2  C Y N 294 
TRP NE1  N Y N 295 
TRP CE2  C Y N 296 
TRP CE3  C Y N 297 
TRP CZ2  C Y N 298 
TRP CZ3  C Y N 299 
TRP CH2  C Y N 300 
TRP OXT  O N N 301 
TRP H    H N N 302 
TRP H2   H N N 303 
TRP HA   H N N 304 
TRP HB2  H N N 305 
TRP HB3  H N N 306 
TRP HD1  H N N 307 
TRP HE1  H N N 308 
TRP HE3  H N N 309 
TRP HZ2  H N N 310 
TRP HZ3  H N N 311 
TRP HH2  H N N 312 
TRP HXT  H N N 313 
TYR N    N N N 314 
TYR CA   C N S 315 
TYR C    C N N 316 
TYR O    O N N 317 
TYR CB   C N N 318 
TYR CG   C Y N 319 
TYR CD1  C Y N 320 
TYR CD2  C Y N 321 
TYR CE1  C Y N 322 
TYR CE2  C Y N 323 
TYR CZ   C Y N 324 
TYR OH   O N N 325 
TYR OXT  O N N 326 
TYR H    H N N 327 
TYR H2   H N N 328 
TYR HA   H N N 329 
TYR HB2  H N N 330 
TYR HB3  H N N 331 
TYR HD1  H N N 332 
TYR HD2  H N N 333 
TYR HE1  H N N 334 
TYR HE2  H N N 335 
TYR HH   H N N 336 
TYR HXT  H N N 337 
VAL N    N N N 338 
VAL CA   C N S 339 
VAL C    C N N 340 
VAL O    O N N 341 
VAL CB   C N N 342 
VAL CG1  C N N 343 
VAL CG2  C N N 344 
VAL OXT  O N N 345 
VAL H    H N N 346 
VAL H2   H N N 347 
VAL HA   H N N 348 
VAL HB   H N N 349 
VAL HG11 H N N 350 
VAL HG12 H N N 351 
VAL HG13 H N N 352 
VAL HG21 H N N 353 
VAL HG22 H N N 354 
VAL HG23 H N N 355 
VAL HXT  H N N 356 
# 
loop_
_chem_comp_bond.comp_id 
_chem_comp_bond.atom_id_1 
_chem_comp_bond.atom_id_2 
_chem_comp_bond.value_order 
_chem_comp_bond.pdbx_aromatic_flag 
_chem_comp_bond.pdbx_stereo_config 
_chem_comp_bond.pdbx_ordinal 
ALA N   CA   sing N N 1   
ALA N   H    sing N N 2   
ALA N   H2   sing N N 3   
ALA CA  C    sing N N 4   
ALA CA  CB   sing N N 5   
ALA CA  HA   sing N N 6   
ALA C   O    doub N N 7   
ALA C   OXT  sing N N 8   
ALA CB  HB1  sing N N 9   
ALA CB  HB2  sing N N 10  
ALA CB  HB3  sing N N 11  
ALA OXT HXT  sing N N 12  
ARG N   CA   sing N N 13  
ARG N   H    sing N N 14  
ARG N   H2   sing N N 15  
ARG CA  C    sing N N 16  
ARG CA  CB   sing N N 17  
ARG CA  HA   sing N N 18  
ARG C   O    doub N N 19  
ARG C   OXT  sing N N 20  
ARG CB  CG   sing N N 21  
ARG CB  HB2  sing N N 22  
ARG CB  HB3  sing N N 23  
ARG CG  CD   sing N N 24  
ARG CG  HG2  sing N N 25  
ARG CG  HG3  sing N N 26  
ARG CD  NE   sing N N 27  
ARG CD  HD2  sing N N 28  
ARG CD  HD3  sing N N 29  
ARG NE  CZ   sing N N 30  
ARG NE  HE   sing N N 31  
ARG CZ  NH1  sing N N 32  
ARG CZ  NH2  doub N N 33  
ARG NH1 HH11 sing N N 34  
ARG NH1 HH12 sing N N 35  
ARG NH2 HH21 sing N N 36  
ARG NH2 HH22 sing N N 37  
ARG OXT HXT  sing N N 38  
ASN N   CA   sing N N 39  
ASN N   H    sing N N 40  
ASN N   H2   sing N N 41  
ASN CA  C    sing N N 42  
ASN CA  CB   sing N N 43  
ASN CA  HA   sing N N 44  
ASN C   O    doub N N 45  
ASN C   OXT  sing N N 46  
ASN CB  CG   sing N N 47  
ASN CB  HB2  sing N N 48  
ASN CB  HB3  sing N N 49  
ASN CG  OD1  doub N N 50  
ASN CG  ND2  sing N N 51  
ASN ND2 HD21 sing N N 52  
ASN ND2 HD22 sing N N 53  
ASN OXT HXT  sing N N 54  
ASP N   CA   sing N N 55  
ASP N   H    sing N N 56  
ASP N   H2   sing N N 57  
ASP CA  C    sing N N 58  
ASP CA  CB   sing N N 59  
ASP CA  HA   sing N N 60  
ASP C   O    doub N N 61  
ASP C   OXT  sing N N 62  
ASP CB  CG   sing N N 63  
ASP CB  HB2  sing N N 64  
ASP CB  HB3  sing N N 65  
ASP CG  OD1  doub N N 66  
ASP CG  OD2  sing N N 67  
ASP OD2 HD2  sing N N 68  
ASP OXT HXT  sing N N 69  
GLN N   CA   sing N N 70  
GLN N   H    sing N N 71  
GLN N   H2   sing N N 72  
GLN CA  C    sing N N 73  
GLN CA  CB   sing N N 74  
GLN CA  HA   sing N N 75  
GLN C   O    doub N N 76  
GLN C   OXT  sing N N 77  
GLN CB  CG   sing N N 78  
GLN CB  HB2  sing N N 79  
GLN CB  HB3  sing N N 80  
GLN CG  CD   sing N N 81  
GLN CG  HG2  sing N N 82  
GLN CG  HG3  sing N N 83  
GLN CD  OE1  doub N N 84  
GLN CD  NE2  sing N N 85  
GLN NE2 HE21 sing N N 86  
GLN NE2 HE22 sing N N 87  
GLN OXT HXT  sing N N 88  
GLU N   CA   sing N N 89  
GLU N   H    sing N N 90  
GLU N   H2   sing N N 91  
GLU CA  C    sing N N 92  
GLU CA  CB   sing N N 93  
GLU CA  HA   sing N N 94  
GLU C   O    doub N N 95  
GLU C   OXT  sing N N 96  
GLU CB  CG   sing N N 97  
GLU CB  HB2  sing N N 98  
GLU CB  HB3  sing N N 99  
GLU CG  CD   sing N N 100 
GLU CG  HG2  sing N N 101 
GLU CG  HG3  sing N N 102 
GLU CD  OE1  doub N N 103 
GLU CD  OE2  sing N N 104 
GLU OE2 HE2  sing N N 105 
GLU OXT HXT  sing N N 106 
GLY N   CA   sing N N 107 
GLY N   H    sing N N 108 
GLY N   H2   sing N N 109 
GLY CA  C    sing N N 110 
GLY CA  HA2  sing N N 111 
GLY CA  HA3  sing N N 112 
GLY C   O    doub N N 113 
GLY C   OXT  sing N N 114 
GLY OXT HXT  sing N N 115 
HIS N   CA   sing N N 116 
HIS N   H    sing N N 117 
HIS N   H2   sing N N 118 
HIS CA  C    sing N N 119 
HIS CA  CB   sing N N 120 
HIS CA  HA   sing N N 121 
HIS C   O    doub N N 122 
HIS C   OXT  sing N N 123 
HIS CB  CG   sing N N 124 
HIS CB  HB2  sing N N 125 
HIS CB  HB3  sing N N 126 
HIS CG  ND1  sing Y N 127 
HIS CG  CD2  doub Y N 128 
HIS ND1 CE1  doub Y N 129 
HIS ND1 HD1  sing N N 130 
HIS CD2 NE2  sing Y N 131 
HIS CD2 HD2  sing N N 132 
HIS CE1 NE2  sing Y N 133 
HIS CE1 HE1  sing N N 134 
HIS NE2 HE2  sing N N 135 
HIS OXT HXT  sing N N 136 
HOH O   H1   sing N N 137 
HOH O   H2   sing N N 138 
ILE N   CA   sing N N 139 
ILE N   H    sing N N 140 
ILE N   H2   sing N N 141 
ILE CA  C    sing N N 142 
ILE CA  CB   sing N N 143 
ILE CA  HA   sing N N 144 
ILE C   O    doub N N 145 
ILE C   OXT  sing N N 146 
ILE CB  CG1  sing N N 147 
ILE CB  CG2  sing N N 148 
ILE CB  HB   sing N N 149 
ILE CG1 CD1  sing N N 150 
ILE CG1 HG12 sing N N 151 
ILE CG1 HG13 sing N N 152 
ILE CG2 HG21 sing N N 153 
ILE CG2 HG22 sing N N 154 
ILE CG2 HG23 sing N N 155 
ILE CD1 HD11 sing N N 156 
ILE CD1 HD12 sing N N 157 
ILE CD1 HD13 sing N N 158 
ILE OXT HXT  sing N N 159 
LEU N   CA   sing N N 160 
LEU N   H    sing N N 161 
LEU N   H2   sing N N 162 
LEU CA  C    sing N N 163 
LEU CA  CB   sing N N 164 
LEU CA  HA   sing N N 165 
LEU C   O    doub N N 166 
LEU C   OXT  sing N N 167 
LEU CB  CG   sing N N 168 
LEU CB  HB2  sing N N 169 
LEU CB  HB3  sing N N 170 
LEU CG  CD1  sing N N 171 
LEU CG  CD2  sing N N 172 
LEU CG  HG   sing N N 173 
LEU CD1 HD11 sing N N 174 
LEU CD1 HD12 sing N N 175 
LEU CD1 HD13 sing N N 176 
LEU CD2 HD21 sing N N 177 
LEU CD2 HD22 sing N N 178 
LEU CD2 HD23 sing N N 179 
LEU OXT HXT  sing N N 180 
LYS N   CA   sing N N 181 
LYS N   H    sing N N 182 
LYS N   H2   sing N N 183 
LYS CA  C    sing N N 184 
LYS CA  CB   sing N N 185 
LYS CA  HA   sing N N 186 
LYS C   O    doub N N 187 
LYS C   OXT  sing N N 188 
LYS CB  CG   sing N N 189 
LYS CB  HB2  sing N N 190 
LYS CB  HB3  sing N N 191 
LYS CG  CD   sing N N 192 
LYS CG  HG2  sing N N 193 
LYS CG  HG3  sing N N 194 
LYS CD  CE   sing N N 195 
LYS CD  HD2  sing N N 196 
LYS CD  HD3  sing N N 197 
LYS CE  NZ   sing N N 198 
LYS CE  HE2  sing N N 199 
LYS CE  HE3  sing N N 200 
LYS NZ  HZ1  sing N N 201 
LYS NZ  HZ2  sing N N 202 
LYS NZ  HZ3  sing N N 203 
LYS OXT HXT  sing N N 204 
PHE N   CA   sing N N 205 
PHE N   H    sing N N 206 
PHE N   H2   sing N N 207 
PHE CA  C    sing N N 208 
PHE CA  CB   sing N N 209 
PHE CA  HA   sing N N 210 
PHE C   O    doub N N 211 
PHE C   OXT  sing N N 212 
PHE CB  CG   sing N N 213 
PHE CB  HB2  sing N N 214 
PHE CB  HB3  sing N N 215 
PHE CG  CD1  doub Y N 216 
PHE CG  CD2  sing Y N 217 
PHE CD1 CE1  sing Y N 218 
PHE CD1 HD1  sing N N 219 
PHE CD2 CE2  doub Y N 220 
PHE CD2 HD2  sing N N 221 
PHE CE1 CZ   doub Y N 222 
PHE CE1 HE1  sing N N 223 
PHE CE2 CZ   sing Y N 224 
PHE CE2 HE2  sing N N 225 
PHE CZ  HZ   sing N N 226 
PHE OXT HXT  sing N N 227 
PRO N   CA   sing N N 228 
PRO N   CD   sing N N 229 
PRO N   H    sing N N 230 
PRO CA  C    sing N N 231 
PRO CA  CB   sing N N 232 
PRO CA  HA   sing N N 233 
PRO C   O    doub N N 234 
PRO C   OXT  sing N N 235 
PRO CB  CG   sing N N 236 
PRO CB  HB2  sing N N 237 
PRO CB  HB3  sing N N 238 
PRO CG  CD   sing N N 239 
PRO CG  HG2  sing N N 240 
PRO CG  HG3  sing N N 241 
PRO CD  HD2  sing N N 242 
PRO CD  HD3  sing N N 243 
PRO OXT HXT  sing N N 244 
SER N   CA   sing N N 245 
SER N   H    sing N N 246 
SER N   H2   sing N N 247 
SER CA  C    sing N N 248 
SER CA  CB   sing N N 249 
SER CA  HA   sing N N 250 
SER C   O    doub N N 251 
SER C   OXT  sing N N 252 
SER CB  OG   sing N N 253 
SER CB  HB2  sing N N 254 
SER CB  HB3  sing N N 255 
SER OG  HG   sing N N 256 
SER OXT HXT  sing N N 257 
THR N   CA   sing N N 258 
THR N   H    sing N N 259 
THR N   H2   sing N N 260 
THR CA  C    sing N N 261 
THR CA  CB   sing N N 262 
THR CA  HA   sing N N 263 
THR C   O    doub N N 264 
THR C   OXT  sing N N 265 
THR CB  OG1  sing N N 266 
THR CB  CG2  sing N N 267 
THR CB  HB   sing N N 268 
THR OG1 HG1  sing N N 269 
THR CG2 HG21 sing N N 270 
THR CG2 HG22 sing N N 271 
THR CG2 HG23 sing N N 272 
THR OXT HXT  sing N N 273 
TRP N   CA   sing N N 274 
TRP N   H    sing N N 275 
TRP N   H2   sing N N 276 
TRP CA  C    sing N N 277 
TRP CA  CB   sing N N 278 
TRP CA  HA   sing N N 279 
TRP C   O    doub N N 280 
TRP C   OXT  sing N N 281 
TRP CB  CG   sing N N 282 
TRP CB  HB2  sing N N 283 
TRP CB  HB3  sing N N 284 
TRP CG  CD1  doub Y N 285 
TRP CG  CD2  sing Y N 286 
TRP CD1 NE1  sing Y N 287 
TRP CD1 HD1  sing N N 288 
TRP CD2 CE2  doub Y N 289 
TRP CD2 CE3  sing Y N 290 
TRP NE1 CE2  sing Y N 291 
TRP NE1 HE1  sing N N 292 
TRP CE2 CZ2  sing Y N 293 
TRP CE3 CZ3  doub Y N 294 
TRP CE3 HE3  sing N N 295 
TRP CZ2 CH2  doub Y N 296 
TRP CZ2 HZ2  sing N N 297 
TRP CZ3 CH2  sing Y N 298 
TRP CZ3 HZ3  sing N N 299 
TRP CH2 HH2  sing N N 300 
TRP OXT HXT  sing N N 301 
TYR N   CA   sing N N 302 
TYR N   H    sing N N 303 
TYR N   H2   sing N N 304 
TYR CA  C    sing N N 305 
TYR CA  CB   sing N N 306 
TYR CA  HA   sing N N 307 
TYR C   O    doub N N 308 
TYR C   OXT  sing N N 309 
TYR CB  CG   sing N N 310 
TYR CB  HB2  sing N N 311 
TYR CB  HB3  sing N N 312 
TYR CG  CD1  doub Y N 313 
TYR CG  CD2  sing Y N 314 
TYR CD1 CE1  sing Y N 315 
TYR CD1 HD1  sing N N 316 
TYR CD2 CE2  doub Y N 317 
TYR CD2 HD2  sing N N 318 
TYR CE1 CZ   doub Y N 319 
TYR CE1 HE1  sing N N 320 
TYR CE2 CZ   sing Y N 321 
TYR CE2 HE2  sing N N 322 
TYR CZ  OH   sing N N 323 
TYR OH  HH   sing N N 324 
TYR OXT HXT  sing N N 325 
VAL N   CA   sing N N 326 
VAL N   H    sing N N 327 
VAL N   H2   sing N N 328 
VAL CA  C    sing N N 329 
VAL CA  CB   sing N N 330 
VAL CA  HA   sing N N 331 
VAL C   O    doub N N 332 
VAL C   OXT  sing N N 333 
VAL CB  CG1  sing N N 334 
VAL CB  CG2  sing N N 335 
VAL CB  HB   sing N N 336 
VAL CG1 HG11 sing N N 337 
VAL CG1 HG12 sing N N 338 
VAL CG1 HG13 sing N N 339 
VAL CG2 HG21 sing N N 340 
VAL CG2 HG22 sing N N 341 
VAL CG2 HG23 sing N N 342 
VAL OXT HXT  sing N N 343 
# 
loop_
_pdbx_audit_support.funding_organization 
_pdbx_audit_support.country 
_pdbx_audit_support.grant_number 
_pdbx_audit_support.ordinal 
MEXT                                                               Japan 22121519 1  
MEXT                                                               Japan 23121527 2  
MEXT                                                               Japan 25121705 3  
MEXT                                                               Japan 23121526 4  
MEXT                                                               Japan 25121731 5  
JSPS                                                               Japan 22370061 6  
JSPS                                                               Japan 22770112 7  
JSPS                                                               Japan 25840017 8  
'Hyogo Science and Technology Association'                         Japan ?        9  
'Sasakawa Scienti c Research Grant from the Japan Science Society' Japan ?        10 
'Sumitomo Foundation'                                              ?     ?        11 
'Leave a Nest Grants Caliper Life Science Award'                   Japan ?        12 
'Uehara Memorial Foundation'                                       Japan ?        13 
'Takeda Medical Science'                                           Japan ?        14 
'Inamori Foundation'                                               Japan ?        15 
JAXA                                                               Japan ?        16 
'Grant-in-Aid from the Global COE program'                         Japan ?        17 
# 
_pdbx_entity_nonpoly.entity_id   2 
_pdbx_entity_nonpoly.name        water 
_pdbx_entity_nonpoly.comp_id     HOH 
# 
_pdbx_initial_refinement_model.id               1 
_pdbx_initial_refinement_model.entity_id_list   ? 
_pdbx_initial_refinement_model.type             'experimental model' 
_pdbx_initial_refinement_model.source_name      PDB 
_pdbx_initial_refinement_model.accession_code   5Y3B 
_pdbx_initial_refinement_model.details          ? 
# 
loop_
_pdbx_struct_assembly_auth_evidence.id 
_pdbx_struct_assembly_auth_evidence.assembly_id 
_pdbx_struct_assembly_auth_evidence.experimental_support 
_pdbx_struct_assembly_auth_evidence.details 
1 1 'gel filtration'   ? 
2 1 'light scattering' ? 
# 
